data_7SMR
#
_entry.id   7SMR
#
_cell.length_a   1.00
_cell.length_b   1.00
_cell.length_c   1.00
_cell.angle_alpha   90.00
_cell.angle_beta   90.00
_cell.angle_gamma   90.00
#
_symmetry.space_group_name_H-M   'P 1'
#
loop_
_entity.id
_entity.type
_entity.pdbx_description
1 polymer 'Acetylcholine receptor subunit alpha'
2 polymer 'Acetylcholine receptor subunit delta'
3 polymer 'Acetylcholine receptor subunit beta'
4 polymer 'Acetylcholine receptor subunit gamma'
5 branched alpha-D-mannopyranose-(1-6)-alpha-D-mannopyranose-(1-6)-beta-D-mannopyranose-(1-4)-2-acetamido-2-deoxy-beta-D-glucopyranose-(1-4)-2-acetamido-2-deoxy-beta-D-glucopyranose
6 branched 2-acetamido-2-deoxy-beta-D-glucopyranose-(1-4)-2-acetamido-2-deoxy-beta-D-glucopyranose
7 branched beta-D-mannopyranose-(1-4)-2-acetamido-2-deoxy-beta-D-glucopyranose-(1-4)-2-acetamido-2-deoxy-beta-D-glucopyranose
8 non-polymer 2-[(AMINOCARBONYL)OXY]-N,N,N-TRIMETHYLETHANAMINIUM
9 non-polymer CHOLESTEROL
10 non-polymer '(2S)-3-(hexadecanoyloxy)-2-[(9Z)-octadec-9-enoyloxy]propyl 2-(trimethylammonio)ethyl phosphate'
11 non-polymer 2-acetamido-2-deoxy-beta-D-glucopyranose
12 non-polymer nonane
13 water water
#
loop_
_entity_poly.entity_id
_entity_poly.type
_entity_poly.pdbx_seq_one_letter_code
_entity_poly.pdbx_strand_id
1 'polypeptide(L)'
;SEHETRLVANLLENYNKVIRPVEHHTHFVDITVGLQLIQLISVDEVNQIVETNVRLRQQWIDVRLRWNPADYGGIKKIRL
PSDDVWLPDLVLYNNADGDFAIVHMTKLLLDYTGKIMWTPPAIFKSYCEIIVTHFPFDQQNCTMKLGIWTYDGTKVSISP
ESDRPDLSTFMESGEWVMKDYRGWKHWVYYTCCPDTPYLDITYHFIMQRIPLYFVVNVIIPCLLFSFLTGLVFYLPTDSG
EKMTLSISVLLSLTVFLLVIVELIPSTSSAVPLIGKYMLFTMIFVISSIIITVVVINTHHRSPSTHTMPQWVRKIFIDTI
PNVMFFSTMKRASKEKQENKIFADDIDISDISGKQVTGEVIFQTPLIKNPDVKSAIEGVKYIAEHMKSDEESSNAAEEWK
YVAMVIDHILLCVFMLICIIGTVSVFAGRLIELSQEG
;
A,D
2 'polypeptide(L)'
;VNEEERLINDLLIVNKYNKHVRPVKHNNEVVNIALSLTLSNLISLKETDETLTSNVWMDHAWYDHRLTWNASEYSDISIL
RLPPELVWIPDIVLQNNNDGQYHVAYFCNVLVRPNGYVTWLPPAIFRSSCPINVLYFPFDWQNCSLKFTALNYDANEITM
DLMTDTIDGKDYPIEWIIIDPEAFTENGEWEIIHKPAKKNIYPDKFPNGTNYQDVTFYLIIRRKPLFYVINFITPCVLIS
FLASLAFYLPAESGEKMSTAISVLLAQAVFLLLTSQRLPETALAVPLIGKYLMFIMSLVTGVIVNCGIVLNFHFRTPSTH
VLSTRVKQIFLEKLPRILHMSRADESEQPDWQNDLKLRRSSSVGYISKAQEYFNIKSRSELMFEKQSERHGLVPRVTPRI
GFGNNNENIAASDQLHDEIKSGIDSTNYIVKQIKEKNAYDEEVGNWNLVGQTIDRLSMFIITPVMVLGTIFIFVMGNFNH
PPAKPFEGDPFDYSSDHPRCA
;
B
3 'polypeptide(L)'
;SVMEDTLLSVLFETYNPKVRPAQTVGDKVTVRVGLTLTNLLILNEKIEEMTTNVFLNLAWTDYRLQWDPAAYEGIKDLRI
PSSDVWQPDIVLMNNNDGSFEITLHVNVLVQHTGAVSWQPSAIYRSSCTIKVMYFPFDWQNCTMVFKSYTYDTSEVTLQH
ALDAKGEREVKEIVINKDAFTENGQWSIEHKPSRKNWRSDDPSYEDVTFYLIIQRKPLFYIVYTIIPCILISILAILVFY
LPPDAGEKMSLSISALLAVTVFLLLLADKVPETSLSVPIIIRYLMFIMILVAFSVILSVVVLNLHHRSPNTHTMPNWIRQ
IFIETLPPFLWIQRPVTTPSPDSKPTIISRANDEYFIRKPAGDFVCPVDNARVAVQPERLFSEMKWHLNGLTQPVTLPQD
LKEAVEAIKYIAEQLESASEFDDLKKDWQYVAMVADRLFLYVFFVICSIGTFSIFLDASHNVPPDNPFA
;
C
4 'polypeptide(L)'
;ENEEGRLIEKLLGDYDKRIIPAKTLDHIIDVTLKLTLTNLISLNEKEEALTTNVWIEIQWNDYRLSWNTSEYEGIDLVRI
PSELLWLPDVVLENNVDGQFEVAYYANVLVYNDGSMYWLPPAIYRSTCPIAVTYFPFDWQNCSLVFRSQTYNAHEVNLQL
SAEEGEAVEWIHIDPEDFTENGEWTIRHRPAKKNYNWQLTKDDTDFQEIIFFLIIQRKPLFYIINIIAPCVLISSLVVLV
YFLPAQAGGQKCTLSISVLLAQTIFLFLIAQKVPETSLNVPLIGKYLIFVMFVSMLIVMNCVIVLNVSLRTPNTHSLSEK
IKHLFLGFLPKYLGMQLEPSEETPEKPQPRRRSSFGIMIKAEEYILKKPRSELMFEEQKDRHGLKRVNKMTSDIDIGTTV
DLYKDLANFAPEIKSCVEACNFIAKSTKEQNDSGSENENWVLIGKVIDKACFWIALLLFSIGTLAIFLTGHFNQVPEFPF
PGDPRKYVP
;
E
#
# COMPACT_ATOMS: atom_id res chain seq x y z
N SER A 1 2.94 -55.10 2.13
CA SER A 1 2.07 -56.30 2.23
C SER A 1 2.04 -57.04 0.90
N GLU A 2 2.32 -58.34 0.93
CA GLU A 2 2.32 -59.12 -0.31
C GLU A 2 0.91 -59.21 -0.88
N HIS A 3 -0.09 -59.46 -0.03
CA HIS A 3 -1.46 -59.57 -0.51
C HIS A 3 -1.92 -58.27 -1.14
N GLU A 4 -1.65 -57.14 -0.49
CA GLU A 4 -2.08 -55.86 -1.02
C GLU A 4 -1.34 -55.53 -2.30
N THR A 5 -0.05 -55.86 -2.38
CA THR A 5 0.70 -55.62 -3.61
C THR A 5 0.09 -56.40 -4.76
N ARG A 6 -0.18 -57.69 -4.54
CA ARG A 6 -0.80 -58.49 -5.58
C ARG A 6 -2.16 -57.96 -5.97
N LEU A 7 -2.95 -57.54 -4.98
CA LEU A 7 -4.28 -57.00 -5.27
C LEU A 7 -4.19 -55.75 -6.12
N VAL A 8 -3.31 -54.83 -5.76
CA VAL A 8 -3.21 -53.57 -6.50
C VAL A 8 -2.69 -53.84 -7.90
N ALA A 9 -1.78 -54.80 -8.05
CA ALA A 9 -1.33 -55.16 -9.39
C ALA A 9 -2.48 -55.74 -10.22
N ASN A 10 -3.33 -56.56 -9.60
CA ASN A 10 -4.43 -57.17 -10.33
C ASN A 10 -5.49 -56.14 -10.72
N LEU A 11 -5.76 -55.18 -9.85
CA LEU A 11 -6.82 -54.22 -10.11
C LEU A 11 -6.50 -53.33 -11.31
N LEU A 12 -5.30 -52.76 -11.34
CA LEU A 12 -4.93 -51.78 -12.34
C LEU A 12 -4.20 -52.39 -13.52
N GLU A 13 -4.27 -53.71 -13.68
CA GLU A 13 -3.56 -54.37 -14.78
C GLU A 13 -4.16 -53.96 -16.12
N ASN A 14 -5.44 -54.28 -16.33
CA ASN A 14 -6.14 -53.92 -17.56
C ASN A 14 -7.03 -52.71 -17.37
N TYR A 15 -6.88 -51.98 -16.28
CA TYR A 15 -7.72 -50.83 -16.00
C TYR A 15 -7.35 -49.67 -16.93
N ASN A 16 -8.37 -49.02 -17.49
CA ASN A 16 -8.19 -47.83 -18.32
C ASN A 16 -8.90 -46.67 -17.64
N LYS A 17 -8.12 -45.73 -17.12
CA LYS A 17 -8.66 -44.63 -16.34
C LYS A 17 -9.25 -43.52 -17.20
N VAL A 18 -9.45 -43.77 -18.49
CA VAL A 18 -10.11 -42.79 -19.35
C VAL A 18 -11.59 -43.11 -19.53
N ILE A 19 -12.00 -44.34 -19.29
CA ILE A 19 -13.38 -44.74 -19.48
C ILE A 19 -14.18 -44.46 -18.22
N ARG A 20 -15.46 -44.13 -18.41
CA ARG A 20 -16.34 -43.95 -17.26
C ARG A 20 -16.53 -45.29 -16.54
N PRO A 21 -16.63 -45.29 -15.22
CA PRO A 21 -16.91 -46.55 -14.51
C PRO A 21 -18.37 -46.96 -14.58
N VAL A 22 -18.77 -47.49 -15.74
CA VAL A 22 -20.13 -47.97 -15.96
C VAL A 22 -20.05 -49.28 -16.71
N GLU A 23 -20.89 -50.25 -16.31
CA GLU A 23 -20.92 -51.52 -17.01
C GLU A 23 -21.42 -51.34 -18.44
N HIS A 24 -22.37 -50.44 -18.65
CA HIS A 24 -22.91 -50.15 -19.97
C HIS A 24 -22.85 -48.64 -20.20
N HIS A 25 -22.49 -48.26 -21.42
CA HIS A 25 -22.25 -46.85 -21.71
C HIS A 25 -23.52 -46.02 -21.63
N THR A 26 -24.69 -46.65 -21.62
CA THR A 26 -25.94 -45.91 -21.49
C THR A 26 -26.31 -45.59 -20.05
N HIS A 27 -25.61 -46.17 -19.07
CA HIS A 27 -25.82 -45.81 -17.68
C HIS A 27 -25.09 -44.52 -17.37
N PHE A 28 -25.18 -44.09 -16.11
CA PHE A 28 -24.48 -42.90 -15.64
C PHE A 28 -23.86 -43.21 -14.29
N VAL A 29 -22.83 -42.42 -13.96
CA VAL A 29 -22.13 -42.55 -12.68
C VAL A 29 -22.77 -41.57 -11.71
N ASP A 30 -23.26 -42.10 -10.58
CA ASP A 30 -23.84 -41.27 -9.54
C ASP A 30 -22.76 -40.93 -8.53
N ILE A 31 -22.42 -39.65 -8.44
CA ILE A 31 -21.35 -39.18 -7.58
C ILE A 31 -21.96 -38.37 -6.45
N THR A 32 -21.74 -38.81 -5.22
CA THR A 32 -22.22 -38.10 -4.05
C THR A 32 -21.19 -37.05 -3.65
N VAL A 33 -21.53 -35.78 -3.80
CA VAL A 33 -20.61 -34.67 -3.59
C VAL A 33 -20.96 -33.97 -2.30
N GLY A 34 -19.98 -33.82 -1.43
CA GLY A 34 -20.16 -33.04 -0.21
C GLY A 34 -19.03 -32.04 -0.06
N LEU A 35 -19.38 -30.87 0.42
CA LEU A 35 -18.39 -29.82 0.70
C LEU A 35 -18.20 -29.73 2.21
N GLN A 36 -16.95 -29.59 2.62
CA GLN A 36 -16.58 -29.50 4.02
C GLN A 36 -15.73 -28.24 4.20
N LEU A 37 -16.31 -27.21 4.79
CA LEU A 37 -15.61 -25.95 4.96
C LEU A 37 -14.67 -26.03 6.16
N ILE A 38 -13.37 -25.91 5.90
CA ILE A 38 -12.38 -25.99 6.97
C ILE A 38 -12.12 -24.61 7.56
N GLN A 39 -12.12 -23.57 6.75
CA GLN A 39 -11.74 -22.26 7.24
C GLN A 39 -12.05 -21.22 6.17
N LEU A 40 -12.51 -20.05 6.61
CA LEU A 40 -12.73 -18.91 5.73
C LEU A 40 -11.48 -18.04 5.79
N ILE A 41 -10.59 -18.22 4.82
CA ILE A 41 -9.27 -17.59 4.91
C ILE A 41 -9.39 -16.08 4.80
N SER A 42 -10.19 -15.58 3.85
CA SER A 42 -10.25 -14.15 3.62
C SER A 42 -11.53 -13.80 2.87
N VAL A 43 -11.91 -12.53 2.99
CA VAL A 43 -13.01 -11.98 2.20
C VAL A 43 -12.57 -10.60 1.71
N ASP A 44 -12.12 -10.53 0.46
CA ASP A 44 -11.62 -9.28 -0.10
C ASP A 44 -12.81 -8.50 -0.66
N GLU A 45 -13.24 -7.48 0.08
CA GLU A 45 -14.40 -6.70 -0.35
C GLU A 45 -14.05 -5.85 -1.56
N VAL A 46 -12.87 -5.26 -1.59
CA VAL A 46 -12.49 -4.38 -2.69
C VAL A 46 -12.45 -5.18 -4.00
N ASN A 47 -11.82 -6.34 -3.98
CA ASN A 47 -11.72 -7.18 -5.16
C ASN A 47 -12.88 -8.17 -5.30
N GLN A 48 -13.74 -8.28 -4.28
CA GLN A 48 -14.94 -9.11 -4.37
C GLN A 48 -14.58 -10.58 -4.58
N ILE A 49 -13.60 -11.05 -3.82
CA ILE A 49 -13.15 -12.44 -3.88
C ILE A 49 -13.19 -13.00 -2.46
N VAL A 50 -13.69 -14.23 -2.34
CA VAL A 50 -13.73 -14.95 -1.07
C VAL A 50 -12.82 -16.16 -1.19
N GLU A 51 -11.86 -16.27 -0.28
CA GLU A 51 -10.89 -17.35 -0.29
C GLU A 51 -11.21 -18.28 0.88
N THR A 52 -11.45 -19.55 0.58
CA THR A 52 -11.86 -20.52 1.59
C THR A 52 -11.02 -21.78 1.49
N ASN A 53 -10.79 -22.40 2.64
CA ASN A 53 -10.11 -23.69 2.72
C ASN A 53 -11.18 -24.75 2.89
N VAL A 54 -11.31 -25.62 1.90
CA VAL A 54 -12.39 -26.60 1.86
C VAL A 54 -11.81 -27.97 1.58
N ARG A 55 -12.60 -28.99 1.89
CA ARG A 55 -12.30 -30.37 1.52
C ARG A 55 -13.48 -30.90 0.72
N LEU A 56 -13.23 -31.29 -0.52
CA LEU A 56 -14.29 -31.66 -1.45
C LEU A 56 -14.46 -33.17 -1.42
N ARG A 57 -15.48 -33.64 -0.74
CA ARG A 57 -15.71 -35.07 -0.59
C ARG A 57 -16.52 -35.60 -1.78
N GLN A 58 -16.01 -36.63 -2.43
CA GLN A 58 -16.65 -37.23 -3.59
C GLN A 58 -16.71 -38.75 -3.40
N GLN A 59 -17.86 -39.33 -3.73
CA GLN A 59 -18.07 -40.76 -3.63
C GLN A 59 -18.71 -41.27 -4.90
N TRP A 60 -18.27 -42.44 -5.36
CA TRP A 60 -18.87 -43.09 -6.50
C TRP A 60 -18.47 -44.56 -6.49
N ILE A 61 -19.05 -45.33 -7.41
CA ILE A 61 -18.83 -46.76 -7.50
C ILE A 61 -18.07 -47.04 -8.79
N ASP A 62 -17.02 -47.85 -8.70
CA ASP A 62 -16.24 -48.29 -9.85
C ASP A 62 -16.24 -49.81 -9.86
N VAL A 63 -17.11 -50.40 -10.67
CA VAL A 63 -17.25 -51.85 -10.69
C VAL A 63 -15.97 -52.53 -11.15
N ARG A 64 -15.13 -51.84 -11.92
CA ARG A 64 -13.88 -52.42 -12.38
C ARG A 64 -12.89 -52.65 -11.26
N LEU A 65 -13.12 -52.10 -10.08
CA LEU A 65 -12.20 -52.21 -8.95
C LEU A 65 -12.81 -53.02 -7.82
N ARG A 66 -13.44 -54.13 -8.16
CA ARG A 66 -13.95 -55.08 -7.18
C ARG A 66 -12.94 -56.18 -6.94
N TRP A 67 -13.10 -56.87 -5.81
CA TRP A 67 -12.31 -58.05 -5.53
C TRP A 67 -12.97 -58.82 -4.40
N ASN A 68 -12.59 -60.09 -4.28
CA ASN A 68 -13.09 -60.94 -3.21
C ASN A 68 -12.09 -60.90 -2.06
N PRO A 69 -12.45 -60.37 -0.89
CA PRO A 69 -11.45 -60.27 0.19
C PRO A 69 -10.85 -61.61 0.57
N ALA A 70 -11.60 -62.70 0.43
CA ALA A 70 -11.06 -64.01 0.76
C ALA A 70 -9.86 -64.38 -0.09
N ASP A 71 -9.75 -63.84 -1.30
CA ASP A 71 -8.65 -64.16 -2.20
C ASP A 71 -7.40 -63.35 -1.91
N TYR A 72 -7.49 -62.31 -1.08
CA TYR A 72 -6.36 -61.42 -0.81
C TYR A 72 -6.18 -61.24 0.69
N GLY A 73 -6.20 -62.34 1.42
CA GLY A 73 -5.95 -62.30 2.85
C GLY A 73 -6.97 -61.49 3.62
N GLY A 74 -8.20 -61.39 3.11
CA GLY A 74 -9.23 -60.67 3.81
C GLY A 74 -9.11 -59.16 3.77
N ILE A 75 -8.44 -58.62 2.76
CA ILE A 75 -8.32 -57.17 2.64
C ILE A 75 -9.65 -56.60 2.17
N LYS A 76 -10.14 -55.58 2.87
CA LYS A 76 -11.42 -54.98 2.55
C LYS A 76 -11.32 -53.53 2.12
N LYS A 77 -10.21 -52.87 2.35
CA LYS A 77 -10.00 -51.50 1.90
C LYS A 77 -8.53 -51.29 1.57
N ILE A 78 -8.28 -50.43 0.59
CA ILE A 78 -6.94 -50.01 0.24
C ILE A 78 -6.96 -48.51 -0.06
N ARG A 79 -5.77 -47.92 -0.05
CA ARG A 79 -5.60 -46.53 -0.45
C ARG A 79 -4.84 -46.51 -1.77
N LEU A 80 -5.38 -45.81 -2.76
CA LEU A 80 -4.80 -45.73 -4.08
C LEU A 80 -4.53 -44.27 -4.44
N PRO A 81 -3.48 -43.99 -5.20
CA PRO A 81 -3.29 -42.63 -5.70
C PRO A 81 -4.45 -42.23 -6.61
N SER A 82 -4.86 -40.97 -6.52
CA SER A 82 -5.98 -40.51 -7.33
C SER A 82 -5.66 -40.65 -8.82
N ASP A 83 -4.40 -40.45 -9.19
CA ASP A 83 -4.03 -40.47 -10.60
C ASP A 83 -4.25 -41.83 -11.25
N ASP A 84 -4.39 -42.89 -10.46
CA ASP A 84 -4.44 -44.24 -11.00
C ASP A 84 -5.82 -44.64 -11.49
N VAL A 85 -6.88 -43.92 -11.13
CA VAL A 85 -8.24 -44.31 -11.47
C VAL A 85 -8.97 -43.13 -12.07
N TRP A 86 -10.09 -43.44 -12.73
CA TRP A 86 -10.96 -42.40 -13.26
C TRP A 86 -11.47 -41.51 -12.14
N LEU A 87 -11.47 -40.20 -12.38
CA LEU A 87 -11.96 -39.26 -11.40
C LEU A 87 -12.94 -38.30 -12.06
N PRO A 88 -13.97 -37.87 -11.33
CA PRO A 88 -14.86 -36.84 -11.88
C PRO A 88 -14.20 -35.48 -11.91
N ASP A 89 -14.50 -34.72 -12.96
CA ASP A 89 -13.89 -33.41 -13.18
C ASP A 89 -14.84 -32.33 -12.67
N LEU A 90 -14.87 -32.17 -11.36
CA LEU A 90 -15.62 -31.09 -10.74
C LEU A 90 -14.89 -29.78 -10.93
N VAL A 91 -15.61 -28.74 -11.35
CA VAL A 91 -15.03 -27.44 -11.65
C VAL A 91 -15.78 -26.37 -10.89
N LEU A 92 -15.03 -25.45 -10.29
CA LEU A 92 -15.62 -24.30 -9.62
C LEU A 92 -15.94 -23.25 -10.68
N TYR A 93 -17.22 -23.10 -10.99
CA TYR A 93 -17.63 -22.23 -12.08
C TYR A 93 -17.20 -20.78 -11.83
N ASN A 94 -17.39 -20.30 -10.61
CA ASN A 94 -17.14 -18.90 -10.28
C ASN A 94 -15.75 -18.66 -9.71
N ASN A 95 -14.76 -19.46 -10.14
CA ASN A 95 -13.38 -19.22 -9.75
C ASN A 95 -12.95 -17.83 -10.21
N ALA A 96 -12.19 -17.14 -9.37
CA ALA A 96 -11.74 -15.80 -9.67
C ALA A 96 -10.23 -15.63 -9.67
N ASP A 97 -9.54 -16.23 -8.71
CA ASP A 97 -8.09 -16.06 -8.60
C ASP A 97 -7.41 -17.37 -8.25
N GLY A 98 -7.97 -18.50 -8.68
CA GLY A 98 -7.43 -19.78 -8.28
C GLY A 98 -7.49 -20.84 -9.37
N ASP A 99 -7.71 -22.08 -8.97
CA ASP A 99 -7.77 -23.21 -9.87
C ASP A 99 -9.21 -23.61 -10.09
N PHE A 100 -9.54 -24.00 -11.33
CA PHE A 100 -10.90 -24.42 -11.62
C PHE A 100 -11.18 -25.81 -11.05
N ALA A 101 -10.22 -26.71 -11.15
CA ALA A 101 -10.38 -28.09 -10.73
C ALA A 101 -9.53 -28.35 -9.48
N ILE A 102 -9.50 -29.60 -9.07
CA ILE A 102 -8.72 -30.02 -7.90
C ILE A 102 -7.30 -30.34 -8.36
N VAL A 103 -6.32 -29.72 -7.71
CA VAL A 103 -4.92 -29.92 -8.06
C VAL A 103 -4.17 -30.75 -7.02
N HIS A 104 -4.70 -30.89 -5.81
CA HIS A 104 -4.07 -31.71 -4.78
C HIS A 104 -4.50 -33.16 -5.02
N MET A 105 -3.69 -33.90 -5.76
CA MET A 105 -3.99 -35.30 -6.07
C MET A 105 -3.58 -36.16 -4.89
N THR A 106 -4.43 -36.17 -3.88
CA THR A 106 -4.22 -37.04 -2.72
C THR A 106 -4.69 -38.45 -3.03
N LYS A 107 -4.39 -39.37 -2.11
CA LYS A 107 -4.84 -40.74 -2.26
C LYS A 107 -6.31 -40.86 -1.91
N LEU A 108 -6.98 -41.82 -2.54
CA LEU A 108 -8.38 -42.10 -2.31
C LEU A 108 -8.54 -43.47 -1.68
N LEU A 109 -9.66 -43.66 -0.99
CA LEU A 109 -9.97 -44.90 -0.31
C LEU A 109 -10.88 -45.73 -1.20
N LEU A 110 -10.49 -46.99 -1.41
CA LEU A 110 -11.22 -47.90 -2.29
C LEU A 110 -11.70 -49.10 -1.49
N ASP A 111 -13.00 -49.37 -1.58
CA ASP A 111 -13.62 -50.49 -0.89
C ASP A 111 -13.64 -51.73 -1.77
N TYR A 112 -13.80 -52.89 -1.14
CA TYR A 112 -13.78 -54.14 -1.89
C TYR A 112 -15.01 -54.33 -2.77
N THR A 113 -16.05 -53.54 -2.58
CA THR A 113 -17.22 -53.60 -3.44
C THR A 113 -17.14 -52.61 -4.60
N GLY A 114 -16.06 -51.85 -4.71
CA GLY A 114 -15.90 -50.87 -5.75
C GLY A 114 -16.15 -49.44 -5.31
N LYS A 115 -16.75 -49.24 -4.13
CA LYS A 115 -17.04 -47.90 -3.67
C LYS A 115 -15.76 -47.12 -3.43
N ILE A 116 -15.77 -45.85 -3.81
CA ILE A 116 -14.60 -44.98 -3.73
C ILE A 116 -14.95 -43.76 -2.89
N MET A 117 -14.01 -43.37 -2.04
CA MET A 117 -14.11 -42.15 -1.24
C MET A 117 -12.87 -41.31 -1.49
N TRP A 118 -13.08 -40.06 -1.91
CA TRP A 118 -11.96 -39.17 -2.24
C TRP A 118 -12.28 -37.79 -1.69
N THR A 119 -11.39 -37.27 -0.85
CA THR A 119 -11.61 -36.01 -0.15
C THR A 119 -10.38 -35.12 -0.29
N PRO A 120 -10.07 -34.68 -1.50
CA PRO A 120 -8.93 -33.80 -1.68
C PRO A 120 -9.19 -32.43 -1.07
N PRO A 121 -8.17 -31.77 -0.56
CA PRO A 121 -8.34 -30.39 -0.11
C PRO A 121 -8.22 -29.41 -1.27
N ALA A 122 -8.65 -28.18 -1.02
CA ALA A 122 -8.56 -27.14 -2.03
C ALA A 122 -8.69 -25.78 -1.36
N ILE A 123 -8.13 -24.77 -2.03
CA ILE A 123 -8.28 -23.38 -1.64
C ILE A 123 -9.09 -22.72 -2.74
N PHE A 124 -10.37 -22.50 -2.49
CA PHE A 124 -11.27 -21.92 -3.48
C PHE A 124 -11.22 -20.40 -3.34
N LYS A 125 -10.81 -19.73 -4.41
CA LYS A 125 -10.88 -18.28 -4.51
C LYS A 125 -12.01 -17.97 -5.48
N SER A 126 -13.21 -17.92 -4.95
CA SER A 126 -14.41 -17.76 -5.76
C SER A 126 -14.87 -16.31 -5.77
N TYR A 127 -15.60 -15.95 -6.82
CA TYR A 127 -16.12 -14.60 -6.94
C TYR A 127 -17.28 -14.40 -5.97
N CYS A 128 -17.29 -13.24 -5.31
CA CYS A 128 -18.27 -12.93 -4.28
C CYS A 128 -18.84 -11.55 -4.54
N GLU A 129 -20.11 -11.50 -4.87
CA GLU A 129 -20.78 -10.21 -5.06
C GLU A 129 -21.04 -9.58 -3.69
N ILE A 130 -20.39 -8.47 -3.42
CA ILE A 130 -20.45 -7.83 -2.11
C ILE A 130 -21.56 -6.81 -2.11
N ILE A 131 -22.44 -6.88 -1.12
CA ILE A 131 -23.47 -5.87 -0.89
C ILE A 131 -22.96 -4.93 0.18
N VAL A 132 -22.79 -3.66 -0.18
CA VAL A 132 -22.16 -2.68 0.69
C VAL A 132 -23.20 -1.79 1.37
N THR A 133 -24.48 -2.13 1.27
CA THR A 133 -25.52 -1.24 1.77
C THR A 133 -25.39 -1.02 3.28
N HIS A 134 -25.20 -2.09 4.04
CA HIS A 134 -25.20 -2.00 5.49
C HIS A 134 -23.81 -2.14 6.09
N PHE A 135 -22.77 -1.86 5.31
CA PHE A 135 -21.41 -1.89 5.83
C PHE A 135 -21.27 -0.87 6.95
N PRO A 136 -20.58 -1.20 8.05
CA PRO A 136 -19.91 -2.47 8.34
C PRO A 136 -20.75 -3.46 9.12
N PHE A 137 -22.08 -3.28 9.13
CA PHE A 137 -22.99 -4.20 9.79
C PHE A 137 -23.64 -5.16 8.80
N ASP A 138 -22.99 -5.39 7.68
CA ASP A 138 -23.56 -6.14 6.57
C ASP A 138 -23.36 -7.63 6.74
N GLN A 139 -24.23 -8.40 6.10
CA GLN A 139 -24.05 -9.83 5.94
C GLN A 139 -23.88 -10.13 4.45
N GLN A 140 -23.02 -11.09 4.14
CA GLN A 140 -22.67 -11.41 2.77
C GLN A 140 -23.18 -12.79 2.40
N ASN A 141 -23.66 -12.92 1.16
CA ASN A 141 -24.12 -14.18 0.60
C ASN A 141 -23.30 -14.39 -0.67
N CYS A 142 -22.33 -15.28 -0.62
CA CYS A 142 -21.67 -15.69 -1.85
C CYS A 142 -21.28 -17.16 -1.76
N THR A 143 -21.17 -17.76 -2.94
CA THR A 143 -21.40 -19.19 -3.13
C THR A 143 -20.18 -19.84 -3.78
N MET A 144 -20.25 -21.21 -3.89
CA MET A 144 -19.31 -22.00 -4.69
C MET A 144 -20.13 -22.87 -5.61
N LYS A 145 -20.07 -22.58 -6.91
CA LYS A 145 -20.82 -23.33 -7.91
C LYS A 145 -19.93 -24.44 -8.44
N LEU A 146 -20.22 -25.66 -8.03
CA LEU A 146 -19.45 -26.84 -8.40
C LEU A 146 -20.28 -27.70 -9.35
N GLY A 147 -19.66 -28.11 -10.46
CA GLY A 147 -20.35 -28.96 -11.41
C GLY A 147 -19.37 -29.72 -12.27
N ILE A 148 -19.83 -30.84 -12.79
CA ILE A 148 -19.05 -31.62 -13.74
C ILE A 148 -18.95 -30.86 -15.04
N TRP A 149 -17.73 -30.72 -15.57
CA TRP A 149 -17.51 -29.81 -16.68
C TRP A 149 -17.87 -30.43 -18.02
N THR A 150 -17.36 -31.63 -18.31
CA THR A 150 -17.46 -32.19 -19.65
C THR A 150 -18.55 -33.25 -19.79
N TYR A 151 -19.04 -33.82 -18.70
CA TYR A 151 -20.04 -34.88 -18.73
C TYR A 151 -21.40 -34.30 -18.38
N ASP A 152 -22.39 -34.54 -19.24
CA ASP A 152 -23.72 -34.02 -19.01
C ASP A 152 -24.47 -34.91 -18.03
N GLY A 153 -25.74 -34.59 -17.81
CA GLY A 153 -26.52 -35.30 -16.80
C GLY A 153 -26.68 -36.77 -17.09
N THR A 154 -26.79 -37.14 -18.37
CA THR A 154 -27.04 -38.52 -18.73
C THR A 154 -25.81 -39.40 -18.65
N LYS A 155 -24.62 -38.82 -18.51
CA LYS A 155 -23.38 -39.57 -18.39
C LYS A 155 -22.84 -39.58 -16.97
N VAL A 156 -22.83 -38.43 -16.30
CA VAL A 156 -22.35 -38.33 -14.93
C VAL A 156 -23.36 -37.51 -14.14
N SER A 157 -23.84 -38.07 -13.04
CA SER A 157 -24.83 -37.43 -12.19
C SER A 157 -24.21 -37.17 -10.83
N ILE A 158 -24.34 -35.94 -10.33
CA ILE A 158 -23.84 -35.56 -9.02
C ILE A 158 -25.02 -35.20 -8.13
N SER A 159 -24.97 -35.65 -6.88
CA SER A 159 -26.00 -35.35 -5.92
C SER A 159 -25.37 -34.80 -4.65
N PRO A 160 -26.00 -33.86 -3.97
CA PRO A 160 -25.44 -33.37 -2.71
C PRO A 160 -25.46 -34.45 -1.64
N GLU A 161 -24.34 -34.60 -0.95
CA GLU A 161 -24.27 -35.58 0.13
C GLU A 161 -25.23 -35.22 1.25
N SER A 162 -25.28 -33.94 1.61
CA SER A 162 -26.17 -33.47 2.66
C SER A 162 -26.82 -32.18 2.18
N ASP A 163 -27.92 -31.82 2.84
CA ASP A 163 -28.61 -30.58 2.49
C ASP A 163 -27.73 -29.36 2.73
N ARG A 164 -26.71 -29.48 3.57
CA ARG A 164 -25.86 -28.36 3.94
C ARG A 164 -24.39 -28.77 3.84
N PRO A 165 -23.50 -27.80 3.68
CA PRO A 165 -22.07 -28.11 3.81
C PRO A 165 -21.74 -28.57 5.22
N ASP A 166 -20.63 -29.28 5.34
CA ASP A 166 -20.15 -29.74 6.63
C ASP A 166 -19.26 -28.67 7.24
N LEU A 167 -19.66 -28.13 8.38
CA LEU A 167 -18.88 -27.15 9.12
C LEU A 167 -18.53 -27.68 10.52
N SER A 168 -18.46 -29.00 10.67
CA SER A 168 -18.13 -29.57 11.97
C SER A 168 -16.74 -29.16 12.42
N THR A 169 -15.76 -29.19 11.50
CA THR A 169 -14.38 -28.86 11.80
C THR A 169 -14.02 -27.45 11.35
N PHE A 170 -15.01 -26.56 11.27
CA PHE A 170 -14.78 -25.21 10.80
C PHE A 170 -14.02 -24.40 11.84
N MET A 171 -13.00 -23.69 11.40
CA MET A 171 -12.26 -22.78 12.27
C MET A 171 -12.99 -21.46 12.37
N GLU A 172 -13.22 -20.99 13.59
CA GLU A 172 -13.92 -19.73 13.79
C GLU A 172 -13.13 -18.59 13.16
N SER A 173 -13.86 -17.65 12.54
CA SER A 173 -13.21 -16.65 11.71
C SER A 173 -12.58 -15.54 12.54
N GLY A 174 -13.36 -14.94 13.44
CA GLY A 174 -12.94 -13.73 14.12
C GLY A 174 -13.28 -12.46 13.38
N GLU A 175 -13.64 -12.56 12.10
CA GLU A 175 -14.20 -11.44 11.34
C GLU A 175 -15.63 -11.69 10.90
N TRP A 176 -16.03 -12.94 10.72
CA TRP A 176 -17.34 -13.29 10.19
C TRP A 176 -17.97 -14.40 11.01
N VAL A 177 -19.29 -14.48 10.95
CA VAL A 177 -20.06 -15.52 11.62
C VAL A 177 -20.98 -16.16 10.60
N MET A 178 -20.93 -17.48 10.50
CA MET A 178 -21.77 -18.21 9.54
C MET A 178 -23.19 -18.28 10.09
N LYS A 179 -24.07 -17.44 9.56
CA LYS A 179 -25.46 -17.48 10.00
C LYS A 179 -26.19 -18.68 9.41
N ASP A 180 -25.99 -18.95 8.13
CA ASP A 180 -26.70 -20.03 7.46
C ASP A 180 -25.86 -20.53 6.30
N TYR A 181 -26.11 -21.78 5.90
CA TYR A 181 -25.39 -22.37 4.78
C TYR A 181 -26.21 -23.54 4.24
N ARG A 182 -26.25 -23.65 2.92
CA ARG A 182 -27.04 -24.70 2.28
C ARG A 182 -26.47 -24.96 0.89
N GLY A 183 -26.84 -26.11 0.33
CA GLY A 183 -26.41 -26.47 -1.01
C GLY A 183 -27.56 -26.94 -1.88
N TRP A 184 -27.70 -26.34 -3.06
CA TRP A 184 -28.80 -26.63 -3.96
C TRP A 184 -28.27 -27.21 -5.26
N LYS A 185 -28.91 -28.25 -5.70
CA LYS A 185 -28.58 -28.89 -6.96
C LYS A 185 -29.41 -28.28 -8.08
N HIS A 186 -28.79 -28.10 -9.24
CA HIS A 186 -29.46 -27.47 -10.37
C HIS A 186 -29.22 -28.24 -11.65
N TRP A 187 -30.21 -28.24 -12.53
CA TRP A 187 -30.08 -28.70 -13.90
C TRP A 187 -30.09 -27.47 -14.80
N VAL A 188 -28.97 -27.22 -15.48
CA VAL A 188 -28.78 -25.99 -16.22
C VAL A 188 -28.60 -26.33 -17.69
N TYR A 189 -29.23 -25.55 -18.57
CA TYR A 189 -29.10 -25.70 -20.00
C TYR A 189 -28.27 -24.54 -20.53
N TYR A 190 -27.12 -24.85 -21.11
CA TYR A 190 -26.20 -23.85 -21.61
C TYR A 190 -26.32 -23.72 -23.13
N THR A 191 -26.06 -22.51 -23.63
CA THR A 191 -26.16 -22.26 -25.05
C THR A 191 -25.12 -23.04 -25.86
N CYS A 192 -24.00 -23.41 -25.24
CA CYS A 192 -23.04 -24.29 -25.89
C CYS A 192 -23.72 -25.60 -26.30
N CYS A 193 -24.47 -26.17 -25.38
CA CYS A 193 -24.80 -27.59 -25.41
C CYS A 193 -26.28 -27.73 -25.07
N PRO A 194 -27.16 -27.28 -25.98
CA PRO A 194 -28.57 -27.10 -25.61
C PRO A 194 -29.37 -28.39 -25.51
N ASP A 195 -28.87 -29.49 -26.03
CA ASP A 195 -29.64 -30.73 -26.04
C ASP A 195 -29.75 -31.36 -24.66
N THR A 196 -28.71 -31.25 -23.84
CA THR A 196 -28.66 -31.97 -22.58
C THR A 196 -28.36 -31.02 -21.43
N PRO A 197 -28.85 -31.33 -20.24
CA PRO A 197 -28.58 -30.48 -19.08
C PRO A 197 -27.31 -30.89 -18.36
N TYR A 198 -26.67 -29.89 -17.77
CA TYR A 198 -25.46 -30.09 -16.98
C TYR A 198 -25.79 -29.86 -15.51
N LEU A 199 -25.40 -30.80 -14.67
CA LEU A 199 -25.71 -30.76 -13.25
C LEU A 199 -24.63 -29.98 -12.50
N ASP A 200 -25.07 -29.26 -11.47
CA ASP A 200 -24.13 -28.56 -10.61
C ASP A 200 -24.74 -28.41 -9.23
N ILE A 201 -23.88 -28.13 -8.26
CA ILE A 201 -24.30 -27.90 -6.88
C ILE A 201 -23.73 -26.56 -6.43
N THR A 202 -24.60 -25.67 -6.04
CA THR A 202 -24.20 -24.35 -5.56
C THR A 202 -24.31 -24.32 -4.05
N TYR A 203 -23.17 -24.18 -3.37
CA TYR A 203 -23.13 -24.05 -1.93
C TYR A 203 -23.00 -22.58 -1.59
N HIS A 204 -23.91 -22.07 -0.77
CA HIS A 204 -23.88 -20.68 -0.35
C HIS A 204 -23.76 -20.60 1.17
N PHE A 205 -23.03 -19.60 1.63
CA PHE A 205 -22.81 -19.37 3.06
C PHE A 205 -23.21 -17.94 3.39
N ILE A 206 -24.23 -17.80 4.23
CA ILE A 206 -24.65 -16.48 4.69
C ILE A 206 -23.78 -16.13 5.90
N MET A 207 -22.86 -15.20 5.71
CA MET A 207 -21.89 -14.84 6.75
C MET A 207 -22.11 -13.39 7.16
N GLN A 208 -22.31 -13.18 8.45
CA GLN A 208 -22.55 -11.86 9.02
C GLN A 208 -21.23 -11.32 9.58
N ARG A 209 -20.91 -10.09 9.23
CA ARG A 209 -19.67 -9.48 9.70
C ARG A 209 -19.77 -9.11 11.17
N ILE A 210 -18.66 -9.25 11.88
CA ILE A 210 -18.59 -8.83 13.27
C ILE A 210 -18.16 -7.36 13.29
N PRO A 211 -19.06 -6.42 13.58
CA PRO A 211 -18.74 -5.00 13.44
C PRO A 211 -18.16 -4.39 14.71
N LEU A 212 -16.91 -4.71 15.01
CA LEU A 212 -16.19 -4.08 16.11
C LEU A 212 -14.89 -3.43 15.66
N TYR A 213 -14.17 -4.04 14.72
CA TYR A 213 -12.97 -3.41 14.20
C TYR A 213 -13.30 -2.07 13.56
N PHE A 214 -14.33 -2.05 12.71
CA PHE A 214 -14.68 -0.83 12.01
C PHE A 214 -15.44 0.15 12.89
N VAL A 215 -16.17 -0.33 13.89
CA VAL A 215 -16.78 0.57 14.86
C VAL A 215 -15.70 1.34 15.61
N VAL A 216 -14.67 0.63 16.06
CA VAL A 216 -13.61 1.28 16.82
C VAL A 216 -12.76 2.16 15.93
N ASN A 217 -12.47 1.71 14.71
CA ASN A 217 -11.47 2.38 13.88
C ASN A 217 -12.06 3.41 12.93
N VAL A 218 -13.36 3.38 12.66
CA VAL A 218 -13.95 4.30 11.70
C VAL A 218 -15.12 5.05 12.32
N ILE A 219 -16.09 4.32 12.86
CA ILE A 219 -17.34 4.96 13.25
C ILE A 219 -17.15 5.85 14.46
N ILE A 220 -16.43 5.38 15.47
CA ILE A 220 -16.30 6.16 16.71
C ILE A 220 -15.59 7.49 16.47
N PRO A 221 -14.43 7.55 15.81
CA PRO A 221 -13.83 8.86 15.53
C PRO A 221 -14.73 9.76 14.68
N CYS A 222 -15.45 9.19 13.72
CA CYS A 222 -16.36 9.98 12.91
C CYS A 222 -17.46 10.59 13.77
N LEU A 223 -18.03 9.80 14.69
CA LEU A 223 -19.04 10.33 15.59
C LEU A 223 -18.46 11.44 16.46
N LEU A 224 -17.24 11.25 16.96
CA LEU A 224 -16.62 12.29 17.77
C LEU A 224 -16.49 13.59 16.99
N PHE A 225 -15.95 13.52 15.78
CA PHE A 225 -15.71 14.74 15.01
C PHE A 225 -17.03 15.38 14.59
N SER A 226 -18.02 14.57 14.23
CA SER A 226 -19.33 15.12 13.88
C SER A 226 -19.97 15.81 15.08
N PHE A 227 -19.86 15.20 16.25
CA PHE A 227 -20.42 15.83 17.45
C PHE A 227 -19.73 17.14 17.75
N LEU A 228 -18.43 17.24 17.45
CA LEU A 228 -17.76 18.53 17.62
C LEU A 228 -18.31 19.61 16.69
N THR A 229 -19.11 19.25 15.69
CA THR A 229 -19.63 20.25 14.76
C THR A 229 -20.47 21.29 15.49
N GLY A 230 -21.34 20.85 16.40
CA GLY A 230 -22.22 21.79 17.07
C GLY A 230 -21.53 22.73 18.01
N LEU A 231 -20.33 22.39 18.47
CA LEU A 231 -19.61 23.27 19.37
C LEU A 231 -19.30 24.61 18.73
N VAL A 232 -19.27 24.67 17.39
CA VAL A 232 -18.97 25.93 16.72
C VAL A 232 -20.02 26.97 17.07
N PHE A 233 -21.29 26.56 17.17
CA PHE A 233 -22.34 27.52 17.44
C PHE A 233 -22.24 28.10 18.85
N TYR A 234 -21.76 27.31 19.81
CA TYR A 234 -21.57 27.82 21.16
C TYR A 234 -20.27 28.58 21.32
N LEU A 235 -19.37 28.53 20.35
CA LEU A 235 -18.12 29.27 20.43
C LEU A 235 -18.39 30.73 20.04
N PRO A 236 -18.09 31.70 20.90
CA PRO A 236 -18.39 33.09 20.56
C PRO A 236 -17.54 33.58 19.40
N THR A 237 -18.08 34.54 18.66
CA THR A 237 -17.36 35.09 17.52
C THR A 237 -16.09 35.82 17.95
N ASP A 238 -16.10 36.41 19.16
CA ASP A 238 -14.93 37.13 19.64
C ASP A 238 -13.72 36.23 19.82
N SER A 239 -13.94 34.93 19.98
CA SER A 239 -12.82 34.01 20.18
C SER A 239 -11.91 33.94 18.96
N GLY A 240 -12.42 34.27 17.78
CA GLY A 240 -11.62 34.16 16.58
C GLY A 240 -11.15 32.75 16.30
N GLU A 241 -12.00 31.76 16.61
CA GLU A 241 -11.64 30.38 16.36
C GLU A 241 -12.82 29.54 15.86
N LYS A 242 -13.94 30.15 15.47
CA LYS A 242 -15.04 29.38 14.93
C LYS A 242 -14.64 28.68 13.64
N MET A 243 -14.00 29.42 12.73
CA MET A 243 -13.63 28.83 11.46
C MET A 243 -12.55 27.77 11.61
N THR A 244 -11.59 27.99 12.52
CA THR A 244 -10.59 26.96 12.78
C THR A 244 -11.26 25.65 13.17
N LEU A 245 -12.15 25.69 14.15
CA LEU A 245 -12.78 24.46 14.64
C LEU A 245 -13.64 23.82 13.55
N SER A 246 -14.47 24.61 12.88
CA SER A 246 -15.35 24.04 11.87
C SER A 246 -14.58 23.44 10.71
N ILE A 247 -13.54 24.15 10.26
CA ILE A 247 -12.72 23.66 9.15
C ILE A 247 -12.00 22.38 9.56
N SER A 248 -11.47 22.34 10.78
CA SER A 248 -10.81 21.11 11.24
C SER A 248 -11.78 19.95 11.27
N VAL A 249 -13.00 20.18 11.75
CA VAL A 249 -13.99 19.11 11.78
C VAL A 249 -14.30 18.63 10.37
N LEU A 250 -14.48 19.56 9.44
CA LEU A 250 -14.79 19.18 8.06
C LEU A 250 -13.65 18.39 7.42
N LEU A 251 -12.41 18.83 7.65
CA LEU A 251 -11.27 18.13 7.07
C LEU A 251 -11.14 16.73 7.64
N SER A 252 -11.34 16.57 8.95
CA SER A 252 -11.28 15.24 9.53
C SER A 252 -12.39 14.35 8.97
N LEU A 253 -13.59 14.90 8.81
CA LEU A 253 -14.69 14.10 8.27
C LEU A 253 -14.41 13.66 6.85
N THR A 254 -13.86 14.56 6.02
CA THR A 254 -13.56 14.15 4.65
C THR A 254 -12.41 13.15 4.62
N VAL A 255 -11.44 13.27 5.52
CA VAL A 255 -10.38 12.28 5.60
C VAL A 255 -10.97 10.90 5.91
N PHE A 256 -11.89 10.84 6.87
CA PHE A 256 -12.48 9.54 7.21
C PHE A 256 -13.37 9.01 6.10
N LEU A 257 -14.07 9.89 5.38
CA LEU A 257 -14.85 9.42 4.24
C LEU A 257 -13.93 8.83 3.17
N LEU A 258 -12.80 9.49 2.90
CA LEU A 258 -11.86 8.96 1.92
C LEU A 258 -11.24 7.65 2.40
N VAL A 259 -11.09 7.49 3.72
CA VAL A 259 -10.64 6.20 4.25
C VAL A 259 -11.70 5.13 3.99
N ILE A 260 -12.97 5.45 4.26
CA ILE A 260 -14.03 4.48 4.04
C ILE A 260 -14.09 4.08 2.58
N VAL A 261 -13.85 5.03 1.68
CA VAL A 261 -13.87 4.73 0.25
C VAL A 261 -12.89 3.63 -0.12
N GLU A 262 -11.87 3.40 0.70
CA GLU A 262 -10.89 2.38 0.40
C GLU A 262 -11.28 1.00 0.93
N LEU A 263 -12.28 0.91 1.79
CA LEU A 263 -12.67 -0.37 2.40
C LEU A 263 -13.75 -1.10 1.63
N ILE A 264 -14.31 -0.51 0.58
CA ILE A 264 -15.45 -1.10 -0.11
C ILE A 264 -15.14 -1.14 -1.60
N PRO A 265 -15.78 -2.05 -2.34
CA PRO A 265 -15.59 -2.08 -3.78
C PRO A 265 -16.15 -0.84 -4.46
N SER A 266 -15.58 -0.50 -5.60
CA SER A 266 -15.99 0.67 -6.37
C SER A 266 -17.23 0.44 -7.20
N THR A 267 -18.00 -0.61 -6.91
CA THR A 267 -19.21 -0.88 -7.65
C THR A 267 -20.27 0.16 -7.36
N SER A 268 -21.14 0.39 -8.35
CA SER A 268 -22.22 1.37 -8.25
C SER A 268 -23.58 0.73 -8.04
N SER A 269 -23.62 -0.57 -7.74
CA SER A 269 -24.91 -1.24 -7.55
C SER A 269 -25.66 -0.65 -6.37
N ALA A 270 -24.95 -0.37 -5.27
CA ALA A 270 -25.58 0.16 -4.07
C ALA A 270 -24.66 1.20 -3.44
N VAL A 271 -25.27 2.19 -2.80
CA VAL A 271 -24.55 3.23 -2.07
C VAL A 271 -24.52 2.83 -0.60
N PRO A 272 -23.34 2.67 0.01
CA PRO A 272 -23.31 2.27 1.42
C PRO A 272 -24.04 3.27 2.29
N LEU A 273 -24.76 2.75 3.28
CA LEU A 273 -25.43 3.66 4.22
C LEU A 273 -24.42 4.47 5.00
N ILE A 274 -23.26 3.89 5.33
CA ILE A 274 -22.24 4.65 6.03
C ILE A 274 -21.72 5.78 5.15
N GLY A 275 -21.48 5.50 3.87
CA GLY A 275 -21.00 6.55 2.98
C GLY A 275 -22.05 7.63 2.77
N LYS A 276 -23.32 7.24 2.61
CA LYS A 276 -24.38 8.22 2.46
C LYS A 276 -24.50 9.09 3.71
N TYR A 277 -24.42 8.48 4.89
CA TYR A 277 -24.51 9.23 6.13
C TYR A 277 -23.33 10.18 6.29
N MET A 278 -22.13 9.73 5.91
CA MET A 278 -20.97 10.61 6.00
C MET A 278 -21.10 11.77 5.02
N LEU A 279 -21.63 11.51 3.82
CA LEU A 279 -21.84 12.58 2.87
C LEU A 279 -22.85 13.59 3.39
N PHE A 280 -23.94 13.10 4.00
CA PHE A 280 -24.92 14.00 4.60
C PHE A 280 -24.32 14.78 5.76
N THR A 281 -23.45 14.14 6.55
CA THR A 281 -22.78 14.84 7.63
C THR A 281 -21.88 15.95 7.09
N MET A 282 -21.17 15.68 6.00
CA MET A 282 -20.35 16.73 5.40
C MET A 282 -21.22 17.85 4.84
N ILE A 283 -22.36 17.52 4.24
CA ILE A 283 -23.26 18.55 3.77
C ILE A 283 -23.74 19.42 4.93
N PHE A 284 -24.10 18.77 6.03
CA PHE A 284 -24.53 19.51 7.22
C PHE A 284 -23.40 20.39 7.76
N VAL A 285 -22.17 19.87 7.78
CA VAL A 285 -21.05 20.63 8.31
C VAL A 285 -20.74 21.83 7.42
N ILE A 286 -20.88 21.66 6.10
CA ILE A 286 -20.63 22.76 5.20
C ILE A 286 -21.73 23.81 5.30
N SER A 287 -22.98 23.37 5.50
CA SER A 287 -24.03 24.34 5.77
C SER A 287 -23.78 25.08 7.07
N SER A 288 -23.28 24.38 8.08
CA SER A 288 -22.93 25.02 9.34
C SER A 288 -21.80 26.02 9.14
N ILE A 289 -20.86 25.71 8.27
CA ILE A 289 -19.77 26.64 7.98
C ILE A 289 -20.31 27.87 7.26
N ILE A 290 -21.24 27.68 6.34
CA ILE A 290 -21.87 28.81 5.67
C ILE A 290 -22.54 29.71 6.69
N ILE A 291 -23.34 29.13 7.58
CA ILE A 291 -24.05 29.92 8.58
C ILE A 291 -23.07 30.56 9.56
N THR A 292 -21.97 29.87 9.88
CA THR A 292 -20.97 30.44 10.77
C THR A 292 -20.30 31.64 10.13
N VAL A 293 -20.01 31.57 8.83
CA VAL A 293 -19.44 32.73 8.15
C VAL A 293 -20.45 33.87 8.12
N VAL A 294 -21.72 33.57 7.93
CA VAL A 294 -22.74 34.62 7.97
C VAL A 294 -22.79 35.24 9.36
N VAL A 295 -22.72 34.42 10.40
CA VAL A 295 -22.75 34.93 11.78
C VAL A 295 -21.53 35.80 12.06
N ILE A 296 -20.35 35.34 11.62
CA ILE A 296 -19.14 36.13 11.82
C ILE A 296 -19.25 37.46 11.11
N ASN A 297 -19.75 37.46 9.87
CA ASN A 297 -19.92 38.70 9.14
C ASN A 297 -20.92 39.62 9.85
N THR A 298 -21.99 39.05 10.38
CA THR A 298 -22.97 39.86 11.11
C THR A 298 -22.35 40.48 12.35
N HIS A 299 -21.55 39.71 13.09
CA HIS A 299 -20.99 40.20 14.34
C HIS A 299 -20.05 41.38 14.13
N HIS A 300 -19.41 41.48 12.96
CA HIS A 300 -18.46 42.53 12.67
C HIS A 300 -19.05 43.62 11.77
N ARG A 301 -20.37 43.63 11.60
CA ARG A 301 -20.99 44.61 10.72
C ARG A 301 -20.81 46.00 11.28
N SER A 302 -20.18 46.86 10.51
CA SER A 302 -20.00 48.25 10.92
C SER A 302 -21.28 49.03 10.72
N PRO A 303 -21.79 49.72 11.75
CA PRO A 303 -23.03 50.49 11.56
C PRO A 303 -22.89 51.59 10.54
N SER A 304 -21.67 52.00 10.21
CA SER A 304 -21.48 53.07 9.25
C SER A 304 -22.05 52.71 7.89
N THR A 305 -21.79 51.49 7.43
CA THR A 305 -22.23 51.05 6.11
C THR A 305 -23.44 50.13 6.15
N HIS A 306 -23.88 49.72 7.33
CA HIS A 306 -25.02 48.82 7.47
C HIS A 306 -25.95 49.34 8.55
N THR A 307 -27.24 49.44 8.22
CA THR A 307 -28.27 49.76 9.19
C THR A 307 -29.17 48.54 9.32
N MET A 308 -29.42 48.13 10.56
CA MET A 308 -30.16 46.91 10.79
C MET A 308 -31.56 47.04 10.19
N PRO A 309 -31.97 46.15 9.29
CA PRO A 309 -33.31 46.25 8.72
C PRO A 309 -34.37 45.98 9.77
N GLN A 310 -35.57 46.51 9.50
CA GLN A 310 -36.67 46.32 10.43
C GLN A 310 -37.04 44.85 10.57
N TRP A 311 -37.04 44.10 9.47
CA TRP A 311 -37.42 42.69 9.54
C TRP A 311 -36.41 41.88 10.35
N VAL A 312 -35.20 42.39 10.53
CA VAL A 312 -34.22 41.73 11.38
C VAL A 312 -34.38 42.14 12.83
N ARG A 313 -34.57 43.44 13.07
CA ARG A 313 -34.74 43.92 14.45
C ARG A 313 -35.98 43.33 15.08
N LYS A 314 -37.08 43.27 14.32
CA LYS A 314 -38.34 42.79 14.89
C LYS A 314 -38.26 41.33 15.29
N ILE A 315 -37.56 40.52 14.51
CA ILE A 315 -37.55 39.08 14.69
C ILE A 315 -36.43 38.63 15.61
N PHE A 316 -35.19 39.04 15.33
CA PHE A 316 -34.04 38.50 16.05
C PHE A 316 -33.80 39.19 17.39
N ILE A 317 -34.37 40.37 17.61
CA ILE A 317 -34.17 41.08 18.86
C ILE A 317 -35.40 41.12 19.73
N ASP A 318 -36.59 40.88 19.18
CA ASP A 318 -37.83 40.98 19.94
C ASP A 318 -38.67 39.71 19.98
N THR A 319 -38.41 38.73 19.11
CA THR A 319 -39.26 37.55 19.02
C THR A 319 -38.56 36.29 19.52
N ILE A 320 -37.44 35.90 18.93
CA ILE A 320 -36.77 34.66 19.35
C ILE A 320 -36.26 34.78 20.78
N PRO A 321 -35.62 35.88 21.16
CA PRO A 321 -35.09 35.94 22.53
C PRO A 321 -36.12 35.67 23.60
N ASN A 322 -37.37 36.12 23.40
CA ASN A 322 -38.42 35.82 24.35
C ASN A 322 -38.88 34.38 24.27
N VAL A 323 -38.81 33.77 23.09
CA VAL A 323 -39.29 32.40 22.92
C VAL A 323 -38.33 31.41 23.56
N MET A 324 -37.03 31.59 23.35
CA MET A 324 -36.04 30.60 23.74
C MET A 324 -35.66 30.83 25.19
N PHE A 325 -35.88 29.82 26.04
CA PHE A 325 -35.78 29.98 27.48
C PHE A 325 -34.48 29.45 28.08
N PHE A 326 -33.96 28.33 27.59
CA PHE A 326 -32.88 27.66 28.28
C PHE A 326 -31.62 28.51 28.39
N SER A 327 -31.45 29.51 27.51
CA SER A 327 -30.30 30.37 27.58
C SER A 327 -30.45 31.39 28.70
N THR A 328 -29.35 32.06 29.02
CA THR A 328 -29.32 33.12 30.02
C THR A 328 -28.94 34.45 29.38
N MET A 329 -29.50 34.74 28.21
CA MET A 329 -29.24 35.99 27.51
C MET A 329 -30.09 37.09 28.13
N LYS A 330 -30.15 38.25 27.47
CA LYS A 330 -30.95 39.36 27.94
C LYS A 330 -32.38 39.24 27.44
N PRO A 370 -10.01 85.51 23.64
CA PRO A 370 -8.75 84.76 23.65
C PRO A 370 -8.89 83.37 23.03
N ASP A 371 -8.03 82.44 23.44
CA ASP A 371 -8.15 81.04 23.03
C ASP A 371 -9.07 80.25 23.94
N VAL A 372 -9.65 80.90 24.96
CA VAL A 372 -10.61 80.20 25.81
C VAL A 372 -11.78 79.69 24.98
N LYS A 373 -12.23 80.48 24.01
CA LYS A 373 -13.29 80.02 23.13
C LYS A 373 -12.88 78.77 22.38
N SER A 374 -11.60 78.68 21.99
CA SER A 374 -11.13 77.47 21.32
C SER A 374 -11.22 76.27 22.25
N ALA A 375 -10.88 76.44 23.52
CA ALA A 375 -10.99 75.34 24.48
C ALA A 375 -12.45 74.93 24.69
N ILE A 376 -13.35 75.91 24.77
CA ILE A 376 -14.77 75.60 24.94
C ILE A 376 -15.29 74.82 23.73
N GLU A 377 -14.93 75.28 22.53
CA GLU A 377 -15.32 74.56 21.33
C GLU A 377 -14.71 73.17 21.33
N GLY A 378 -13.49 73.02 21.84
CA GLY A 378 -12.86 71.72 21.87
C GLY A 378 -13.59 70.74 22.77
N VAL A 379 -13.98 71.20 23.97
CA VAL A 379 -14.71 70.30 24.87
C VAL A 379 -16.07 69.97 24.30
N LYS A 380 -16.72 70.94 23.64
CA LYS A 380 -17.99 70.64 22.99
C LYS A 380 -17.79 69.61 21.88
N TYR A 381 -16.70 69.72 21.13
CA TYR A 381 -16.41 68.75 20.07
C TYR A 381 -16.16 67.38 20.67
N ILE A 382 -15.47 67.31 21.81
CA ILE A 382 -15.26 66.02 22.46
C ILE A 382 -16.59 65.41 22.87
N ALA A 383 -17.48 66.22 23.44
CA ALA A 383 -18.79 65.71 23.82
C ALA A 383 -19.56 65.21 22.61
N GLU A 384 -19.49 65.92 21.49
CA GLU A 384 -20.17 65.50 20.28
C GLU A 384 -19.58 64.18 19.76
N HIS A 385 -18.27 64.05 19.81
CA HIS A 385 -17.66 62.80 19.38
C HIS A 385 -18.09 61.64 20.27
N MET A 386 -18.31 61.91 21.56
CA MET A 386 -18.82 60.86 22.43
C MET A 386 -20.28 60.52 22.10
N LYS A 387 -21.11 61.53 21.80
CA LYS A 387 -22.41 61.27 21.18
C LYS A 387 -22.29 60.22 20.09
N SER A 388 -21.49 60.54 19.07
CA SER A 388 -21.44 59.69 17.89
C SER A 388 -20.88 58.32 18.21
N ASP A 389 -19.82 58.27 19.04
CA ASP A 389 -19.23 56.99 19.40
C ASP A 389 -20.22 56.11 20.14
N GLU A 390 -20.97 56.68 21.07
CA GLU A 390 -21.94 55.90 21.81
C GLU A 390 -23.03 55.36 20.88
N GLU A 391 -23.51 56.20 19.95
CA GLU A 391 -24.54 55.72 19.04
C GLU A 391 -24.02 54.58 18.16
N SER A 392 -22.82 54.76 17.59
CA SER A 392 -22.27 53.72 16.74
C SER A 392 -22.01 52.44 17.52
N SER A 393 -21.50 52.57 18.75
CA SER A 393 -21.28 51.38 19.57
C SER A 393 -22.59 50.68 19.88
N ASN A 394 -23.65 51.45 20.14
CA ASN A 394 -24.94 50.83 20.39
C ASN A 394 -25.40 50.03 19.18
N ALA A 395 -25.26 50.59 17.98
CA ALA A 395 -25.63 49.85 16.78
C ALA A 395 -24.78 48.59 16.61
N ALA A 396 -23.48 48.69 16.86
CA ALA A 396 -22.61 47.54 16.74
C ALA A 396 -22.99 46.45 17.74
N GLU A 397 -23.33 46.85 18.97
CA GLU A 397 -23.75 45.88 19.97
C GLU A 397 -25.07 45.23 19.57
N GLU A 398 -25.97 45.98 18.92
CA GLU A 398 -27.18 45.35 18.41
C GLU A 398 -26.85 44.29 17.38
N TRP A 399 -25.91 44.58 16.48
CA TRP A 399 -25.50 43.57 15.50
C TRP A 399 -24.92 42.34 16.20
N LYS A 400 -24.09 42.56 17.22
CA LYS A 400 -23.51 41.44 17.96
C LYS A 400 -24.60 40.62 18.63
N TYR A 401 -25.61 41.27 19.18
CA TYR A 401 -26.73 40.56 19.79
C TYR A 401 -27.46 39.70 18.77
N VAL A 402 -27.67 40.24 17.57
CA VAL A 402 -28.32 39.47 16.52
C VAL A 402 -27.50 38.22 16.20
N ALA A 403 -26.19 38.38 16.08
CA ALA A 403 -25.35 37.22 15.81
C ALA A 403 -25.45 36.19 16.92
N MET A 404 -25.48 36.64 18.17
CA MET A 404 -25.58 35.73 19.29
C MET A 404 -26.89 34.94 19.26
N VAL A 405 -28.01 35.61 19.00
CA VAL A 405 -29.26 34.88 18.95
C VAL A 405 -29.27 33.90 17.78
N ILE A 406 -28.65 34.29 16.65
CA ILE A 406 -28.60 33.39 15.50
C ILE A 406 -27.86 32.11 15.87
N ASP A 407 -26.69 32.24 16.50
CA ASP A 407 -25.93 31.03 16.74
C ASP A 407 -26.54 30.20 17.87
N HIS A 408 -27.26 30.83 18.81
CA HIS A 408 -28.04 30.02 19.75
C HIS A 408 -29.14 29.25 19.04
N ILE A 409 -29.82 29.87 18.07
CA ILE A 409 -30.83 29.14 17.30
C ILE A 409 -30.21 27.92 16.63
N LEU A 410 -29.05 28.13 16.00
CA LEU A 410 -28.38 27.01 15.34
C LEU A 410 -27.97 25.93 16.34
N LEU A 411 -27.49 26.34 17.51
CA LEU A 411 -27.09 25.36 18.51
C LEU A 411 -28.27 24.53 18.98
N CYS A 412 -29.42 25.18 19.19
CA CYS A 412 -30.62 24.45 19.58
C CYS A 412 -31.04 23.48 18.48
N VAL A 413 -30.96 23.91 17.22
CA VAL A 413 -31.30 23.01 16.11
C VAL A 413 -30.39 21.80 16.12
N PHE A 414 -29.08 22.03 16.31
CA PHE A 414 -28.14 20.91 16.32
C PHE A 414 -28.42 19.97 17.48
N MET A 415 -28.70 20.51 18.67
CA MET A 415 -29.00 19.64 19.80
C MET A 415 -30.25 18.82 19.55
N LEU A 416 -31.28 19.44 18.94
CA LEU A 416 -32.49 18.68 18.62
C LEU A 416 -32.18 17.55 17.65
N ILE A 417 -31.40 17.84 16.60
CA ILE A 417 -31.04 16.81 15.64
C ILE A 417 -30.29 15.68 16.33
N CYS A 418 -29.32 16.03 17.17
CA CYS A 418 -28.53 15.02 17.85
C CYS A 418 -29.39 14.16 18.76
N ILE A 419 -30.31 14.77 19.51
CA ILE A 419 -31.15 14.02 20.44
C ILE A 419 -32.07 13.08 19.69
N ILE A 420 -32.72 13.58 18.63
CA ILE A 420 -33.64 12.71 17.90
C ILE A 420 -32.87 11.59 17.21
N GLY A 421 -31.67 11.87 16.73
CA GLY A 421 -30.86 10.83 16.12
C GLY A 421 -30.46 9.76 17.12
N THR A 422 -30.00 10.15 18.30
CA THR A 422 -29.54 9.17 19.28
C THR A 422 -30.72 8.38 19.85
N VAL A 423 -31.89 8.99 19.95
CA VAL A 423 -33.07 8.24 20.39
C VAL A 423 -33.51 7.27 19.29
N SER A 424 -33.43 7.69 18.02
CA SER A 424 -33.91 6.83 16.95
C SER A 424 -33.11 5.53 16.86
N VAL A 425 -31.78 5.62 16.96
CA VAL A 425 -30.98 4.41 16.87
C VAL A 425 -31.29 3.46 18.03
N PHE A 426 -31.51 4.01 19.22
CA PHE A 426 -31.87 3.19 20.37
C PHE A 426 -33.29 2.64 20.19
N ASN B 2 -19.07 -52.15 -21.30
CA ASN B 2 -18.77 -50.81 -21.80
C ASN B 2 -17.96 -50.90 -23.09
N GLU B 3 -18.61 -50.58 -24.21
CA GLU B 3 -17.91 -50.59 -25.50
C GLU B 3 -17.14 -49.32 -25.77
N GLU B 4 -17.24 -48.31 -24.89
CA GLU B 4 -16.39 -47.15 -25.03
C GLU B 4 -14.92 -47.53 -24.92
N GLU B 5 -14.62 -48.51 -24.07
CA GLU B 5 -13.24 -48.98 -23.94
C GLU B 5 -12.75 -49.55 -25.27
N ARG B 6 -13.55 -50.41 -25.89
CA ARG B 6 -13.14 -51.00 -27.17
C ARG B 6 -13.00 -49.93 -28.23
N LEU B 7 -13.94 -48.99 -28.29
CA LEU B 7 -13.88 -47.94 -29.29
C LEU B 7 -12.63 -47.08 -29.12
N ILE B 8 -12.31 -46.70 -27.88
CA ILE B 8 -11.14 -45.88 -27.64
C ILE B 8 -9.88 -46.65 -27.96
N ASN B 9 -9.82 -47.93 -27.61
CA ASN B 9 -8.65 -48.72 -27.94
C ASN B 9 -8.46 -48.82 -29.44
N ASP B 10 -9.54 -49.03 -30.19
CA ASP B 10 -9.42 -49.08 -31.64
C ASP B 10 -8.97 -47.73 -32.19
N LEU B 11 -9.52 -46.63 -31.67
CA LEU B 11 -9.22 -45.33 -32.22
C LEU B 11 -7.77 -44.93 -31.96
N LEU B 12 -7.29 -45.16 -30.74
CA LEU B 12 -5.99 -44.61 -30.32
C LEU B 12 -4.85 -45.60 -30.40
N ILE B 13 -5.11 -46.89 -30.19
CA ILE B 13 -4.03 -47.87 -30.09
C ILE B 13 -3.92 -48.67 -31.39
N VAL B 14 -4.99 -49.37 -31.75
CA VAL B 14 -4.96 -50.19 -32.96
C VAL B 14 -4.67 -49.35 -34.18
N ASN B 15 -5.26 -48.15 -34.24
CA ASN B 15 -5.06 -47.26 -35.37
C ASN B 15 -3.77 -46.45 -35.28
N LYS B 16 -3.04 -46.55 -34.17
CA LYS B 16 -1.75 -45.88 -34.01
C LYS B 16 -1.90 -44.37 -34.22
N TYR B 17 -2.74 -43.77 -33.38
CA TYR B 17 -2.98 -42.34 -33.45
C TYR B 17 -1.75 -41.58 -32.97
N ASN B 18 -1.28 -40.63 -33.78
CA ASN B 18 -0.14 -39.79 -33.43
C ASN B 18 -0.64 -38.42 -33.00
N LYS B 19 -0.41 -38.09 -31.73
CA LYS B 19 -0.92 -36.85 -31.16
C LYS B 19 -0.25 -35.62 -31.76
N HIS B 20 0.92 -35.76 -32.38
CA HIS B 20 1.71 -34.62 -32.83
C HIS B 20 1.61 -34.37 -34.31
N VAL B 21 0.66 -34.99 -35.00
CA VAL B 21 0.44 -34.78 -36.42
C VAL B 21 -0.90 -34.09 -36.60
N ARG B 22 -0.95 -33.11 -37.50
CA ARG B 22 -2.20 -32.44 -37.78
C ARG B 22 -3.23 -33.44 -38.34
N PRO B 23 -4.49 -33.27 -38.03
CA PRO B 23 -5.52 -34.16 -38.59
C PRO B 23 -5.87 -33.82 -40.03
N VAL B 24 -4.97 -34.18 -40.94
CA VAL B 24 -5.17 -34.01 -42.37
C VAL B 24 -4.80 -35.30 -43.06
N LYS B 25 -5.35 -35.49 -44.26
CA LYS B 25 -5.02 -36.65 -45.07
C LYS B 25 -3.89 -36.37 -46.04
N HIS B 26 -3.70 -35.11 -46.44
CA HIS B 26 -2.61 -34.69 -47.29
C HIS B 26 -1.90 -33.51 -46.65
N ASN B 27 -0.57 -33.49 -46.76
CA ASN B 27 0.20 -32.49 -46.03
C ASN B 27 -0.19 -31.07 -46.41
N ASN B 28 -0.64 -30.87 -47.65
CA ASN B 28 -0.98 -29.53 -48.12
C ASN B 28 -2.36 -29.07 -47.70
N GLU B 29 -3.16 -29.93 -47.08
CA GLU B 29 -4.48 -29.53 -46.62
C GLU B 29 -4.36 -28.60 -45.41
N VAL B 30 -5.46 -27.94 -45.08
CA VAL B 30 -5.52 -26.98 -43.99
C VAL B 30 -6.58 -27.45 -42.99
N VAL B 31 -6.27 -27.32 -41.71
CA VAL B 31 -7.19 -27.65 -40.64
C VAL B 31 -7.95 -26.38 -40.25
N ASN B 32 -9.27 -26.43 -40.35
CA ASN B 32 -10.10 -25.29 -39.98
C ASN B 32 -10.45 -25.39 -38.50
N ILE B 33 -10.17 -24.34 -37.75
CA ILE B 33 -10.43 -24.29 -36.32
C ILE B 33 -11.46 -23.19 -36.08
N ALA B 34 -12.66 -23.58 -35.67
CA ALA B 34 -13.68 -22.64 -35.25
C ALA B 34 -13.40 -22.22 -33.81
N LEU B 35 -13.61 -20.95 -33.52
CA LEU B 35 -13.23 -20.40 -32.22
C LEU B 35 -14.28 -19.39 -31.78
N SER B 36 -14.74 -19.50 -30.54
CA SER B 36 -15.66 -18.54 -29.97
C SER B 36 -15.38 -18.40 -28.49
N LEU B 37 -15.81 -17.29 -27.92
CA LEU B 37 -15.52 -16.94 -26.53
C LEU B 37 -16.83 -16.67 -25.80
N THR B 38 -16.94 -17.22 -24.59
CA THR B 38 -18.06 -16.96 -23.70
C THR B 38 -17.53 -16.27 -22.45
N LEU B 39 -18.13 -15.13 -22.11
CA LEU B 39 -17.72 -14.36 -20.96
C LEU B 39 -18.66 -14.72 -19.81
N SER B 40 -18.11 -15.34 -18.77
CA SER B 40 -18.91 -15.69 -17.61
C SER B 40 -18.77 -14.67 -16.49
N ASN B 41 -17.68 -13.94 -16.44
CA ASN B 41 -17.49 -12.93 -15.40
C ASN B 41 -16.35 -12.02 -15.81
N LEU B 42 -16.61 -10.72 -15.82
CA LEU B 42 -15.57 -9.72 -16.04
C LEU B 42 -15.02 -9.36 -14.66
N ILE B 43 -13.99 -10.09 -14.25
CA ILE B 43 -13.59 -10.09 -12.85
C ILE B 43 -13.17 -8.69 -12.41
N SER B 44 -12.29 -8.05 -13.17
CA SER B 44 -11.78 -6.75 -12.77
C SER B 44 -11.13 -6.06 -13.94
N LEU B 45 -10.93 -4.76 -13.80
CA LEU B 45 -10.14 -3.96 -14.74
C LEU B 45 -9.27 -3.04 -13.90
N LYS B 46 -8.03 -3.44 -13.66
CA LYS B 46 -7.11 -2.66 -12.84
C LYS B 46 -6.55 -1.52 -13.68
N GLU B 47 -7.04 -0.31 -13.45
CA GLU B 47 -6.57 0.83 -14.24
C GLU B 47 -5.10 1.13 -13.95
N THR B 48 -4.65 0.95 -12.71
CA THR B 48 -3.26 1.18 -12.41
C THR B 48 -2.35 0.21 -13.15
N ASP B 49 -2.75 -1.06 -13.24
CA ASP B 49 -1.97 -2.07 -13.94
C ASP B 49 -2.36 -2.22 -15.40
N GLU B 50 -3.41 -1.54 -15.85
CA GLU B 50 -3.85 -1.63 -17.24
C GLU B 50 -4.11 -3.08 -17.64
N THR B 51 -4.74 -3.83 -16.75
CA THR B 51 -4.97 -5.26 -16.93
C THR B 51 -6.47 -5.55 -16.84
N LEU B 52 -6.94 -6.42 -17.72
CA LEU B 52 -8.31 -6.91 -17.67
C LEU B 52 -8.27 -8.39 -17.30
N THR B 53 -8.96 -8.75 -16.22
CA THR B 53 -9.08 -10.13 -15.78
C THR B 53 -10.47 -10.63 -16.11
N SER B 54 -10.54 -11.77 -16.79
CA SER B 54 -11.80 -12.29 -17.31
C SER B 54 -11.92 -13.77 -17.03
N ASN B 55 -13.13 -14.20 -16.70
CA ASN B 55 -13.48 -15.60 -16.55
C ASN B 55 -14.25 -16.00 -17.79
N VAL B 56 -13.60 -16.69 -18.71
CA VAL B 56 -14.16 -16.96 -20.03
C VAL B 56 -14.09 -18.46 -20.31
N TRP B 57 -14.93 -18.91 -21.23
CA TRP B 57 -14.89 -20.27 -21.76
C TRP B 57 -14.48 -20.19 -23.23
N MET B 58 -13.29 -20.69 -23.54
CA MET B 58 -12.84 -20.78 -24.92
C MET B 58 -13.52 -21.97 -25.58
N ASP B 59 -14.06 -21.78 -26.78
CA ASP B 59 -14.76 -22.84 -27.49
C ASP B 59 -14.03 -23.12 -28.80
N HIS B 60 -13.33 -24.25 -28.84
CA HIS B 60 -12.65 -24.71 -30.06
C HIS B 60 -13.48 -25.82 -30.69
N ALA B 61 -13.47 -25.87 -32.02
CA ALA B 61 -14.13 -26.94 -32.74
C ALA B 61 -13.40 -27.20 -34.04
N TRP B 62 -13.13 -28.47 -34.34
CA TRP B 62 -12.43 -28.85 -35.55
C TRP B 62 -12.79 -30.28 -35.88
N TYR B 63 -12.27 -30.77 -37.00
CA TYR B 63 -12.53 -32.12 -37.49
C TYR B 63 -11.25 -32.93 -37.45
N ASP B 64 -11.32 -34.13 -36.88
CA ASP B 64 -10.21 -35.08 -36.86
C ASP B 64 -10.68 -36.35 -37.53
N HIS B 65 -10.27 -36.54 -38.79
CA HIS B 65 -10.70 -37.72 -39.54
C HIS B 65 -10.20 -39.02 -38.96
N ARG B 66 -9.19 -38.98 -38.07
CA ARG B 66 -8.71 -40.20 -37.43
C ARG B 66 -9.57 -40.63 -36.27
N LEU B 67 -10.46 -39.77 -35.78
CA LEU B 67 -11.34 -40.08 -34.67
C LEU B 67 -12.77 -40.31 -35.13
N THR B 68 -12.93 -40.90 -36.31
CA THR B 68 -14.25 -41.26 -36.81
C THR B 68 -14.49 -42.75 -36.57
N TRP B 69 -15.76 -43.10 -36.42
CA TRP B 69 -16.14 -44.49 -36.23
C TRP B 69 -17.56 -44.68 -36.69
N ASN B 70 -17.93 -45.94 -36.90
CA ASN B 70 -19.28 -46.31 -37.30
C ASN B 70 -20.07 -46.64 -36.05
N ALA B 71 -21.06 -45.79 -35.74
CA ALA B 71 -21.78 -45.93 -34.48
C ALA B 71 -22.54 -47.24 -34.39
N SER B 72 -22.75 -47.92 -35.52
CA SER B 72 -23.44 -49.21 -35.51
C SER B 72 -22.50 -50.38 -35.26
N GLU B 73 -21.28 -50.34 -35.81
CA GLU B 73 -20.33 -51.43 -35.57
C GLU B 73 -20.06 -51.58 -34.08
N TYR B 74 -19.86 -50.47 -33.39
CA TYR B 74 -19.92 -50.44 -31.94
C TYR B 74 -21.37 -50.25 -31.53
N SER B 75 -21.62 -50.33 -30.22
CA SER B 75 -22.94 -49.96 -29.76
C SER B 75 -23.23 -48.52 -30.22
N ASP B 76 -24.48 -48.11 -30.08
CA ASP B 76 -24.85 -46.82 -30.65
C ASP B 76 -24.23 -45.70 -29.84
N ILE B 77 -22.90 -45.61 -29.89
CA ILE B 77 -22.15 -44.58 -29.18
C ILE B 77 -22.11 -43.35 -30.07
N SER B 78 -22.82 -42.29 -29.67
CA SER B 78 -22.93 -41.08 -30.47
C SER B 78 -22.02 -39.96 -30.01
N ILE B 79 -21.23 -40.18 -28.95
CA ILE B 79 -20.34 -39.15 -28.44
C ILE B 79 -19.29 -39.82 -27.58
N LEU B 80 -18.17 -39.13 -27.36
CA LEU B 80 -17.04 -39.71 -26.67
C LEU B 80 -16.25 -38.59 -26.02
N ARG B 81 -15.79 -38.80 -24.79
CA ARG B 81 -15.00 -37.82 -24.07
C ARG B 81 -13.58 -38.35 -23.95
N LEU B 82 -12.62 -37.58 -24.47
CA LEU B 82 -11.22 -37.96 -24.45
C LEU B 82 -10.41 -36.85 -23.79
N PRO B 83 -9.38 -37.19 -23.03
CA PRO B 83 -8.52 -36.16 -22.44
C PRO B 83 -7.73 -35.44 -23.51
N PRO B 84 -7.49 -34.14 -23.35
CA PRO B 84 -6.80 -33.39 -24.40
C PRO B 84 -5.34 -33.78 -24.59
N GLU B 85 -4.74 -34.50 -23.65
CA GLU B 85 -3.36 -34.94 -23.80
C GLU B 85 -3.23 -36.26 -24.54
N LEU B 86 -4.34 -36.84 -24.99
CA LEU B 86 -4.29 -38.02 -25.84
C LEU B 86 -4.60 -37.73 -27.30
N VAL B 87 -5.22 -36.59 -27.60
CA VAL B 87 -5.60 -36.26 -28.96
C VAL B 87 -4.91 -34.95 -29.36
N TRP B 88 -4.73 -34.78 -30.67
CA TRP B 88 -4.20 -33.53 -31.19
C TRP B 88 -5.17 -32.40 -30.89
N ILE B 89 -4.65 -31.30 -30.36
CA ILE B 89 -5.47 -30.12 -30.10
C ILE B 89 -4.77 -28.91 -30.68
N PRO B 90 -5.51 -27.88 -31.11
CA PRO B 90 -4.86 -26.66 -31.59
C PRO B 90 -4.42 -25.80 -30.41
N ASP B 91 -3.20 -25.30 -30.47
CA ASP B 91 -2.66 -24.46 -29.40
C ASP B 91 -2.97 -23.02 -29.74
N ILE B 92 -4.16 -22.57 -29.32
CA ILE B 92 -4.59 -21.19 -29.50
C ILE B 92 -4.27 -20.44 -28.21
N VAL B 93 -3.43 -19.42 -28.32
CA VAL B 93 -2.90 -18.75 -27.14
C VAL B 93 -3.31 -17.28 -27.15
N LEU B 94 -3.44 -16.72 -25.96
CA LEU B 94 -3.70 -15.30 -25.80
C LEU B 94 -2.39 -14.54 -25.93
N GLN B 95 -2.23 -13.82 -27.04
CA GLN B 95 -0.94 -13.19 -27.30
C GLN B 95 -0.70 -11.95 -26.43
N ASN B 96 -1.74 -11.20 -26.12
CA ASN B 96 -1.58 -9.93 -25.39
C ASN B 96 -1.84 -10.09 -23.90
N ASN B 97 -1.44 -11.23 -23.33
CA ASN B 97 -1.57 -11.42 -21.90
C ASN B 97 -0.57 -10.56 -21.15
N ASN B 98 -0.89 -10.28 -19.88
CA ASN B 98 -0.02 -9.50 -19.01
C ASN B 98 0.96 -10.40 -18.26
N ASP B 99 0.44 -11.41 -17.57
CA ASP B 99 1.28 -12.39 -16.91
C ASP B 99 1.74 -13.42 -17.92
N GLY B 100 2.36 -14.50 -17.46
CA GLY B 100 2.91 -15.49 -18.37
C GLY B 100 1.92 -16.59 -18.72
N GLN B 101 0.63 -16.36 -18.46
CA GLN B 101 -0.39 -17.37 -18.72
C GLN B 101 -0.90 -17.21 -20.14
N TYR B 102 -0.52 -18.13 -21.01
CA TYR B 102 -0.91 -18.10 -22.41
C TYR B 102 -2.09 -19.00 -22.72
N HIS B 103 -2.15 -20.18 -22.11
CA HIS B 103 -3.15 -21.18 -22.44
C HIS B 103 -4.34 -21.09 -21.49
N VAL B 104 -5.22 -22.08 -21.57
CA VAL B 104 -6.38 -22.13 -20.69
C VAL B 104 -5.98 -22.69 -19.34
N ALA B 105 -6.79 -22.38 -18.33
CA ALA B 105 -6.47 -22.80 -16.97
C ALA B 105 -6.62 -24.30 -16.81
N TYR B 106 -7.74 -24.86 -17.25
CA TYR B 106 -8.07 -26.26 -17.04
C TYR B 106 -8.16 -26.95 -18.39
N PHE B 107 -7.38 -28.01 -18.56
CA PHE B 107 -7.37 -28.79 -19.80
C PHE B 107 -8.41 -29.90 -19.67
N CYS B 108 -9.65 -29.57 -20.00
CA CYS B 108 -10.75 -30.50 -19.86
C CYS B 108 -10.83 -31.44 -21.07
N ASN B 109 -11.66 -32.46 -20.94
CA ASN B 109 -11.83 -33.44 -22.01
C ASN B 109 -12.42 -32.80 -23.25
N VAL B 110 -12.08 -33.36 -24.40
CA VAL B 110 -12.72 -32.97 -25.64
C VAL B 110 -13.93 -33.86 -25.85
N LEU B 111 -14.86 -33.39 -26.67
CA LEU B 111 -16.03 -34.18 -27.07
C LEU B 111 -15.90 -34.53 -28.54
N VAL B 112 -15.96 -35.82 -28.84
CA VAL B 112 -15.76 -36.33 -30.20
C VAL B 112 -17.03 -37.02 -30.64
N ARG B 113 -17.53 -36.66 -31.81
CA ARG B 113 -18.70 -37.27 -32.41
C ARG B 113 -18.28 -38.30 -33.44
N PRO B 114 -19.17 -39.22 -33.81
CA PRO B 114 -18.77 -40.29 -34.73
C PRO B 114 -18.30 -39.80 -36.07
N ASN B 115 -18.58 -38.56 -36.45
CA ASN B 115 -18.13 -38.01 -37.72
C ASN B 115 -16.77 -37.35 -37.63
N GLY B 116 -16.11 -37.42 -36.47
CA GLY B 116 -14.82 -36.80 -36.30
C GLY B 116 -14.84 -35.36 -35.87
N TYR B 117 -16.01 -34.82 -35.51
CA TYR B 117 -16.11 -33.44 -35.06
C TYR B 117 -15.70 -33.36 -33.60
N VAL B 118 -14.55 -32.75 -33.34
CA VAL B 118 -14.04 -32.57 -32.00
C VAL B 118 -14.44 -31.19 -31.52
N THR B 119 -14.87 -31.10 -30.26
CA THR B 119 -15.12 -29.83 -29.60
C THR B 119 -14.37 -29.80 -28.29
N TRP B 120 -13.96 -28.60 -27.88
CA TRP B 120 -13.20 -28.43 -26.65
C TRP B 120 -13.59 -27.09 -26.06
N LEU B 121 -14.11 -27.11 -24.83
CA LEU B 121 -14.65 -25.92 -24.18
C LEU B 121 -14.00 -25.75 -22.82
N PRO B 122 -12.71 -25.46 -22.77
CA PRO B 122 -12.04 -25.29 -21.49
C PRO B 122 -12.33 -23.93 -20.90
N PRO B 123 -12.27 -23.81 -19.57
CA PRO B 123 -12.35 -22.49 -18.94
C PRO B 123 -10.96 -21.87 -18.78
N ALA B 124 -10.96 -20.56 -18.60
CA ALA B 124 -9.70 -19.84 -18.47
C ALA B 124 -9.91 -18.55 -17.69
N ILE B 125 -8.89 -18.19 -16.92
CA ILE B 125 -8.77 -16.85 -16.35
C ILE B 125 -7.66 -16.14 -17.12
N PHE B 126 -8.03 -15.09 -17.82
CA PHE B 126 -7.12 -14.38 -18.71
C PHE B 126 -6.85 -13.00 -18.16
N ARG B 127 -5.59 -12.59 -18.17
CA ARG B 127 -5.18 -11.27 -17.74
C ARG B 127 -4.58 -10.58 -18.96
N SER B 128 -5.43 -9.95 -19.76
CA SER B 128 -5.02 -9.31 -21.00
C SER B 128 -4.51 -7.90 -20.72
N SER B 129 -3.77 -7.38 -21.70
CA SER B 129 -3.32 -6.00 -21.65
C SER B 129 -4.40 -5.10 -22.24
N CYS B 130 -4.84 -4.12 -21.45
CA CYS B 130 -5.85 -3.16 -21.90
C CYS B 130 -5.36 -1.75 -21.62
N PRO B 131 -4.85 -1.03 -22.63
CA PRO B 131 -4.51 0.38 -22.41
C PRO B 131 -5.73 1.15 -21.95
N ILE B 132 -5.52 2.05 -20.99
CA ILE B 132 -6.60 2.77 -20.34
C ILE B 132 -6.62 4.19 -20.87
N ASN B 133 -7.77 4.62 -21.38
CA ASN B 133 -7.99 6.00 -21.80
C ASN B 133 -8.60 6.74 -20.61
N VAL B 134 -7.78 7.54 -19.94
CA VAL B 134 -8.20 8.19 -18.70
C VAL B 134 -8.75 9.58 -18.99
N LEU B 135 -8.94 9.90 -20.26
CA LEU B 135 -9.28 11.27 -20.63
C LEU B 135 -10.53 11.77 -19.91
N TYR B 136 -11.53 10.91 -19.75
CA TYR B 136 -12.81 11.31 -19.18
C TYR B 136 -13.11 10.63 -17.85
N PHE B 137 -12.08 10.18 -17.13
CA PHE B 137 -12.31 9.52 -15.86
C PHE B 137 -13.03 10.48 -14.91
N PRO B 138 -14.05 10.02 -14.17
CA PRO B 138 -14.63 8.68 -14.07
C PRO B 138 -15.82 8.43 -14.99
N PHE B 139 -16.01 9.27 -16.00
CA PHE B 139 -17.10 9.11 -16.96
C PHE B 139 -16.62 8.44 -18.24
N ASP B 140 -15.69 7.49 -18.12
CA ASP B 140 -15.00 6.94 -19.27
C ASP B 140 -15.56 5.57 -19.65
N TRP B 141 -15.32 5.20 -20.90
CA TRP B 141 -15.56 3.85 -21.40
C TRP B 141 -14.25 3.34 -21.98
N GLN B 142 -13.96 2.07 -21.74
CA GLN B 142 -12.72 1.46 -22.17
C GLN B 142 -12.98 0.44 -23.27
N ASN B 143 -11.95 0.20 -24.08
CA ASN B 143 -12.03 -0.66 -25.25
C ASN B 143 -10.96 -1.73 -25.11
N CYS B 144 -11.30 -2.81 -24.41
CA CYS B 144 -10.38 -3.90 -24.17
C CYS B 144 -10.55 -4.98 -25.23
N SER B 145 -9.46 -5.68 -25.53
CA SER B 145 -9.46 -6.72 -26.54
C SER B 145 -8.69 -7.93 -26.05
N LEU B 146 -9.11 -9.10 -26.51
CA LEU B 146 -8.41 -10.35 -26.28
C LEU B 146 -8.03 -10.91 -27.64
N LYS B 147 -6.75 -10.90 -27.96
CA LYS B 147 -6.25 -11.32 -29.27
C LYS B 147 -5.67 -12.72 -29.17
N PHE B 148 -6.25 -13.64 -29.92
CA PHE B 148 -5.86 -15.05 -29.88
C PHE B 148 -5.16 -15.42 -31.17
N THR B 149 -3.97 -16.01 -31.05
CA THR B 149 -3.16 -16.41 -32.18
C THR B 149 -2.83 -17.89 -32.07
N ALA B 150 -2.57 -18.50 -33.22
CA ALA B 150 -2.15 -19.89 -33.32
C ALA B 150 -0.67 -19.89 -33.67
N LEU B 151 0.18 -20.00 -32.67
CA LEU B 151 1.62 -19.90 -32.85
C LEU B 151 2.28 -21.24 -33.15
N ASN B 152 1.53 -22.34 -33.11
CA ASN B 152 2.10 -23.65 -33.37
C ASN B 152 2.10 -24.02 -34.85
N TYR B 153 1.22 -23.43 -35.64
CA TYR B 153 1.13 -23.72 -37.06
C TYR B 153 0.90 -22.43 -37.82
N ASP B 154 1.30 -22.41 -39.09
CA ASP B 154 1.13 -21.24 -39.92
C ASP B 154 -0.24 -21.25 -40.58
N ALA B 155 -0.58 -20.12 -41.21
CA ALA B 155 -1.88 -19.97 -41.84
C ALA B 155 -2.09 -20.94 -43.00
N ASN B 156 -1.01 -21.52 -43.53
CA ASN B 156 -1.14 -22.53 -44.58
C ASN B 156 -1.45 -23.91 -44.03
N GLU B 157 -1.40 -24.10 -42.71
CA GLU B 157 -1.60 -25.39 -42.08
C GLU B 157 -2.87 -25.47 -41.24
N ILE B 158 -3.20 -24.42 -40.50
CA ILE B 158 -4.48 -24.34 -39.80
C ILE B 158 -5.05 -22.94 -39.98
N THR B 159 -6.36 -22.86 -40.20
CA THR B 159 -7.05 -21.60 -40.41
C THR B 159 -7.98 -21.35 -39.24
N MET B 160 -7.77 -20.23 -38.55
CA MET B 160 -8.68 -19.82 -37.50
C MET B 160 -9.97 -19.29 -38.12
N ASP B 161 -11.06 -19.38 -37.37
CA ASP B 161 -12.35 -18.89 -37.84
C ASP B 161 -13.23 -18.61 -36.65
N LEU B 162 -14.21 -17.73 -36.86
CA LEU B 162 -15.27 -17.54 -35.89
C LEU B 162 -16.28 -18.67 -36.03
N MET B 163 -16.73 -19.19 -34.89
CA MET B 163 -17.65 -20.31 -34.91
C MET B 163 -18.99 -19.88 -35.50
N THR B 164 -19.56 -20.73 -36.34
CA THR B 164 -20.83 -20.44 -36.98
C THR B 164 -21.98 -21.02 -36.18
N ASP B 165 -23.18 -20.57 -36.51
CA ASP B 165 -24.39 -21.03 -35.85
C ASP B 165 -25.54 -21.03 -36.85
N THR B 166 -26.45 -21.98 -36.68
CA THR B 166 -27.61 -22.11 -37.54
C THR B 166 -28.84 -21.54 -36.84
N ILE B 167 -29.68 -20.85 -37.61
CA ILE B 167 -30.94 -20.33 -37.12
C ILE B 167 -32.12 -20.89 -37.93
N ASP B 168 -31.98 -20.97 -39.25
CA ASP B 168 -33.03 -21.48 -40.12
C ASP B 168 -32.45 -22.36 -41.22
N GLY B 169 -31.35 -23.06 -40.94
CA GLY B 169 -30.67 -23.85 -41.94
C GLY B 169 -29.54 -23.13 -42.63
N LYS B 170 -29.42 -21.82 -42.47
CA LYS B 170 -28.32 -21.04 -43.03
C LYS B 170 -27.33 -20.71 -41.93
N ASP B 171 -26.05 -20.91 -42.22
CA ASP B 171 -24.98 -20.64 -41.27
C ASP B 171 -24.69 -19.14 -41.21
N TYR B 172 -24.50 -18.63 -40.00
CA TYR B 172 -24.02 -17.28 -39.82
C TYR B 172 -22.91 -17.31 -38.79
N PRO B 173 -21.81 -16.59 -39.02
CA PRO B 173 -20.72 -16.59 -38.04
C PRO B 173 -21.14 -15.92 -36.75
N ILE B 174 -20.51 -16.35 -35.66
CA ILE B 174 -20.71 -15.74 -34.34
C ILE B 174 -19.66 -14.64 -34.21
N GLU B 175 -20.08 -13.41 -34.51
CA GLU B 175 -19.18 -12.25 -34.53
C GLU B 175 -19.26 -11.45 -33.25
N TRP B 176 -19.45 -12.12 -32.11
CA TRP B 176 -19.54 -11.44 -30.84
C TRP B 176 -19.09 -12.38 -29.74
N ILE B 177 -18.83 -11.80 -28.57
CA ILE B 177 -18.60 -12.61 -27.38
C ILE B 177 -19.95 -13.09 -26.86
N ILE B 178 -20.05 -14.39 -26.62
CA ILE B 178 -21.28 -14.98 -26.12
C ILE B 178 -21.41 -14.66 -24.64
N ILE B 179 -22.58 -14.19 -24.23
CA ILE B 179 -22.88 -13.95 -22.82
C ILE B 179 -24.04 -14.85 -22.47
N ASP B 180 -23.75 -15.97 -21.81
CA ASP B 180 -24.77 -16.94 -21.46
C ASP B 180 -25.54 -16.46 -20.25
N PRO B 181 -26.85 -16.24 -20.34
CA PRO B 181 -27.58 -15.72 -19.16
C PRO B 181 -27.55 -16.66 -17.98
N GLU B 182 -27.32 -17.95 -18.20
CA GLU B 182 -27.28 -18.92 -17.11
C GLU B 182 -25.93 -18.96 -16.42
N ALA B 183 -24.88 -18.36 -16.98
CA ALA B 183 -23.56 -18.42 -16.39
C ALA B 183 -22.81 -17.10 -16.51
N PHE B 184 -23.52 -15.98 -16.47
CA PHE B 184 -22.90 -14.66 -16.55
C PHE B 184 -23.22 -13.87 -15.30
N THR B 185 -22.20 -13.24 -14.73
CA THR B 185 -22.34 -12.37 -13.56
C THR B 185 -22.07 -10.94 -14.01
N GLU B 186 -23.04 -10.06 -13.78
CA GLU B 186 -22.95 -8.69 -14.25
C GLU B 186 -22.07 -7.86 -13.32
N ASN B 187 -21.05 -7.22 -13.88
CA ASN B 187 -20.12 -6.45 -13.06
C ASN B 187 -20.80 -5.22 -12.50
N GLY B 188 -20.51 -4.92 -11.23
CA GLY B 188 -21.14 -3.79 -10.58
C GLY B 188 -20.58 -2.44 -10.98
N GLU B 189 -19.39 -2.42 -11.59
CA GLU B 189 -18.76 -1.17 -12.01
C GLU B 189 -18.70 -1.00 -13.51
N TRP B 190 -18.59 -2.07 -14.28
CA TRP B 190 -18.41 -2.01 -15.72
C TRP B 190 -19.60 -2.62 -16.42
N GLU B 191 -20.16 -1.88 -17.38
CA GLU B 191 -21.30 -2.31 -18.16
C GLU B 191 -20.86 -2.57 -19.59
N ILE B 192 -21.14 -3.76 -20.10
CA ILE B 192 -20.72 -4.14 -21.44
C ILE B 192 -21.66 -3.50 -22.45
N ILE B 193 -21.11 -2.67 -23.33
CA ILE B 193 -21.90 -1.99 -24.35
C ILE B 193 -21.82 -2.80 -25.64
N HIS B 194 -20.61 -2.96 -26.18
CA HIS B 194 -20.38 -3.75 -27.36
C HIS B 194 -19.42 -4.88 -27.02
N LYS B 195 -19.50 -5.95 -27.79
CA LYS B 195 -18.62 -7.10 -27.58
C LYS B 195 -18.41 -7.81 -28.91
N PRO B 196 -17.84 -7.15 -29.91
CA PRO B 196 -17.64 -7.79 -31.21
C PRO B 196 -16.46 -8.72 -31.21
N ALA B 197 -16.44 -9.60 -32.22
CA ALA B 197 -15.34 -10.52 -32.45
C ALA B 197 -15.00 -10.47 -33.94
N LYS B 198 -13.72 -10.30 -34.25
CA LYS B 198 -13.26 -10.16 -35.62
C LYS B 198 -12.13 -11.15 -35.88
N LYS B 199 -12.08 -11.66 -37.10
CA LYS B 199 -10.98 -12.52 -37.55
C LYS B 199 -10.09 -11.68 -38.44
N ASN B 200 -8.99 -11.19 -37.90
CA ASN B 200 -8.12 -10.27 -38.61
C ASN B 200 -7.07 -11.02 -39.41
N ILE B 201 -6.79 -10.51 -40.60
CA ILE B 201 -5.70 -10.99 -41.45
C ILE B 201 -4.80 -9.80 -41.73
N TYR B 202 -3.49 -10.05 -41.78
CA TYR B 202 -2.52 -8.99 -42.03
C TYR B 202 -1.81 -9.24 -43.34
N PRO B 203 -2.26 -8.65 -44.45
CA PRO B 203 -1.69 -9.01 -45.76
C PRO B 203 -0.23 -8.65 -45.91
N ASP B 204 0.29 -7.71 -45.11
CA ASP B 204 1.71 -7.39 -45.19
C ASP B 204 2.60 -8.53 -44.73
N LYS B 205 2.02 -9.55 -44.10
CA LYS B 205 2.75 -10.75 -43.71
C LYS B 205 2.46 -11.85 -44.72
N PHE B 206 2.92 -13.07 -44.43
CA PHE B 206 2.75 -14.19 -45.33
C PHE B 206 2.08 -15.35 -44.60
N PRO B 207 1.36 -16.22 -45.32
CA PRO B 207 0.95 -17.49 -44.72
C PRO B 207 2.10 -18.41 -44.40
N ASN B 208 3.33 -18.03 -44.74
CA ASN B 208 4.50 -18.76 -44.27
C ASN B 208 4.42 -19.00 -42.77
N GLY B 209 4.10 -17.93 -42.04
CA GLY B 209 4.33 -17.90 -40.61
C GLY B 209 3.09 -17.78 -39.75
N THR B 210 3.32 -17.50 -38.46
CA THR B 210 2.28 -17.58 -37.45
C THR B 210 1.74 -16.21 -37.04
N ASN B 211 2.18 -15.14 -37.69
CA ASN B 211 1.71 -13.79 -37.38
C ASN B 211 0.76 -13.27 -38.46
N TYR B 212 0.24 -14.16 -39.30
CA TYR B 212 -0.60 -13.77 -40.42
C TYR B 212 -2.07 -13.64 -40.07
N GLN B 213 -2.51 -14.25 -38.97
CA GLN B 213 -3.93 -14.31 -38.65
C GLN B 213 -4.11 -14.27 -37.14
N ASP B 214 -5.31 -13.92 -36.72
CA ASP B 214 -5.71 -14.05 -35.33
C ASP B 214 -7.21 -13.82 -35.24
N VAL B 215 -7.79 -14.20 -34.11
CA VAL B 215 -9.16 -13.88 -33.78
C VAL B 215 -9.12 -13.01 -32.54
N THR B 216 -9.70 -11.81 -32.63
CA THR B 216 -9.70 -10.87 -31.53
C THR B 216 -11.13 -10.65 -31.07
N PHE B 217 -11.33 -10.69 -29.76
CA PHE B 217 -12.63 -10.44 -29.14
C PHE B 217 -12.54 -9.11 -28.40
N TYR B 218 -13.32 -8.13 -28.83
CA TYR B 218 -13.28 -6.80 -28.25
C TYR B 218 -14.36 -6.65 -27.19
N LEU B 219 -14.14 -5.70 -26.28
CA LEU B 219 -15.04 -5.50 -25.16
C LEU B 219 -15.07 -4.02 -24.84
N ILE B 220 -16.08 -3.33 -25.36
CA ILE B 220 -16.28 -1.91 -25.06
C ILE B 220 -17.17 -1.83 -23.84
N ILE B 221 -16.58 -1.47 -22.70
CA ILE B 221 -17.26 -1.46 -21.41
C ILE B 221 -17.33 -0.02 -20.92
N ARG B 222 -18.49 0.37 -20.39
CA ARG B 222 -18.69 1.69 -19.85
C ARG B 222 -18.70 1.62 -18.34
N ARG B 223 -18.00 2.54 -17.69
CA ARG B 223 -17.96 2.59 -16.24
C ARG B 223 -19.24 3.19 -15.69
N LYS B 224 -19.71 2.62 -14.58
CA LYS B 224 -20.82 3.22 -13.86
C LYS B 224 -20.25 4.24 -12.90
N PRO B 225 -20.50 5.54 -13.08
CA PRO B 225 -19.78 6.56 -12.30
C PRO B 225 -20.43 7.00 -11.00
N LEU B 226 -21.50 6.35 -10.56
CA LEU B 226 -22.18 6.82 -9.35
C LEU B 226 -21.25 6.77 -8.14
N PHE B 227 -20.44 5.72 -8.04
CA PHE B 227 -19.53 5.59 -6.90
C PHE B 227 -18.59 6.79 -6.83
N TYR B 228 -17.93 7.11 -7.94
CA TYR B 228 -16.97 8.22 -7.93
C TYR B 228 -17.67 9.55 -7.78
N VAL B 229 -18.85 9.71 -8.36
CA VAL B 229 -19.58 10.97 -8.22
C VAL B 229 -19.93 11.20 -6.77
N ILE B 230 -20.41 10.17 -6.08
CA ILE B 230 -20.81 10.33 -4.68
C ILE B 230 -19.61 10.54 -3.79
N ASN B 231 -18.53 9.78 -4.02
CA ASN B 231 -17.46 9.68 -3.04
C ASN B 231 -16.26 10.57 -3.32
N PHE B 232 -16.07 11.01 -4.56
CA PHE B 232 -14.89 11.80 -4.91
C PHE B 232 -15.22 13.18 -5.44
N ILE B 233 -16.32 13.34 -6.17
CA ILE B 233 -16.60 14.62 -6.82
C ILE B 233 -17.44 15.52 -5.93
N THR B 234 -18.46 14.98 -5.26
CA THR B 234 -19.31 15.83 -4.43
C THR B 234 -18.54 16.48 -3.28
N PRO B 235 -17.79 15.74 -2.47
CA PRO B 235 -17.02 16.42 -1.40
C PRO B 235 -16.04 17.44 -1.95
N CYS B 236 -15.39 17.12 -3.07
CA CYS B 236 -14.43 18.05 -3.65
C CYS B 236 -15.12 19.34 -4.09
N VAL B 237 -16.29 19.22 -4.71
CA VAL B 237 -17.01 20.39 -5.17
C VAL B 237 -17.46 21.25 -4.00
N LEU B 238 -17.98 20.62 -2.94
CA LEU B 238 -18.43 21.39 -1.79
C LEU B 238 -17.25 22.12 -1.14
N ILE B 239 -16.14 21.41 -0.93
CA ILE B 239 -14.99 22.04 -0.31
C ILE B 239 -14.45 23.15 -1.19
N SER B 240 -14.54 22.99 -2.52
CA SER B 240 -14.10 24.05 -3.42
C SER B 240 -14.97 25.28 -3.26
N PHE B 241 -16.29 25.09 -3.20
CA PHE B 241 -17.17 26.24 -3.04
C PHE B 241 -16.92 26.97 -1.73
N LEU B 242 -16.45 26.24 -0.71
CA LEU B 242 -16.05 26.91 0.52
C LEU B 242 -15.02 28.00 0.26
N ALA B 243 -14.14 27.82 -0.73
CA ALA B 243 -13.15 28.83 -1.03
C ALA B 243 -13.81 30.12 -1.47
N SER B 244 -14.70 30.04 -2.46
CA SER B 244 -15.41 31.23 -2.91
C SER B 244 -16.16 31.87 -1.74
N LEU B 245 -16.69 31.05 -0.84
CA LEU B 245 -17.33 31.60 0.34
C LEU B 245 -16.36 32.37 1.22
N ALA B 246 -15.10 31.94 1.27
CA ALA B 246 -14.11 32.57 2.14
C ALA B 246 -13.92 34.06 1.85
N PHE B 247 -14.50 34.60 0.79
CA PHE B 247 -14.41 36.03 0.53
C PHE B 247 -15.35 36.85 1.41
N TYR B 248 -16.37 36.23 1.98
CA TYR B 248 -17.37 36.94 2.76
C TYR B 248 -16.98 37.08 4.22
N LEU B 249 -15.85 36.52 4.63
CA LEU B 249 -15.37 36.68 5.99
C LEU B 249 -14.76 38.07 6.16
N PRO B 250 -15.13 38.81 7.20
CA PRO B 250 -14.51 40.11 7.41
C PRO B 250 -13.02 39.99 7.71
N ALA B 251 -12.27 41.01 7.31
CA ALA B 251 -10.83 40.99 7.55
C ALA B 251 -10.51 40.93 9.04
N GLU B 252 -11.40 41.44 9.89
CA GLU B 252 -11.17 41.40 11.32
C GLU B 252 -11.35 40.00 11.89
N SER B 253 -12.06 39.13 11.19
CA SER B 253 -12.28 37.77 11.68
C SER B 253 -10.96 37.09 12.00
N GLY B 254 -9.92 37.36 11.21
CA GLY B 254 -8.65 36.69 11.39
C GLY B 254 -8.63 35.26 10.92
N GLU B 255 -9.52 34.89 10.00
CA GLU B 255 -9.56 33.51 9.51
C GLU B 255 -9.83 33.42 8.00
N LYS B 256 -9.67 34.51 7.25
CA LYS B 256 -9.79 34.40 5.80
C LYS B 256 -8.71 33.48 5.24
N MET B 257 -7.46 33.76 5.59
CA MET B 257 -6.34 32.99 5.07
C MET B 257 -6.45 31.54 5.49
N SER B 258 -6.82 31.28 6.74
CA SER B 258 -6.95 29.90 7.20
C SER B 258 -8.00 29.14 6.39
N THR B 259 -9.15 29.77 6.15
CA THR B 259 -10.20 29.10 5.39
C THR B 259 -9.72 28.78 3.98
N ALA B 260 -9.17 29.78 3.28
CA ALA B 260 -8.74 29.54 1.91
C ALA B 260 -7.63 28.49 1.86
N ILE B 261 -6.69 28.55 2.80
CA ILE B 261 -5.58 27.60 2.82
C ILE B 261 -6.11 26.19 3.05
N SER B 262 -7.05 26.04 3.98
CA SER B 262 -7.59 24.72 4.26
C SER B 262 -8.31 24.16 3.04
N VAL B 263 -9.06 25.00 2.33
CA VAL B 263 -9.70 24.53 1.10
C VAL B 263 -8.65 24.06 0.11
N LEU B 264 -7.57 24.82 -0.04
CA LEU B 264 -6.52 24.42 -0.98
C LEU B 264 -5.90 23.09 -0.58
N LEU B 265 -5.63 22.91 0.71
CA LEU B 265 -5.01 21.67 1.17
C LEU B 265 -5.94 20.48 0.94
N ALA B 266 -7.24 20.66 1.21
CA ALA B 266 -8.19 19.59 0.93
C ALA B 266 -8.20 19.24 -0.55
N GLN B 267 -8.18 20.26 -1.41
CA GLN B 267 -8.14 19.98 -2.85
C GLN B 267 -6.87 19.23 -3.23
N ALA B 268 -5.75 19.58 -2.62
CA ALA B 268 -4.50 18.88 -2.89
C ALA B 268 -4.59 17.41 -2.47
N VAL B 269 -5.20 17.16 -1.32
CA VAL B 269 -5.37 15.77 -0.87
C VAL B 269 -6.23 15.01 -1.87
N PHE B 270 -7.30 15.64 -2.35
CA PHE B 270 -8.16 14.98 -3.33
C PHE B 270 -7.39 14.70 -4.61
N LEU B 271 -6.55 15.65 -5.04
CA LEU B 271 -5.74 15.44 -6.24
C LEU B 271 -4.79 14.26 -6.06
N LEU B 272 -4.16 14.16 -4.89
CA LEU B 272 -3.24 13.05 -4.66
C LEU B 272 -3.98 11.72 -4.63
N LEU B 273 -5.15 11.68 -4.01
CA LEU B 273 -5.91 10.43 -3.99
C LEU B 273 -6.38 10.05 -5.38
N THR B 274 -6.75 11.04 -6.20
CA THR B 274 -7.09 10.76 -7.59
C THR B 274 -5.89 10.21 -8.34
N SER B 275 -4.71 10.77 -8.09
CA SER B 275 -3.50 10.23 -8.69
C SER B 275 -3.29 8.78 -8.30
N GLN B 276 -3.59 8.44 -7.05
CA GLN B 276 -3.39 7.07 -6.59
C GLN B 276 -4.14 6.06 -7.46
N ARG B 277 -5.26 6.45 -8.04
CA ARG B 277 -6.19 5.50 -8.64
C ARG B 277 -6.03 5.33 -10.14
N LEU B 278 -5.04 5.98 -10.75
CA LEU B 278 -4.94 5.98 -12.21
C LEU B 278 -3.55 5.58 -12.66
N PRO B 279 -3.43 5.05 -13.87
CA PRO B 279 -2.10 4.73 -14.41
C PRO B 279 -1.31 5.99 -14.70
N GLU B 280 0.02 5.85 -14.64
CA GLU B 280 0.91 7.00 -14.80
C GLU B 280 1.30 7.19 -16.26
N THR B 281 0.27 7.33 -17.10
CA THR B 281 0.45 7.51 -18.53
C THR B 281 0.28 8.98 -18.90
N ALA B 282 0.98 9.40 -19.94
CA ALA B 282 1.01 10.78 -20.38
C ALA B 282 0.10 11.04 -21.57
N LEU B 283 -0.78 10.09 -21.90
CA LEU B 283 -1.65 10.28 -23.06
C LEU B 283 -2.54 11.51 -22.88
N ALA B 284 -3.11 11.68 -21.69
CA ALA B 284 -3.95 12.82 -21.41
C ALA B 284 -4.17 12.93 -19.92
N VAL B 285 -4.47 14.15 -19.47
CA VAL B 285 -4.79 14.38 -18.06
C VAL B 285 -6.25 13.97 -17.82
N PRO B 286 -6.56 13.24 -16.75
CA PRO B 286 -7.94 12.86 -16.52
C PRO B 286 -8.85 14.06 -16.34
N LEU B 287 -10.12 13.89 -16.70
CA LEU B 287 -11.08 14.97 -16.57
C LEU B 287 -11.12 15.49 -15.14
N ILE B 288 -11.22 14.58 -14.17
CA ILE B 288 -11.23 15.02 -12.78
C ILE B 288 -9.89 15.65 -12.41
N GLY B 289 -8.80 15.15 -12.98
CA GLY B 289 -7.51 15.80 -12.78
C GLY B 289 -7.49 17.21 -13.30
N LYS B 290 -8.05 17.43 -14.50
CA LYS B 290 -8.14 18.79 -15.04
C LYS B 290 -8.97 19.67 -14.12
N TYR B 291 -10.11 19.16 -13.65
CA TYR B 291 -10.95 19.95 -12.76
C TYR B 291 -10.20 20.32 -11.49
N LEU B 292 -9.48 19.36 -10.92
CA LEU B 292 -8.77 19.61 -9.68
C LEU B 292 -7.64 20.61 -9.88
N MET B 293 -6.91 20.51 -10.99
CA MET B 293 -5.86 21.49 -11.25
C MET B 293 -6.45 22.88 -11.43
N PHE B 294 -7.56 22.97 -12.19
CA PHE B 294 -8.19 24.27 -12.41
C PHE B 294 -8.68 24.86 -11.09
N ILE B 295 -9.31 24.04 -10.24
CA ILE B 295 -9.85 24.56 -8.99
C ILE B 295 -8.74 24.91 -8.01
N MET B 296 -7.65 24.14 -7.99
CA MET B 296 -6.51 24.49 -7.14
C MET B 296 -5.88 25.80 -7.58
N SER B 297 -5.75 26.02 -8.89
CA SER B 297 -5.25 27.30 -9.37
C SER B 297 -6.18 28.43 -8.96
N LEU B 298 -7.49 28.21 -9.09
CA LEU B 298 -8.43 29.26 -8.73
C LEU B 298 -8.39 29.55 -7.24
N VAL B 299 -8.24 28.52 -6.40
CA VAL B 299 -8.18 28.74 -4.96
C VAL B 299 -6.86 29.39 -4.57
N THR B 300 -5.78 29.11 -5.29
CA THR B 300 -4.54 29.84 -5.06
C THR B 300 -4.72 31.32 -5.40
N GLY B 301 -5.43 31.61 -6.49
CA GLY B 301 -5.77 32.99 -6.78
C GLY B 301 -6.61 33.61 -5.68
N VAL B 302 -7.54 32.84 -5.12
CA VAL B 302 -8.37 33.31 -4.02
C VAL B 302 -7.50 33.63 -2.81
N ILE B 303 -6.53 32.78 -2.50
CA ILE B 303 -5.64 33.01 -1.37
C ILE B 303 -4.83 34.28 -1.59
N VAL B 304 -4.29 34.45 -2.81
CA VAL B 304 -3.50 35.64 -3.10
C VAL B 304 -4.35 36.89 -2.98
N ASN B 305 -5.60 36.81 -3.43
CA ASN B 305 -6.46 37.99 -3.39
C ASN B 305 -6.93 38.28 -1.98
N CYS B 306 -7.11 37.25 -1.15
CA CYS B 306 -7.36 37.49 0.27
C CYS B 306 -6.16 38.14 0.93
N GLY B 307 -4.96 37.74 0.55
CA GLY B 307 -3.77 38.43 1.05
C GLY B 307 -3.74 39.88 0.66
N ILE B 308 -4.12 40.17 -0.58
CA ILE B 308 -4.18 41.57 -1.04
C ILE B 308 -5.22 42.34 -0.24
N VAL B 309 -6.38 41.72 0.01
CA VAL B 309 -7.42 42.37 0.78
C VAL B 309 -6.93 42.68 2.19
N LEU B 310 -6.25 41.72 2.81
CA LEU B 310 -5.75 41.94 4.16
C LEU B 310 -4.69 43.04 4.18
N ASN B 311 -3.81 43.05 3.18
CA ASN B 311 -2.81 44.10 3.11
C ASN B 311 -3.46 45.46 2.99
N PHE B 312 -4.50 45.58 2.15
CA PHE B 312 -5.19 46.85 2.01
C PHE B 312 -5.90 47.25 3.31
N HIS B 313 -6.50 46.28 3.99
CA HIS B 313 -7.30 46.58 5.18
C HIS B 313 -6.45 47.14 6.30
N PHE B 314 -5.22 46.63 6.47
CA PHE B 314 -4.38 46.96 7.61
C PHE B 314 -3.42 48.11 7.32
N ARG B 315 -3.71 48.92 6.32
CA ARG B 315 -2.91 50.10 6.04
C ARG B 315 -3.34 51.24 6.96
N THR B 316 -2.41 52.17 7.20
CA THR B 316 -2.64 53.29 8.07
C THR B 316 -1.95 54.51 7.49
N PRO B 317 -2.33 55.71 7.92
CA PRO B 317 -1.62 56.91 7.47
C PRO B 317 -0.16 56.93 7.87
N SER B 318 0.22 56.19 8.91
CA SER B 318 1.61 56.19 9.36
C SER B 318 2.54 55.47 8.40
N THR B 319 2.01 54.67 7.47
CA THR B 319 2.84 53.92 6.53
C THR B 319 2.38 54.03 5.08
N HIS B 320 1.12 54.37 4.82
CA HIS B 320 0.63 54.49 3.46
C HIS B 320 -0.22 55.74 3.35
N VAL B 321 -0.38 56.23 2.12
CA VAL B 321 -1.20 57.40 1.84
C VAL B 321 -2.34 56.98 0.92
N LEU B 322 -3.56 57.28 1.32
CA LEU B 322 -4.74 56.96 0.52
C LEU B 322 -4.83 57.97 -0.62
N SER B 323 -4.34 57.57 -1.79
CA SER B 323 -4.33 58.47 -2.93
C SER B 323 -5.76 58.70 -3.44
N THR B 324 -5.91 59.78 -4.21
CA THR B 324 -7.24 60.12 -4.73
C THR B 324 -7.72 59.09 -5.74
N ARG B 325 -6.81 58.54 -6.55
CA ARG B 325 -7.21 57.58 -7.56
C ARG B 325 -7.82 56.34 -6.93
N VAL B 326 -7.11 55.72 -5.99
CA VAL B 326 -7.63 54.52 -5.35
C VAL B 326 -8.90 54.85 -4.58
N LYS B 327 -8.94 56.04 -3.97
CA LYS B 327 -10.14 56.44 -3.23
C LYS B 327 -11.35 56.49 -4.15
N GLN B 328 -11.24 57.22 -5.26
CA GLN B 328 -12.37 57.36 -6.18
C GLN B 328 -12.67 56.06 -6.92
N ILE B 329 -11.73 55.13 -6.97
CA ILE B 329 -12.00 53.86 -7.63
C ILE B 329 -12.74 52.90 -6.71
N PHE B 330 -12.29 52.78 -5.46
CA PHE B 330 -12.81 51.77 -4.55
C PHE B 330 -13.80 52.31 -3.53
N LEU B 331 -14.12 53.60 -3.56
CA LEU B 331 -15.13 54.17 -2.69
C LEU B 331 -16.23 54.90 -3.43
N GLU B 332 -16.05 55.20 -4.72
CA GLU B 332 -17.05 55.91 -5.50
C GLU B 332 -17.61 55.04 -6.62
N LYS B 333 -16.75 54.51 -7.50
CA LYS B 333 -17.23 53.80 -8.67
C LYS B 333 -17.65 52.37 -8.31
N LEU B 334 -16.70 51.57 -7.86
CA LEU B 334 -16.98 50.14 -7.66
C LEU B 334 -18.10 49.89 -6.66
N PRO B 335 -18.13 50.55 -5.50
CA PRO B 335 -19.22 50.24 -4.54
C PRO B 335 -20.60 50.44 -5.14
N ARG B 336 -20.75 51.44 -6.02
CA ARG B 336 -22.01 51.63 -6.72
C ARG B 336 -22.19 50.59 -7.82
N ILE B 337 -21.12 50.25 -8.54
CA ILE B 337 -21.22 49.25 -9.60
C ILE B 337 -21.62 47.90 -9.03
N LEU B 338 -21.02 47.52 -7.91
CA LEU B 338 -21.26 46.21 -7.32
C LEU B 338 -22.50 46.19 -6.43
N HIS B 339 -23.25 47.29 -6.36
CA HIS B 339 -24.48 47.34 -5.59
C HIS B 339 -24.23 47.03 -4.11
N MET B 340 -23.12 47.52 -3.58
CA MET B 340 -22.82 47.34 -2.17
C MET B 340 -23.72 48.23 -1.32
N SER B 341 -23.97 47.79 -0.10
CA SER B 341 -24.83 48.54 0.80
C SER B 341 -24.26 49.94 1.04
N ARG B 342 -25.12 50.94 0.94
CA ARG B 342 -24.70 52.33 1.07
C ARG B 342 -23.62 52.67 0.05
N HIS B 416 -2.34 83.58 38.27
CA HIS B 416 -3.14 83.77 37.08
C HIS B 416 -2.69 82.85 35.95
N ASP B 417 -1.44 82.39 36.03
CA ASP B 417 -0.92 81.48 35.02
C ASP B 417 -1.54 80.09 35.09
N GLU B 418 -2.24 79.77 36.18
CA GLU B 418 -2.90 78.46 36.26
C GLU B 418 -4.00 78.34 35.21
N ILE B 419 -4.77 79.41 35.01
CA ILE B 419 -5.79 79.41 33.97
C ILE B 419 -5.15 79.20 32.60
N LYS B 420 -4.04 79.89 32.36
CA LYS B 420 -3.36 79.76 31.08
C LYS B 420 -2.86 78.34 30.86
N SER B 421 -2.29 77.73 31.91
CA SER B 421 -1.83 76.35 31.78
C SER B 421 -2.99 75.41 31.51
N GLY B 422 -4.11 75.61 32.20
CA GLY B 422 -5.28 74.77 31.96
C GLY B 422 -5.78 74.90 30.53
N ILE B 423 -5.85 76.13 30.02
CA ILE B 423 -6.30 76.32 28.64
C ILE B 423 -5.34 75.67 27.66
N ASP B 424 -4.04 75.82 27.88
CA ASP B 424 -3.07 75.18 26.99
C ASP B 424 -3.22 73.67 27.01
N SER B 425 -3.39 73.10 28.20
CA SER B 425 -3.48 71.64 28.32
C SER B 425 -4.76 71.11 27.68
N THR B 426 -5.89 71.79 27.89
CA THR B 426 -7.12 71.33 27.25
C THR B 426 -7.04 71.48 25.73
N ASN B 427 -6.38 72.53 25.25
CA ASN B 427 -6.19 72.67 23.81
C ASN B 427 -5.34 71.53 23.26
N TYR B 428 -4.28 71.16 23.99
CA TYR B 428 -3.45 70.04 23.57
C TYR B 428 -4.27 68.75 23.52
N ILE B 429 -5.10 68.53 24.54
CA ILE B 429 -5.94 67.34 24.58
C ILE B 429 -6.86 67.32 23.37
N VAL B 430 -7.49 68.45 23.07
CA VAL B 430 -8.42 68.51 21.95
C VAL B 430 -7.69 68.24 20.63
N LYS B 431 -6.50 68.81 20.47
CA LYS B 431 -5.75 68.58 19.24
C LYS B 431 -5.39 67.12 19.08
N GLN B 432 -4.96 66.47 20.16
CA GLN B 432 -4.63 65.05 20.08
C GLN B 432 -5.87 64.22 19.74
N ILE B 433 -7.01 64.55 20.33
CA ILE B 433 -8.22 63.78 20.02
C ILE B 433 -8.62 63.99 18.56
N LYS B 434 -8.44 65.21 18.05
CA LYS B 434 -8.78 65.47 16.65
C LYS B 434 -7.88 64.67 15.71
N GLU B 435 -6.57 64.66 15.99
CA GLU B 435 -5.68 63.85 15.16
C GLU B 435 -6.02 62.38 15.25
N LYS B 436 -6.36 61.90 16.45
CA LYS B 436 -6.73 60.50 16.61
C LYS B 436 -7.97 60.17 15.79
N ASN B 437 -8.96 61.07 15.80
CA ASN B 437 -10.18 60.83 15.03
C ASN B 437 -9.89 60.83 13.54
N ALA B 438 -9.01 61.73 13.07
CA ALA B 438 -8.65 61.73 11.66
C ALA B 438 -7.95 60.42 11.28
N TYR B 439 -7.05 59.95 12.14
CA TYR B 439 -6.39 58.67 11.91
C TYR B 439 -7.40 57.54 11.82
N ASP B 440 -8.36 57.52 12.73
CA ASP B 440 -9.38 56.47 12.72
C ASP B 440 -10.22 56.56 11.46
N GLU B 441 -10.50 57.78 10.99
CA GLU B 441 -11.25 57.93 9.74
C GLU B 441 -10.48 57.36 8.57
N GLU B 442 -9.17 57.61 8.51
CA GLU B 442 -8.37 57.02 7.44
C GLU B 442 -8.38 55.51 7.52
N VAL B 443 -8.26 54.95 8.72
CA VAL B 443 -8.30 53.50 8.88
C VAL B 443 -9.64 52.95 8.41
N GLY B 444 -10.73 53.64 8.73
CA GLY B 444 -12.04 53.21 8.26
C GLY B 444 -12.14 53.25 6.75
N ASN B 445 -11.57 54.27 6.12
CA ASN B 445 -11.57 54.33 4.66
C ASN B 445 -10.82 53.14 4.08
N TRP B 446 -9.68 52.79 4.69
CA TRP B 446 -8.93 51.63 4.22
C TRP B 446 -9.76 50.36 4.37
N ASN B 447 -10.49 50.24 5.48
CA ASN B 447 -11.36 49.08 5.67
C ASN B 447 -12.43 49.01 4.59
N LEU B 448 -13.02 50.16 4.25
CA LEU B 448 -14.02 50.18 3.19
C LEU B 448 -13.42 49.77 1.86
N VAL B 449 -12.18 50.22 1.59
CA VAL B 449 -11.51 49.80 0.36
C VAL B 449 -11.33 48.30 0.34
N GLY B 450 -10.93 47.71 1.47
CA GLY B 450 -10.77 46.27 1.53
C GLY B 450 -12.06 45.54 1.27
N GLN B 451 -13.17 46.03 1.85
CA GLN B 451 -14.46 45.41 1.61
C GLN B 451 -14.86 45.50 0.14
N THR B 452 -14.63 46.65 -0.49
CA THR B 452 -14.93 46.76 -1.90
C THR B 452 -14.11 45.76 -2.71
N ILE B 453 -12.82 45.62 -2.38
CA ILE B 453 -11.96 44.73 -3.13
C ILE B 453 -12.43 43.29 -3.01
N ASP B 454 -12.77 42.85 -1.79
CA ASP B 454 -13.13 41.45 -1.66
C ASP B 454 -14.53 41.19 -2.22
N ARG B 455 -15.44 42.17 -2.18
CA ARG B 455 -16.72 41.99 -2.86
C ARG B 455 -16.51 41.83 -4.36
N LEU B 456 -15.67 42.68 -4.94
CA LEU B 456 -15.36 42.55 -6.37
C LEU B 456 -14.74 41.19 -6.67
N SER B 457 -13.83 40.75 -5.80
CA SER B 457 -13.20 39.45 -5.98
C SER B 457 -14.24 38.33 -5.98
N MET B 458 -15.16 38.37 -5.02
CA MET B 458 -16.20 37.36 -4.98
C MET B 458 -16.98 37.35 -6.28
N PHE B 459 -17.46 38.52 -6.71
CA PHE B 459 -18.27 38.57 -7.92
C PHE B 459 -17.49 38.12 -9.15
N ILE B 460 -16.18 38.34 -9.17
CA ILE B 460 -15.39 37.95 -10.33
C ILE B 460 -15.06 36.47 -10.32
N ILE B 461 -14.90 35.87 -9.15
CA ILE B 461 -14.35 34.52 -9.04
C ILE B 461 -15.44 33.46 -8.91
N THR B 462 -16.45 33.68 -8.05
CA THR B 462 -17.43 32.63 -7.86
C THR B 462 -18.13 32.25 -9.17
N PRO B 463 -18.49 33.17 -10.07
CA PRO B 463 -19.06 32.73 -11.34
C PRO B 463 -18.10 31.87 -12.13
N VAL B 464 -16.81 32.20 -12.11
CA VAL B 464 -15.82 31.40 -12.80
C VAL B 464 -15.78 30.01 -12.20
N MET B 465 -15.82 29.91 -10.87
CA MET B 465 -15.80 28.60 -10.23
C MET B 465 -17.00 27.76 -10.64
N VAL B 466 -18.21 28.32 -10.55
CA VAL B 466 -19.40 27.51 -10.82
C VAL B 466 -19.47 27.16 -12.30
N LEU B 467 -19.19 28.13 -13.18
CA LEU B 467 -19.22 27.83 -14.61
C LEU B 467 -18.17 26.80 -14.99
N GLY B 468 -16.96 26.91 -14.45
CA GLY B 468 -15.94 25.91 -14.75
C GLY B 468 -16.34 24.54 -14.27
N THR B 469 -16.87 24.44 -13.05
CA THR B 469 -17.32 23.16 -12.53
C THR B 469 -18.38 22.56 -13.43
N ILE B 470 -19.41 23.33 -13.76
CA ILE B 470 -20.51 22.82 -14.56
C ILE B 470 -20.01 22.42 -15.94
N PHE B 471 -19.17 23.25 -16.56
CA PHE B 471 -18.65 22.93 -17.89
C PHE B 471 -17.85 21.64 -17.86
N ILE B 472 -16.96 21.49 -16.88
CA ILE B 472 -16.08 20.32 -16.87
C ILE B 472 -16.89 19.06 -16.59
N PHE B 473 -17.88 19.13 -15.70
CA PHE B 473 -18.64 17.95 -15.34
C PHE B 473 -19.86 17.73 -16.22
N VAL B 474 -20.11 18.61 -17.19
CA VAL B 474 -21.14 18.38 -18.19
C VAL B 474 -20.47 17.85 -19.45
N MET B 475 -19.24 18.30 -19.71
CA MET B 475 -18.48 17.74 -20.81
C MET B 475 -18.19 16.27 -20.57
N GLY B 476 -17.87 15.91 -19.33
CA GLY B 476 -17.69 14.50 -19.02
C GLY B 476 -18.97 13.70 -19.12
N ASN B 477 -20.08 14.26 -18.61
CA ASN B 477 -21.35 13.55 -18.66
C ASN B 477 -21.84 13.37 -20.10
N PHE B 478 -21.45 14.28 -20.99
CA PHE B 478 -21.80 14.17 -22.40
C PHE B 478 -20.75 13.37 -23.16
N ASN B 479 -20.44 12.18 -22.66
CA ASN B 479 -19.44 11.30 -23.26
C ASN B 479 -19.99 9.88 -23.22
N HIS B 480 -20.24 9.32 -24.40
CA HIS B 480 -20.81 8.00 -24.53
C HIS B 480 -19.98 7.17 -25.49
N PRO B 481 -20.04 5.85 -25.40
CA PRO B 481 -19.43 5.02 -26.42
C PRO B 481 -20.05 5.28 -27.77
N PRO B 482 -19.33 5.04 -28.86
CA PRO B 482 -19.74 5.60 -30.16
C PRO B 482 -20.95 4.95 -30.79
N ALA B 483 -21.64 4.06 -30.07
CA ALA B 483 -22.85 3.39 -30.53
C ALA B 483 -22.59 2.39 -31.65
N LYS B 484 -21.36 2.26 -32.12
CA LYS B 484 -20.99 1.25 -33.10
C LYS B 484 -19.49 1.01 -32.98
N PRO B 485 -19.05 -0.22 -32.73
CA PRO B 485 -17.62 -0.50 -32.80
C PRO B 485 -17.13 -0.43 -34.24
N PHE B 486 -15.84 -0.18 -34.40
CA PHE B 486 -15.23 -0.16 -35.73
C PHE B 486 -15.91 0.91 -36.60
N GLU B 487 -15.61 2.16 -36.24
CA GLU B 487 -16.26 3.34 -36.82
C GLU B 487 -16.59 3.18 -38.30
N GLY B 488 -15.67 2.64 -39.09
CA GLY B 488 -15.93 2.48 -40.49
C GLY B 488 -16.89 1.36 -40.85
N ASP B 489 -17.28 0.53 -39.88
CA ASP B 489 -18.13 -0.63 -40.14
C ASP B 489 -19.56 -0.32 -39.75
N PRO B 490 -20.53 -0.39 -40.67
CA PRO B 490 -21.92 -0.13 -40.29
C PRO B 490 -22.60 -1.27 -39.54
N PHE B 491 -21.96 -2.44 -39.47
CA PHE B 491 -22.57 -3.57 -38.77
C PHE B 491 -22.63 -3.31 -37.28
N ASP B 492 -23.67 -3.86 -36.64
CA ASP B 492 -23.89 -3.65 -35.21
C ASP B 492 -23.13 -4.65 -34.35
N TYR B 493 -22.74 -5.80 -34.89
CA TYR B 493 -22.01 -6.82 -34.14
C TYR B 493 -22.79 -7.24 -32.90
N SER B 494 -24.11 -7.29 -33.02
CA SER B 494 -24.98 -7.64 -31.92
C SER B 494 -25.50 -9.06 -32.10
N SER B 495 -25.75 -9.74 -30.98
CA SER B 495 -26.22 -11.11 -31.02
C SER B 495 -27.59 -11.23 -31.64
N ASP B 496 -28.41 -10.17 -31.62
CA ASP B 496 -29.79 -10.26 -32.05
C ASP B 496 -29.98 -10.08 -33.55
N HIS B 497 -28.94 -9.65 -34.27
CA HIS B 497 -29.03 -9.45 -35.72
C HIS B 497 -27.79 -10.02 -36.39
N PRO B 498 -27.67 -11.34 -36.46
CA PRO B 498 -26.58 -11.94 -37.24
C PRO B 498 -26.70 -11.56 -38.71
N ARG B 499 -25.55 -11.35 -39.34
CA ARG B 499 -25.54 -10.95 -40.75
C ARG B 499 -25.75 -12.16 -41.65
N SER C 1 -1.22 -36.49 -41.55
CA SER C 1 -1.22 -37.45 -42.69
C SER C 1 -0.36 -38.66 -42.36
N VAL C 2 -0.56 -39.74 -43.12
CA VAL C 2 0.24 -40.95 -42.91
C VAL C 2 1.69 -40.68 -43.23
N MET C 3 1.97 -39.95 -44.31
CA MET C 3 3.34 -39.75 -44.73
C MET C 3 4.10 -38.90 -43.73
N GLU C 4 3.44 -37.91 -43.12
CA GLU C 4 4.10 -37.15 -42.07
C GLU C 4 4.46 -38.04 -40.89
N ASP C 5 3.58 -38.99 -40.55
CA ASP C 5 3.89 -39.94 -39.48
C ASP C 5 5.10 -40.79 -39.84
N THR C 6 5.16 -41.26 -41.09
CA THR C 6 6.31 -42.05 -41.52
C THR C 6 7.60 -41.23 -41.45
N LEU C 7 7.54 -39.98 -41.89
CA LEU C 7 8.72 -39.12 -41.84
C LEU C 7 9.16 -38.88 -40.41
N LEU C 8 8.21 -38.65 -39.50
CA LEU C 8 8.57 -38.45 -38.11
C LEU C 8 9.20 -39.70 -37.52
N SER C 9 8.67 -40.87 -37.87
CA SER C 9 9.25 -42.12 -37.39
C SER C 9 10.68 -42.28 -37.89
N VAL C 10 10.92 -41.95 -39.16
CA VAL C 10 12.26 -42.12 -39.72
C VAL C 10 13.23 -41.13 -39.11
N LEU C 11 12.82 -39.87 -38.96
CA LEU C 11 13.74 -38.84 -38.50
C LEU C 11 14.23 -39.11 -37.08
N PHE C 12 13.33 -39.52 -36.19
CA PHE C 12 13.62 -39.66 -34.77
C PHE C 12 13.83 -41.12 -34.36
N GLU C 13 14.23 -41.98 -35.31
CA GLU C 13 14.50 -43.37 -34.95
C GLU C 13 15.68 -43.47 -33.99
N THR C 14 16.73 -42.68 -34.22
CA THR C 14 17.92 -42.70 -33.37
C THR C 14 18.34 -41.30 -32.95
N TYR C 15 17.41 -40.34 -32.97
CA TYR C 15 17.73 -38.95 -32.67
C TYR C 15 17.74 -38.74 -31.16
N ASN C 16 18.85 -38.22 -30.64
CA ASN C 16 18.98 -37.91 -29.23
C ASN C 16 18.92 -36.40 -29.04
N PRO C 17 17.83 -35.84 -28.50
CA PRO C 17 17.78 -34.39 -28.31
C PRO C 17 18.74 -33.87 -27.25
N LYS C 18 19.40 -34.74 -26.50
CA LYS C 18 20.38 -34.32 -25.52
C LYS C 18 21.74 -33.98 -26.14
N VAL C 19 21.93 -34.30 -27.42
CA VAL C 19 23.24 -34.20 -28.06
C VAL C 19 23.23 -33.01 -29.01
N ARG C 20 24.21 -32.14 -28.87
CA ARG C 20 24.33 -30.99 -29.75
C ARG C 20 24.73 -31.45 -31.14
N PRO C 21 24.07 -30.97 -32.20
CA PRO C 21 24.41 -31.47 -33.54
C PRO C 21 25.73 -30.92 -34.06
N ALA C 22 26.76 -31.76 -34.06
CA ALA C 22 28.07 -31.41 -34.61
C ALA C 22 28.48 -32.59 -35.47
N GLN C 23 28.28 -32.47 -36.79
CA GLN C 23 28.42 -33.63 -37.66
C GLN C 23 29.82 -34.22 -37.57
N THR C 24 30.81 -33.39 -37.26
CA THR C 24 32.16 -33.85 -36.95
C THR C 24 32.62 -33.22 -35.65
N VAL C 25 33.44 -33.95 -34.90
CA VAL C 25 33.93 -33.45 -33.63
C VAL C 25 34.67 -32.15 -33.86
N GLY C 26 34.32 -31.12 -33.09
CA GLY C 26 34.91 -29.81 -33.21
C GLY C 26 34.08 -28.80 -33.96
N ASP C 27 32.99 -29.22 -34.60
CA ASP C 27 32.13 -28.28 -35.30
C ASP C 27 31.33 -27.45 -34.32
N LYS C 28 31.05 -26.21 -34.70
CA LYS C 28 30.28 -25.28 -33.90
C LYS C 28 28.94 -25.03 -34.56
N VAL C 29 27.88 -25.06 -33.77
CA VAL C 29 26.53 -24.80 -34.25
C VAL C 29 26.29 -23.29 -34.23
N THR C 30 25.92 -22.74 -35.38
CA THR C 30 25.64 -21.31 -35.49
C THR C 30 24.18 -21.06 -35.15
N VAL C 31 23.95 -20.24 -34.12
CA VAL C 31 22.60 -19.92 -33.65
C VAL C 31 22.38 -18.44 -33.89
N ARG C 32 21.37 -18.12 -34.70
CA ARG C 32 20.95 -16.74 -34.91
C ARG C 32 19.94 -16.36 -33.85
N VAL C 33 20.17 -15.25 -33.16
CA VAL C 33 19.32 -14.80 -32.07
C VAL C 33 18.77 -13.44 -32.43
N GLY C 34 17.44 -13.34 -32.50
CA GLY C 34 16.79 -12.07 -32.69
C GLY C 34 15.61 -11.95 -31.74
N LEU C 35 15.26 -10.71 -31.43
CA LEU C 35 14.19 -10.42 -30.48
C LEU C 35 13.13 -9.59 -31.16
N THR C 36 11.87 -9.97 -30.94
CA THR C 36 10.71 -9.21 -31.40
C THR C 36 9.94 -8.74 -30.18
N LEU C 37 9.64 -7.45 -30.13
CA LEU C 37 8.97 -6.86 -28.98
C LEU C 37 7.50 -6.65 -29.32
N THR C 38 6.62 -7.35 -28.61
CA THR C 38 5.19 -7.15 -28.76
C THR C 38 4.61 -6.16 -27.77
N ASN C 39 5.24 -6.02 -26.60
CA ASN C 39 4.78 -5.05 -25.62
C ASN C 39 5.82 -4.83 -24.54
N LEU C 40 6.22 -3.57 -24.34
CA LEU C 40 6.99 -3.19 -23.17
C LEU C 40 5.99 -2.91 -22.06
N LEU C 41 5.85 -3.86 -21.13
CA LEU C 41 4.74 -3.81 -20.19
C LEU C 41 5.01 -2.82 -19.07
N ILE C 42 6.04 -3.05 -18.29
CA ILE C 42 6.30 -2.27 -17.09
C ILE C 42 7.80 -2.00 -17.00
N LEU C 43 8.14 -0.83 -16.49
CA LEU C 43 9.49 -0.53 -16.02
C LEU C 43 9.34 -0.17 -14.55
N ASN C 44 9.36 -1.17 -13.69
CA ASN C 44 9.17 -0.99 -12.26
C ASN C 44 10.44 -0.37 -11.68
N GLU C 45 10.36 0.89 -11.29
CA GLU C 45 11.53 1.60 -10.81
C GLU C 45 11.93 1.19 -9.40
N LYS C 46 10.98 0.77 -8.56
CA LYS C 46 11.31 0.42 -7.19
C LYS C 46 12.19 -0.81 -7.13
N ILE C 47 11.79 -1.89 -7.81
CA ILE C 47 12.61 -3.10 -7.85
C ILE C 47 13.60 -3.08 -9.00
N GLU C 48 13.54 -2.09 -9.89
CA GLU C 48 14.51 -1.92 -10.96
C GLU C 48 14.50 -3.13 -11.90
N GLU C 49 13.33 -3.40 -12.47
CA GLU C 49 13.20 -4.45 -13.46
C GLU C 49 12.25 -4.00 -14.56
N MET C 50 12.46 -4.53 -15.75
CA MET C 50 11.63 -4.24 -16.91
C MET C 50 10.90 -5.51 -17.32
N THR C 51 9.58 -5.42 -17.44
CA THR C 51 8.77 -6.55 -17.87
C THR C 51 8.39 -6.35 -19.33
N THR C 52 8.68 -7.33 -20.16
CA THR C 52 8.43 -7.25 -21.59
C THR C 52 7.79 -8.53 -22.09
N ASN C 53 6.96 -8.38 -23.12
CA ASN C 53 6.36 -9.49 -23.84
C ASN C 53 7.10 -9.58 -25.18
N VAL C 54 7.90 -10.63 -25.35
CA VAL C 54 8.81 -10.73 -26.48
C VAL C 54 8.68 -12.08 -27.15
N PHE C 55 9.02 -12.12 -28.43
CA PHE C 55 9.30 -13.35 -29.16
C PHE C 55 10.80 -13.47 -29.33
N LEU C 56 11.33 -14.66 -29.14
CA LEU C 56 12.76 -14.92 -29.24
C LEU C 56 13.00 -15.68 -30.55
N ASN C 57 13.42 -14.98 -31.59
CA ASN C 57 13.62 -15.59 -32.90
C ASN C 57 14.96 -16.32 -32.91
N LEU C 58 14.92 -17.65 -32.82
CA LEU C 58 16.11 -18.47 -32.84
C LEU C 58 16.16 -19.27 -34.13
N ALA C 59 17.37 -19.54 -34.60
CA ALA C 59 17.56 -20.30 -35.83
C ALA C 59 18.90 -21.02 -35.77
N TRP C 60 18.91 -22.27 -36.21
CA TRP C 60 20.14 -23.05 -36.27
C TRP C 60 19.93 -24.18 -37.27
N THR C 61 20.98 -24.96 -37.50
CA THR C 61 20.96 -26.05 -38.45
C THR C 61 21.26 -27.36 -37.73
N ASP C 62 20.40 -28.35 -37.92
CA ASP C 62 20.57 -29.68 -37.36
C ASP C 62 20.68 -30.65 -38.52
N TYR C 63 21.91 -31.13 -38.79
CA TYR C 63 22.13 -32.00 -39.92
C TYR C 63 21.36 -33.31 -39.79
N ARG C 64 20.99 -33.71 -38.58
CA ARG C 64 20.27 -34.96 -38.40
C ARG C 64 18.84 -34.87 -38.88
N LEU C 65 18.27 -33.67 -38.95
CA LEU C 65 16.89 -33.48 -39.41
C LEU C 65 16.87 -33.10 -40.88
N GLN C 66 17.36 -34.01 -41.72
CA GLN C 66 17.39 -33.82 -43.16
C GLN C 66 16.64 -34.96 -43.83
N TRP C 67 15.94 -34.63 -44.92
CA TRP C 67 15.21 -35.64 -45.68
C TRP C 67 14.99 -35.11 -47.08
N ASP C 68 14.65 -36.03 -47.98
CA ASP C 68 14.37 -35.67 -49.36
C ASP C 68 12.87 -35.46 -49.52
N PRO C 69 12.40 -34.25 -49.84
CA PRO C 69 10.96 -34.03 -49.94
C PRO C 69 10.28 -34.93 -50.97
N ALA C 70 10.97 -35.25 -52.07
CA ALA C 70 10.35 -36.03 -53.13
C ALA C 70 9.99 -37.43 -52.65
N ALA C 71 10.69 -37.95 -51.64
CA ALA C 71 10.46 -39.30 -51.15
C ALA C 71 9.34 -39.36 -50.11
N TYR C 72 8.75 -38.23 -49.74
CA TYR C 72 7.73 -38.16 -48.72
C TYR C 72 6.56 -37.31 -49.19
N GLU C 73 6.14 -37.51 -50.44
CA GLU C 73 5.00 -36.81 -51.01
C GLU C 73 5.19 -35.30 -50.94
N GLY C 74 6.42 -34.85 -51.18
CA GLY C 74 6.68 -33.42 -51.29
C GLY C 74 6.59 -32.64 -50.02
N ILE C 75 6.77 -33.28 -48.86
CA ILE C 75 6.77 -32.55 -47.59
C ILE C 75 8.08 -31.78 -47.49
N LYS C 76 7.98 -30.47 -47.28
CA LYS C 76 9.16 -29.61 -47.26
C LYS C 76 9.51 -29.07 -45.88
N ASP C 77 8.59 -29.12 -44.93
CA ASP C 77 8.90 -28.65 -43.58
C ASP C 77 7.85 -29.19 -42.62
N LEU C 78 8.28 -29.39 -41.38
CA LEU C 78 7.43 -29.98 -40.35
C LEU C 78 7.39 -29.05 -39.14
N ARG C 79 6.27 -29.08 -38.45
CA ARG C 79 6.15 -28.47 -37.13
C ARG C 79 6.27 -29.57 -36.10
N ILE C 80 7.26 -29.45 -35.22
CA ILE C 80 7.59 -30.50 -34.27
C ILE C 80 7.60 -29.87 -32.88
N PRO C 81 7.11 -30.54 -31.84
CA PRO C 81 7.20 -29.98 -30.49
C PRO C 81 8.66 -29.70 -30.13
N SER C 82 8.87 -28.57 -29.46
CA SER C 82 10.23 -28.12 -29.21
C SER C 82 11.02 -29.13 -28.39
N SER C 83 10.34 -29.92 -27.56
CA SER C 83 11.02 -30.86 -26.69
C SER C 83 11.54 -32.08 -27.41
N ASP C 84 11.16 -32.29 -28.68
CA ASP C 84 11.63 -33.45 -29.42
C ASP C 84 12.95 -33.22 -30.14
N VAL C 85 13.41 -31.98 -30.24
CA VAL C 85 14.64 -31.66 -30.95
C VAL C 85 15.59 -30.96 -30.00
N TRP C 86 16.87 -31.09 -30.30
CA TRP C 86 17.87 -30.31 -29.57
C TRP C 86 17.67 -28.83 -29.86
N GLN C 87 17.71 -28.01 -28.82
CA GLN C 87 17.76 -26.58 -29.00
C GLN C 87 18.82 -25.99 -28.09
N PRO C 88 19.44 -24.89 -28.48
CA PRO C 88 20.41 -24.25 -27.59
C PRO C 88 19.71 -23.63 -26.41
N ASP C 89 20.32 -23.76 -25.23
CA ASP C 89 19.73 -23.24 -24.01
C ASP C 89 19.88 -21.73 -23.96
N ILE C 90 19.28 -21.06 -24.94
CA ILE C 90 19.35 -19.61 -25.01
C ILE C 90 18.43 -19.04 -23.94
N VAL C 91 18.99 -18.27 -23.01
CA VAL C 91 18.27 -17.78 -21.86
C VAL C 91 18.55 -16.30 -21.69
N LEU C 92 17.71 -15.64 -20.91
CA LEU C 92 17.93 -14.25 -20.52
C LEU C 92 18.78 -14.26 -19.25
N MET C 93 20.05 -13.88 -19.39
CA MET C 93 20.99 -14.05 -18.28
C MET C 93 20.71 -13.05 -17.16
N ASN C 94 20.22 -11.86 -17.47
CA ASN C 94 20.03 -10.81 -16.47
C ASN C 94 18.56 -10.69 -16.06
N ASN C 95 17.86 -11.80 -15.95
CA ASN C 95 16.52 -11.77 -15.39
C ASN C 95 16.56 -11.37 -13.92
N ASN C 96 15.49 -10.69 -13.48
CA ASN C 96 15.39 -10.27 -12.10
C ASN C 96 14.84 -11.36 -11.19
N ASP C 97 13.87 -12.12 -11.67
CA ASP C 97 13.42 -13.30 -10.96
C ASP C 97 14.29 -14.48 -11.38
N GLY C 98 13.89 -15.69 -11.02
CA GLY C 98 14.65 -16.85 -11.40
C GLY C 98 14.32 -17.43 -12.76
N SER C 99 13.43 -16.79 -13.52
CA SER C 99 12.99 -17.32 -14.81
C SER C 99 14.05 -17.02 -15.86
N PHE C 100 14.80 -18.04 -16.25
CA PHE C 100 15.79 -17.94 -17.31
C PHE C 100 15.20 -18.28 -18.67
N GLU C 101 14.33 -19.27 -18.71
CA GLU C 101 13.86 -19.84 -19.96
C GLU C 101 12.57 -19.16 -20.44
N ILE C 102 12.18 -19.52 -21.65
CA ILE C 102 10.96 -19.02 -22.28
C ILE C 102 9.74 -19.50 -21.49
N THR C 103 8.59 -18.90 -21.78
CA THR C 103 7.32 -19.33 -21.19
C THR C 103 6.53 -20.25 -22.12
N LEU C 104 6.41 -19.87 -23.39
CA LEU C 104 5.60 -20.59 -24.35
C LEU C 104 6.50 -21.42 -25.24
N HIS C 105 6.32 -22.74 -25.22
CA HIS C 105 7.15 -23.67 -25.98
C HIS C 105 6.45 -24.03 -27.27
N VAL C 106 6.48 -23.09 -28.21
CA VAL C 106 5.83 -23.31 -29.50
C VAL C 106 6.55 -24.43 -30.24
N ASN C 107 5.88 -24.95 -31.26
CA ASN C 107 6.50 -25.95 -32.12
C ASN C 107 7.63 -25.32 -32.92
N VAL C 108 8.71 -26.06 -33.10
CA VAL C 108 9.79 -25.64 -33.97
C VAL C 108 9.42 -25.96 -35.41
N LEU C 109 9.91 -25.14 -36.33
CA LEU C 109 9.75 -25.39 -37.75
C LEU C 109 11.06 -25.98 -38.26
N VAL C 110 11.00 -27.18 -38.84
CA VAL C 110 12.16 -27.86 -39.37
C VAL C 110 11.97 -27.99 -40.87
N GLN C 111 12.92 -27.45 -41.63
CA GLN C 111 12.90 -27.56 -43.08
C GLN C 111 13.76 -28.76 -43.50
N HIS C 112 13.53 -29.22 -44.73
CA HIS C 112 14.16 -30.45 -45.18
C HIS C 112 15.67 -30.34 -45.28
N THR C 113 16.23 -29.13 -45.22
CA THR C 113 17.67 -28.95 -45.25
C THR C 113 18.30 -29.00 -43.86
N GLY C 114 17.50 -29.26 -42.83
CA GLY C 114 17.99 -29.26 -41.47
C GLY C 114 17.86 -27.94 -40.75
N ALA C 115 17.49 -26.87 -41.46
CA ALA C 115 17.36 -25.57 -40.81
C ALA C 115 16.18 -25.59 -39.84
N VAL C 116 16.44 -25.19 -38.60
CA VAL C 116 15.43 -25.20 -37.54
C VAL C 116 15.22 -23.76 -37.10
N SER C 117 13.97 -23.34 -37.06
CA SER C 117 13.60 -22.01 -36.59
C SER C 117 12.63 -22.14 -35.43
N TRP C 118 12.84 -21.35 -34.40
CA TRP C 118 12.04 -21.42 -33.18
C TRP C 118 11.77 -20.00 -32.71
N GLN C 119 10.50 -19.69 -32.44
CA GLN C 119 10.09 -18.36 -32.04
C GLN C 119 9.19 -18.45 -30.80
N PRO C 120 9.75 -18.90 -29.69
CA PRO C 120 8.96 -18.99 -28.46
C PRO C 120 8.70 -17.62 -27.86
N SER C 121 7.52 -17.48 -27.26
CA SER C 121 7.15 -16.26 -26.57
C SER C 121 7.56 -16.34 -25.11
N ALA C 122 7.71 -15.18 -24.48
CA ALA C 122 8.12 -15.14 -23.09
C ALA C 122 7.70 -13.81 -22.48
N ILE C 123 7.49 -13.83 -21.17
CA ILE C 123 7.29 -12.60 -20.41
C ILE C 123 8.49 -12.44 -19.50
N TYR C 124 9.50 -11.75 -20.00
CA TYR C 124 10.77 -11.59 -19.30
C TYR C 124 10.76 -10.40 -18.36
N ARG C 125 11.29 -10.64 -17.16
CA ARG C 125 11.53 -9.59 -16.18
C ARG C 125 13.05 -9.47 -16.06
N SER C 126 13.60 -8.46 -16.71
CA SER C 126 15.04 -8.24 -16.76
C SER C 126 15.42 -7.09 -15.84
N SER C 127 16.54 -7.25 -15.13
CA SER C 127 16.99 -6.21 -14.23
C SER C 127 17.52 -5.03 -15.03
N CYS C 128 17.08 -3.83 -14.69
CA CYS C 128 17.50 -2.60 -15.33
C CYS C 128 18.01 -1.65 -14.27
N THR C 129 19.27 -1.24 -14.39
CA THR C 129 19.82 -0.24 -13.49
C THR C 129 19.25 1.13 -13.84
N ILE C 130 18.54 1.74 -12.90
CA ILE C 130 17.82 2.97 -13.15
C ILE C 130 18.70 4.15 -12.77
N LYS C 131 18.86 5.09 -13.70
CA LYS C 131 19.56 6.34 -13.42
C LYS C 131 18.53 7.35 -12.93
N VAL C 132 18.55 7.63 -11.62
CA VAL C 132 17.50 8.43 -11.00
C VAL C 132 17.78 9.93 -11.08
N MET C 133 18.88 10.34 -11.68
CA MET C 133 19.32 11.72 -11.54
C MET C 133 18.28 12.70 -12.06
N TYR C 134 17.65 12.38 -13.20
CA TYR C 134 16.72 13.30 -13.85
C TYR C 134 15.27 12.86 -13.74
N PHE C 135 14.98 11.91 -12.86
CA PHE C 135 13.60 11.45 -12.71
C PHE C 135 12.72 12.64 -12.36
N PRO C 136 11.56 12.82 -13.01
CA PRO C 136 10.93 12.00 -14.05
C PRO C 136 11.25 12.43 -15.48
N PHE C 137 12.15 13.39 -15.66
CA PHE C 137 12.58 13.79 -16.99
C PHE C 137 13.81 13.01 -17.44
N ASP C 138 13.71 11.69 -17.34
CA ASP C 138 14.84 10.80 -17.53
C ASP C 138 14.59 9.84 -18.69
N TRP C 139 15.68 9.36 -19.26
CA TRP C 139 15.67 8.30 -20.24
C TRP C 139 16.47 7.14 -19.68
N GLN C 140 15.94 5.93 -19.79
CA GLN C 140 16.58 4.75 -19.23
C GLN C 140 17.21 3.93 -20.33
N ASN C 141 18.23 3.16 -19.96
CA ASN C 141 19.00 2.35 -20.90
C ASN C 141 18.91 0.91 -20.38
N CYS C 142 17.85 0.20 -20.76
CA CYS C 142 17.58 -1.14 -20.28
C CYS C 142 18.05 -2.15 -21.32
N THR C 143 18.71 -3.20 -20.86
CA THR C 143 19.30 -4.19 -21.74
C THR C 143 18.73 -5.56 -21.44
N MET C 144 18.79 -6.44 -22.44
CA MET C 144 18.38 -7.83 -22.31
C MET C 144 19.50 -8.70 -22.84
N VAL C 145 20.20 -9.39 -21.96
CA VAL C 145 21.39 -10.14 -22.32
C VAL C 145 20.99 -11.58 -22.56
N PHE C 146 21.18 -12.05 -23.79
CA PHE C 146 20.82 -13.41 -24.18
C PHE C 146 22.08 -14.18 -24.53
N LYS C 147 22.21 -15.38 -23.99
CA LYS C 147 23.29 -16.27 -24.36
C LYS C 147 22.88 -17.68 -24.01
N SER C 148 23.59 -18.65 -24.58
CA SER C 148 23.36 -20.04 -24.24
C SER C 148 23.87 -20.29 -22.83
N TYR C 149 22.98 -20.72 -21.93
CA TYR C 149 23.41 -21.00 -20.56
C TYR C 149 24.41 -22.15 -20.54
N THR C 150 24.19 -23.16 -21.37
CA THR C 150 25.02 -24.36 -21.36
C THR C 150 26.27 -24.21 -22.22
N TYR C 151 26.09 -23.98 -23.52
CA TYR C 151 27.19 -24.05 -24.47
C TYR C 151 27.93 -22.73 -24.57
N ASP C 152 29.25 -22.81 -24.65
CA ASP C 152 30.10 -21.64 -24.78
C ASP C 152 30.52 -21.47 -26.24
N THR C 153 31.40 -20.50 -26.47
CA THR C 153 31.82 -20.18 -27.83
C THR C 153 32.51 -21.36 -28.51
N SER C 154 33.05 -22.30 -27.73
CA SER C 154 33.68 -23.47 -28.31
C SER C 154 32.66 -24.46 -28.88
N GLU C 155 31.38 -24.25 -28.64
CA GLU C 155 30.33 -25.18 -29.06
C GLU C 155 29.27 -24.53 -29.93
N VAL C 156 28.86 -23.31 -29.61
CA VAL C 156 27.83 -22.60 -30.38
C VAL C 156 28.34 -21.21 -30.71
N THR C 157 27.99 -20.72 -31.90
CA THR C 157 28.39 -19.40 -32.38
C THR C 157 27.14 -18.56 -32.52
N LEU C 158 26.92 -17.65 -31.58
CA LEU C 158 25.75 -16.78 -31.64
C LEU C 158 25.91 -15.74 -32.72
N GLN C 159 24.86 -15.52 -33.50
CA GLN C 159 24.85 -14.55 -34.58
C GLN C 159 23.57 -13.72 -34.48
N HIS C 160 23.44 -12.74 -35.37
CA HIS C 160 22.25 -11.93 -35.44
C HIS C 160 21.23 -12.58 -36.36
N ALA C 161 19.96 -12.29 -36.11
CA ALA C 161 18.88 -12.85 -36.91
C ALA C 161 18.78 -12.12 -38.24
N LEU C 162 18.29 -12.84 -39.25
CA LEU C 162 18.12 -12.27 -40.57
C LEU C 162 16.73 -11.66 -40.73
N ASP C 163 16.60 -10.75 -41.68
CA ASP C 163 15.32 -10.14 -41.98
C ASP C 163 14.43 -11.13 -42.72
N ALA C 164 13.22 -10.68 -43.09
CA ALA C 164 12.28 -11.58 -43.76
C ALA C 164 12.90 -12.18 -45.00
N LYS C 165 13.47 -11.35 -45.87
CA LYS C 165 14.27 -11.81 -47.00
C LYS C 165 15.68 -12.02 -46.46
N GLY C 166 16.04 -13.29 -46.24
CA GLY C 166 17.23 -13.59 -45.47
C GLY C 166 18.51 -13.25 -46.19
N GLU C 167 18.76 -11.96 -46.41
CA GLU C 167 19.96 -11.47 -47.06
C GLU C 167 20.80 -10.56 -46.20
N ARG C 168 20.24 -9.95 -45.16
CA ARG C 168 20.97 -9.02 -44.32
C ARG C 168 20.54 -9.19 -42.87
N GLU C 169 21.51 -9.08 -41.97
CA GLU C 169 21.25 -9.28 -40.55
C GLU C 169 20.45 -8.10 -39.98
N VAL C 170 19.66 -8.39 -38.95
CA VAL C 170 18.85 -7.40 -38.27
C VAL C 170 19.53 -7.13 -36.93
N LYS C 171 20.28 -6.04 -36.84
CA LYS C 171 20.96 -5.67 -35.62
C LYS C 171 20.12 -4.68 -34.81
N GLU C 172 18.90 -5.11 -34.49
CA GLU C 172 17.98 -4.28 -33.74
C GLU C 172 16.80 -5.14 -33.29
N ILE C 173 16.06 -4.63 -32.31
CA ILE C 173 14.82 -5.28 -31.90
C ILE C 173 13.77 -5.04 -32.98
N VAL C 174 13.07 -6.09 -33.35
CA VAL C 174 12.04 -6.01 -34.38
C VAL C 174 10.70 -5.73 -33.71
N ILE C 175 10.00 -4.70 -34.20
CA ILE C 175 8.70 -4.32 -33.69
C ILE C 175 7.69 -4.47 -34.82
N ASN C 176 6.63 -5.24 -34.57
CA ASN C 176 5.60 -5.49 -35.57
C ASN C 176 4.45 -4.54 -35.32
N LYS C 177 4.19 -3.65 -36.29
CA LYS C 177 3.15 -2.66 -36.12
C LYS C 177 1.78 -3.30 -35.89
N ASP C 178 1.53 -4.45 -36.53
CA ASP C 178 0.26 -5.13 -36.33
C ASP C 178 0.09 -5.57 -34.88
N ALA C 179 1.16 -6.10 -34.27
CA ALA C 179 1.14 -6.57 -32.90
C ALA C 179 2.17 -5.79 -32.10
N PHE C 180 1.78 -4.62 -31.62
CA PHE C 180 2.63 -3.86 -30.71
C PHE C 180 1.82 -2.77 -30.04
N THR C 181 1.91 -2.69 -28.71
CA THR C 181 1.20 -1.70 -27.93
C THR C 181 2.21 -0.72 -27.35
N GLU C 182 2.02 0.56 -27.62
CA GLU C 182 2.87 1.59 -27.02
C GLU C 182 2.62 1.65 -25.53
N ASN C 183 3.68 1.90 -24.76
CA ASN C 183 3.57 1.87 -23.32
C ASN C 183 2.62 2.94 -22.81
N GLY C 184 2.70 4.15 -23.35
CA GLY C 184 1.95 5.28 -22.87
C GLY C 184 2.65 6.08 -21.80
N GLN C 185 3.65 5.51 -21.14
CA GLN C 185 4.53 6.25 -20.24
C GLN C 185 5.96 6.30 -20.72
N TRP C 186 6.35 5.42 -21.63
CA TRP C 186 7.70 5.38 -22.17
C TRP C 186 7.63 5.36 -23.69
N SER C 187 8.53 6.11 -24.32
CA SER C 187 8.69 6.09 -25.77
C SER C 187 10.03 5.45 -26.09
N ILE C 188 10.03 4.53 -27.04
CA ILE C 188 11.25 3.84 -27.45
C ILE C 188 12.01 4.75 -28.41
N GLU C 189 13.22 5.12 -28.04
CA GLU C 189 14.06 5.98 -28.86
C GLU C 189 15.02 5.18 -29.73
N HIS C 190 15.74 4.23 -29.15
CA HIS C 190 16.66 3.38 -29.89
C HIS C 190 16.46 1.94 -29.45
N LYS C 191 16.75 1.01 -30.34
CA LYS C 191 16.63 -0.40 -29.99
C LYS C 191 17.67 -1.21 -30.73
N PRO C 192 18.95 -0.97 -30.51
CA PRO C 192 20.00 -1.72 -31.20
C PRO C 192 20.22 -3.09 -30.58
N SER C 193 20.97 -3.92 -31.30
CA SER C 193 21.39 -5.22 -30.84
C SER C 193 22.87 -5.38 -31.14
N ARG C 194 23.59 -6.05 -30.25
CA ARG C 194 25.03 -6.15 -30.42
C ARG C 194 25.56 -7.40 -29.73
N LYS C 195 26.54 -8.04 -30.35
CA LYS C 195 27.23 -9.16 -29.75
C LYS C 195 28.36 -8.64 -28.87
N ASN C 196 28.43 -9.14 -27.64
CA ASN C 196 29.43 -8.71 -26.68
C ASN C 196 30.32 -9.88 -26.29
N TRP C 197 31.62 -9.62 -26.20
CA TRP C 197 32.59 -10.57 -25.70
C TRP C 197 33.14 -10.08 -24.38
N ARG C 198 34.12 -10.83 -23.86
CA ARG C 198 34.82 -10.43 -22.65
C ARG C 198 36.30 -10.73 -22.86
N SER C 199 37.14 -9.69 -22.75
CA SER C 199 38.56 -9.87 -23.00
C SER C 199 39.19 -10.81 -21.97
N ASP C 200 38.63 -10.90 -20.78
CA ASP C 200 39.13 -11.78 -19.73
C ASP C 200 38.49 -13.16 -19.77
N ASP C 201 37.70 -13.45 -20.79
CA ASP C 201 36.98 -14.73 -20.88
C ASP C 201 36.72 -15.02 -22.37
N PRO C 202 37.59 -15.79 -23.02
CA PRO C 202 37.39 -16.04 -24.45
C PRO C 202 36.25 -16.99 -24.76
N SER C 203 35.69 -17.66 -23.76
CA SER C 203 34.59 -18.59 -23.96
C SER C 203 33.23 -17.93 -23.77
N TYR C 204 33.20 -16.62 -23.59
CA TYR C 204 31.96 -15.90 -23.32
C TYR C 204 31.55 -15.13 -24.56
N GLU C 205 30.27 -15.23 -24.92
CA GLU C 205 29.71 -14.43 -26.01
C GLU C 205 28.20 -14.40 -25.83
N ASP C 206 27.61 -13.22 -25.98
CA ASP C 206 26.18 -13.07 -25.84
C ASP C 206 25.69 -12.05 -26.84
N VAL C 207 24.39 -12.09 -27.11
CA VAL C 207 23.72 -11.10 -27.94
C VAL C 207 22.86 -10.26 -27.01
N THR C 208 23.12 -8.96 -26.97
CA THR C 208 22.43 -8.05 -26.07
C THR C 208 21.54 -7.13 -26.88
N PHE C 209 20.31 -6.94 -26.40
CA PHE C 209 19.35 -6.04 -27.03
C PHE C 209 19.13 -4.87 -26.09
N TYR C 210 19.33 -3.66 -26.59
CA TYR C 210 19.23 -2.46 -25.79
C TYR C 210 17.94 -1.73 -26.11
N LEU C 211 17.28 -1.23 -25.07
CA LEU C 211 16.07 -0.42 -25.21
C LEU C 211 16.36 0.93 -24.57
N ILE C 212 16.65 1.92 -25.40
CA ILE C 212 16.86 3.29 -24.92
C ILE C 212 15.50 3.97 -24.95
N ILE C 213 14.88 4.08 -23.78
CA ILE C 213 13.52 4.56 -23.66
C ILE C 213 13.53 5.89 -22.92
N GLN C 214 12.58 6.75 -23.26
CA GLN C 214 12.44 8.06 -22.64
C GLN C 214 11.08 8.15 -21.97
N ARG C 215 11.07 8.67 -20.75
CA ARG C 215 9.83 8.77 -20.00
C ARG C 215 9.02 9.98 -20.44
N LYS C 216 7.71 9.83 -20.43
CA LYS C 216 6.80 10.93 -20.70
C LYS C 216 6.31 11.46 -19.35
N PRO C 217 6.76 12.62 -18.90
CA PRO C 217 6.54 13.03 -17.50
C PRO C 217 5.25 13.80 -17.22
N LEU C 218 4.26 13.77 -18.12
CA LEU C 218 3.07 14.57 -17.90
C LEU C 218 2.39 14.23 -16.58
N PHE C 219 2.30 12.94 -16.25
CA PHE C 219 1.70 12.54 -14.99
C PHE C 219 2.41 13.20 -13.82
N TYR C 220 3.73 13.06 -13.75
CA TYR C 220 4.48 13.61 -12.63
C TYR C 220 4.38 15.12 -12.60
N ILE C 221 4.47 15.77 -13.76
CA ILE C 221 4.29 17.22 -13.80
C ILE C 221 2.96 17.58 -13.15
N VAL C 222 1.86 17.08 -13.72
CA VAL C 222 0.53 17.52 -13.30
C VAL C 222 0.32 17.23 -11.81
N TYR C 223 0.80 16.09 -11.33
CA TYR C 223 0.44 15.64 -9.99
C TYR C 223 1.47 15.96 -8.91
N THR C 224 2.63 16.49 -9.27
CA THR C 224 3.58 16.86 -8.23
C THR C 224 4.15 18.26 -8.40
N ILE C 225 4.43 18.70 -9.62
CA ILE C 225 5.24 19.89 -9.80
C ILE C 225 4.39 21.15 -9.70
N ILE C 226 3.26 21.18 -10.41
CA ILE C 226 2.39 22.35 -10.36
C ILE C 226 1.86 22.60 -8.97
N PRO C 227 1.37 21.61 -8.22
CA PRO C 227 0.97 21.88 -6.83
C PRO C 227 2.09 22.48 -6.00
N CYS C 228 3.32 22.00 -6.18
CA CYS C 228 4.43 22.58 -5.44
C CYS C 228 4.73 24.01 -5.91
N ILE C 229 4.47 24.31 -7.18
CA ILE C 229 4.61 25.68 -7.64
C ILE C 229 3.59 26.58 -6.96
N LEU C 230 2.36 26.08 -6.80
CA LEU C 230 1.35 26.86 -6.07
C LEU C 230 1.78 27.06 -4.62
N ILE C 231 2.33 26.03 -4.00
CA ILE C 231 2.80 26.15 -2.62
C ILE C 231 3.91 27.20 -2.53
N SER C 232 4.83 27.18 -3.49
CA SER C 232 5.90 28.18 -3.48
C SER C 232 5.33 29.58 -3.68
N ILE C 233 4.27 29.71 -4.48
CA ILE C 233 3.62 31.00 -4.63
C ILE C 233 3.06 31.47 -3.30
N LEU C 234 2.43 30.57 -2.54
CA LEU C 234 1.94 30.94 -1.22
C LEU C 234 3.09 31.36 -0.30
N ALA C 235 4.21 30.64 -0.38
CA ALA C 235 5.36 30.98 0.45
C ALA C 235 5.87 32.38 0.12
N ILE C 236 5.88 32.74 -1.17
CA ILE C 236 6.24 34.10 -1.54
C ILE C 236 5.22 35.09 -0.98
N LEU C 237 3.94 34.74 -1.08
CA LEU C 237 2.88 35.63 -0.63
C LEU C 237 3.03 36.00 0.83
N VAL C 238 3.43 35.05 1.67
CA VAL C 238 3.40 35.25 3.11
C VAL C 238 4.09 36.57 3.50
N PHE C 239 4.96 37.07 2.63
CA PHE C 239 5.67 38.31 2.89
C PHE C 239 4.89 39.55 2.47
N TYR C 240 3.73 39.37 1.85
CA TYR C 240 2.87 40.51 1.56
C TYR C 240 1.83 40.73 2.64
N LEU C 241 1.53 39.70 3.43
CA LEU C 241 0.56 39.85 4.51
C LEU C 241 1.09 40.82 5.55
N PRO C 242 0.24 41.65 6.12
CA PRO C 242 0.67 42.50 7.23
C PRO C 242 0.82 41.69 8.49
N PRO C 243 1.77 42.04 9.36
CA PRO C 243 1.91 41.28 10.61
C PRO C 243 0.66 41.30 11.47
N ASP C 244 -0.13 42.36 11.40
CA ASP C 244 -1.34 42.45 12.22
C ASP C 244 -2.40 41.44 11.80
N ALA C 245 -2.30 40.87 10.60
CA ALA C 245 -3.31 39.93 10.15
C ALA C 245 -3.41 38.72 11.08
N GLY C 246 -2.32 38.37 11.76
CA GLY C 246 -2.33 37.21 12.60
C GLY C 246 -2.43 35.91 11.85
N GLU C 247 -1.99 35.87 10.60
CA GLU C 247 -2.12 34.69 9.74
C GLU C 247 -0.84 34.40 8.98
N LYS C 248 0.28 34.99 9.40
CA LYS C 248 1.54 34.76 8.69
C LYS C 248 2.06 33.35 8.95
N MET C 249 2.09 32.93 10.22
CA MET C 249 2.52 31.58 10.55
C MET C 249 1.59 30.54 9.95
N SER C 250 0.27 30.78 10.00
CA SER C 250 -0.65 29.82 9.42
C SER C 250 -0.28 29.55 7.96
N LEU C 251 -0.09 30.60 7.17
CA LEU C 251 0.19 30.43 5.75
C LEU C 251 1.53 29.75 5.54
N SER C 252 2.59 30.25 6.17
CA SER C 252 3.92 29.70 5.92
C SER C 252 3.98 28.23 6.36
N ILE C 253 3.42 27.92 7.52
CA ILE C 253 3.46 26.56 8.04
C ILE C 253 2.60 25.63 7.20
N SER C 254 1.45 26.11 6.71
CA SER C 254 0.65 25.29 5.82
C SER C 254 1.43 24.95 4.55
N ALA C 255 2.13 25.94 3.99
CA ALA C 255 2.95 25.66 2.82
C ALA C 255 4.02 24.64 3.13
N LEU C 256 4.69 24.78 4.27
CA LEU C 256 5.76 23.85 4.63
C LEU C 256 5.22 22.44 4.77
N LEU C 257 4.10 22.28 5.48
CA LEU C 257 3.54 20.94 5.66
C LEU C 257 3.05 20.37 4.33
N ALA C 258 2.50 21.20 3.46
CA ALA C 258 2.05 20.71 2.17
C ALA C 258 3.21 20.16 1.35
N VAL C 259 4.32 20.91 1.28
CA VAL C 259 5.45 20.42 0.51
C VAL C 259 6.06 19.19 1.16
N THR C 260 6.08 19.13 2.49
CA THR C 260 6.59 17.94 3.15
C THR C 260 5.74 16.71 2.82
N VAL C 261 4.41 16.88 2.82
CA VAL C 261 3.52 15.77 2.47
C VAL C 261 3.75 15.35 1.03
N PHE C 262 3.94 16.32 0.14
CA PHE C 262 4.22 15.98 -1.25
C PHE C 262 5.49 15.17 -1.37
N LEU C 263 6.54 15.54 -0.65
CA LEU C 263 7.77 14.76 -0.66
C LEU C 263 7.54 13.36 -0.10
N LEU C 264 6.80 13.26 1.00
CA LEU C 264 6.56 11.96 1.61
C LEU C 264 5.81 11.03 0.65
N LEU C 265 4.81 11.56 -0.04
CA LEU C 265 4.03 10.72 -0.95
C LEU C 265 4.74 10.48 -2.27
N LEU C 266 5.68 11.34 -2.65
CA LEU C 266 6.52 11.08 -3.81
C LEU C 266 7.60 10.07 -3.51
N ALA C 267 7.96 9.89 -2.24
CA ALA C 267 8.95 8.88 -1.89
C ALA C 267 8.52 7.48 -2.31
N ASP C 268 7.22 7.27 -2.54
CA ASP C 268 6.76 5.96 -2.99
C ASP C 268 7.21 5.66 -4.42
N LYS C 269 7.15 6.65 -5.31
CA LYS C 269 7.33 6.41 -6.73
C LYS C 269 8.78 6.47 -7.20
N VAL C 270 9.64 7.19 -6.49
CA VAL C 270 11.04 7.30 -6.89
C VAL C 270 11.78 6.03 -6.50
N PRO C 271 12.88 5.67 -7.16
CA PRO C 271 13.66 4.52 -6.71
C PRO C 271 14.35 4.82 -5.39
N GLU C 272 14.79 3.74 -4.74
CA GLU C 272 15.42 3.83 -3.43
C GLU C 272 16.94 3.67 -3.51
N THR C 273 17.52 3.86 -4.68
CA THR C 273 18.97 3.85 -4.80
C THR C 273 19.56 5.15 -4.27
N SER C 274 20.80 5.07 -3.80
CA SER C 274 21.47 6.19 -3.16
C SER C 274 22.64 6.72 -3.97
N LEU C 275 22.66 6.46 -5.28
CA LEU C 275 23.73 6.95 -6.13
C LEU C 275 23.52 8.39 -6.55
N SER C 276 22.35 8.96 -6.34
CA SER C 276 22.06 10.34 -6.71
C SER C 276 20.68 10.70 -6.17
N VAL C 277 20.38 11.99 -6.20
CA VAL C 277 19.09 12.51 -5.76
C VAL C 277 18.33 12.95 -7.00
N PRO C 278 17.14 12.41 -7.28
CA PRO C 278 16.42 12.80 -8.49
C PRO C 278 16.10 14.28 -8.51
N ILE C 279 16.03 14.84 -9.72
CA ILE C 279 15.79 16.27 -9.88
C ILE C 279 14.47 16.68 -9.21
N ILE C 280 13.47 15.81 -9.24
CA ILE C 280 12.20 16.13 -8.60
C ILE C 280 12.38 16.25 -7.09
N ILE C 281 13.12 15.31 -6.49
CA ILE C 281 13.37 15.40 -5.05
C ILE C 281 14.22 16.61 -4.73
N ARG C 282 15.18 16.93 -5.61
CA ARG C 282 15.99 18.12 -5.38
C ARG C 282 15.14 19.38 -5.40
N TYR C 283 14.20 19.46 -6.34
CA TYR C 283 13.29 20.61 -6.39
C TYR C 283 12.41 20.67 -5.16
N LEU C 284 11.90 19.53 -4.71
CA LEU C 284 11.07 19.50 -3.52
C LEU C 284 11.85 19.94 -2.29
N MET C 285 13.10 19.48 -2.16
CA MET C 285 13.92 19.89 -1.03
C MET C 285 14.23 21.37 -1.10
N PHE C 286 14.51 21.88 -2.30
CA PHE C 286 14.74 23.32 -2.45
C PHE C 286 13.52 24.11 -1.99
N ILE C 287 12.33 23.69 -2.42
CA ILE C 287 11.12 24.40 -2.02
C ILE C 287 10.88 24.27 -0.53
N MET C 288 11.15 23.10 0.04
CA MET C 288 10.94 22.90 1.47
C MET C 288 11.87 23.79 2.28
N ILE C 289 13.14 23.89 1.88
CA ILE C 289 14.07 24.73 2.60
C ILE C 289 13.72 26.20 2.41
N LEU C 290 13.28 26.57 1.21
CA LEU C 290 12.86 27.96 0.99
C LEU C 290 11.66 28.31 1.87
N VAL C 291 10.70 27.39 2.00
CA VAL C 291 9.54 27.66 2.83
C VAL C 291 9.93 27.69 4.30
N ALA C 292 10.88 26.85 4.71
CA ALA C 292 11.35 26.90 6.09
C ALA C 292 12.01 28.23 6.39
N PHE C 293 12.83 28.73 5.46
CA PHE C 293 13.42 30.05 5.65
C PHE C 293 12.35 31.14 5.63
N SER C 294 11.30 30.94 4.84
CA SER C 294 10.18 31.87 4.87
C SER C 294 9.52 31.89 6.24
N VAL C 295 9.37 30.72 6.86
CA VAL C 295 8.84 30.65 8.22
C VAL C 295 9.75 31.40 9.18
N ILE C 296 11.05 31.17 9.08
CA ILE C 296 12.00 31.81 9.99
C ILE C 296 11.93 33.32 9.84
N LEU C 297 11.92 33.81 8.61
CA LEU C 297 11.91 35.25 8.37
C LEU C 297 10.57 35.86 8.75
N SER C 298 9.48 35.11 8.59
CA SER C 298 8.18 35.60 9.07
C SER C 298 8.18 35.72 10.58
N VAL C 299 8.80 34.76 11.28
CA VAL C 299 8.93 34.88 12.73
C VAL C 299 9.75 36.11 13.09
N VAL C 300 10.83 36.36 12.36
CA VAL C 300 11.65 37.53 12.64
C VAL C 300 10.85 38.81 12.41
N VAL C 301 10.08 38.87 11.33
CA VAL C 301 9.29 40.05 11.03
C VAL C 301 8.22 40.26 12.09
N LEU C 302 7.58 39.19 12.53
CA LEU C 302 6.58 39.29 13.58
C LEU C 302 7.22 39.79 14.87
N ASN C 303 8.41 39.30 15.19
CA ASN C 303 9.10 39.77 16.38
C ASN C 303 9.40 41.26 16.28
N LEU C 304 9.89 41.69 15.12
CA LEU C 304 10.20 43.11 14.95
C LEU C 304 8.95 43.96 15.06
N HIS C 305 7.84 43.49 14.51
CA HIS C 305 6.62 44.30 14.46
C HIS C 305 6.05 44.56 15.85
N HIS C 306 6.27 43.65 16.79
CA HIS C 306 5.62 43.70 18.09
C HIS C 306 6.50 44.31 19.17
N ARG C 307 7.63 44.88 18.81
CA ARG C 307 8.50 45.52 19.78
C ARG C 307 7.95 46.89 20.18
N SER C 308 8.48 47.43 21.26
CA SER C 308 8.05 48.73 21.76
C SER C 308 9.13 49.25 22.69
N PRO C 309 9.07 50.54 23.06
CA PRO C 309 10.06 51.08 24.01
C PRO C 309 10.09 50.35 25.33
N ASN C 310 8.95 49.82 25.78
CA ASN C 310 8.91 49.13 27.06
C ASN C 310 9.73 47.84 27.07
N THR C 311 10.14 47.35 25.91
CA THR C 311 10.82 46.06 25.84
C THR C 311 12.14 46.14 25.10
N HIS C 312 12.24 46.95 24.04
CA HIS C 312 13.43 46.99 23.21
C HIS C 312 13.84 48.44 22.97
N THR C 313 15.13 48.63 22.68
CA THR C 313 15.66 49.91 22.26
C THR C 313 16.25 49.72 20.87
N MET C 314 15.82 50.54 19.93
CA MET C 314 16.23 50.34 18.54
C MET C 314 17.71 50.69 18.38
N PRO C 315 18.55 49.76 17.94
CA PRO C 315 19.97 50.09 17.76
C PRO C 315 20.16 50.99 16.56
N ASN C 316 21.35 51.61 16.52
CA ASN C 316 21.63 52.58 15.47
C ASN C 316 21.62 51.94 14.08
N TRP C 317 22.19 50.75 13.95
CA TRP C 317 22.33 50.16 12.62
C TRP C 317 20.97 49.79 12.02
N ILE C 318 20.03 49.32 12.84
CA ILE C 318 18.71 49.00 12.32
C ILE C 318 18.03 50.25 11.78
N ARG C 319 18.12 51.35 12.52
CA ARG C 319 17.54 52.60 12.04
C ARG C 319 18.25 53.08 10.78
N GLN C 320 19.57 52.93 10.74
CA GLN C 320 20.33 53.38 9.58
C GLN C 320 19.94 52.62 8.32
N ILE C 321 19.75 51.31 8.44
CA ILE C 321 19.49 50.49 7.25
C ILE C 321 18.02 50.54 6.88
N PHE C 322 17.13 50.24 7.83
CA PHE C 322 15.74 49.95 7.50
C PHE C 322 14.84 51.18 7.54
N ILE C 323 15.31 52.32 8.01
CA ILE C 323 14.48 53.52 8.06
C ILE C 323 14.89 54.48 6.96
N GLU C 324 16.18 54.48 6.61
CA GLU C 324 16.74 55.49 5.73
C GLU C 324 17.17 54.95 4.37
N THR C 325 18.02 53.93 4.35
CA THR C 325 18.66 53.52 3.10
C THR C 325 17.78 52.59 2.26
N LEU C 326 17.23 51.54 2.85
CA LEU C 326 16.47 50.57 2.07
C LEU C 326 15.17 51.14 1.51
N PRO C 327 14.35 51.87 2.28
CA PRO C 327 13.01 52.20 1.81
C PRO C 327 13.03 52.94 0.49
N PRO C 328 13.98 53.85 0.26
CA PRO C 328 14.08 54.45 -1.08
C PRO C 328 14.28 53.42 -2.18
N PHE C 329 15.10 52.40 -1.93
CA PHE C 329 15.38 51.42 -2.96
C PHE C 329 14.21 50.48 -3.18
N LEU C 330 13.45 50.19 -2.13
CA LEU C 330 12.32 49.28 -2.22
C LEU C 330 11.03 49.97 -2.62
N TRP C 331 11.05 51.28 -2.87
CA TRP C 331 9.86 52.03 -3.24
C TRP C 331 8.75 51.84 -2.21
N ILE C 332 9.13 51.96 -0.94
CA ILE C 332 8.21 51.70 0.16
C ILE C 332 8.20 52.90 1.11
N GLN C 333 8.43 54.09 0.57
CA GLN C 333 8.45 55.30 1.36
C GLN C 333 7.13 55.48 2.11
N ARG C 334 7.21 56.01 3.32
CA ARG C 334 6.02 56.25 4.13
C ARG C 334 5.65 57.73 4.15
N PRO C 398 -9.77 79.31 45.50
CA PRO C 398 -10.54 78.12 45.10
C PRO C 398 -9.65 76.90 44.85
N GLN C 399 -9.48 76.06 45.87
CA GLN C 399 -8.64 74.88 45.71
C GLN C 399 -9.17 73.96 44.63
N ASP C 400 -10.49 73.93 44.44
CA ASP C 400 -11.07 73.04 43.44
C ASP C 400 -10.58 73.38 42.04
N LEU C 401 -10.50 74.67 41.72
CA LEU C 401 -10.00 75.06 40.40
C LEU C 401 -8.55 74.66 40.21
N LYS C 402 -7.70 74.88 41.23
CA LYS C 402 -6.31 74.50 41.11
C LYS C 402 -6.16 72.99 40.92
N GLU C 403 -6.90 72.19 41.69
CA GLU C 403 -6.77 70.74 41.52
C GLU C 403 -7.34 70.28 40.18
N ALA C 404 -8.40 70.92 39.69
CA ALA C 404 -8.90 70.57 38.35
C ALA C 404 -7.85 70.90 37.29
N VAL C 405 -7.17 72.03 37.44
CA VAL C 405 -6.09 72.37 36.51
C VAL C 405 -5.00 71.31 36.59
N GLU C 406 -4.67 70.86 37.80
CA GLU C 406 -3.67 69.81 37.95
C GLU C 406 -4.10 68.52 37.24
N ALA C 407 -5.39 68.18 37.36
CA ALA C 407 -5.90 66.99 36.68
C ALA C 407 -5.79 67.14 35.16
N ILE C 408 -6.10 68.32 34.64
CA ILE C 408 -5.98 68.53 33.20
C ILE C 408 -4.53 68.44 32.77
N LYS C 409 -3.61 69.01 33.56
CA LYS C 409 -2.18 68.85 33.31
C LYS C 409 -1.81 67.38 33.22
N TYR C 410 -2.28 66.59 34.18
CA TYR C 410 -1.94 65.16 34.20
C TYR C 410 -2.46 64.47 32.96
N ILE C 411 -3.70 64.77 32.55
CA ILE C 411 -4.28 64.13 31.37
C ILE C 411 -3.46 64.49 30.14
N ALA C 412 -3.09 65.76 30.00
CA ALA C 412 -2.31 66.19 28.85
C ALA C 412 -0.95 65.50 28.81
N GLU C 413 -0.29 65.40 29.97
CA GLU C 413 1.00 64.74 30.02
C GLU C 413 0.88 63.27 29.65
N GLN C 414 -0.17 62.61 30.13
CA GLN C 414 -0.40 61.23 29.75
C GLN C 414 -0.57 61.09 28.25
N LEU C 415 -1.36 61.98 27.65
CA LEU C 415 -1.57 61.91 26.20
C LEU C 415 -0.27 62.11 25.45
N GLU C 416 0.55 63.07 25.87
CA GLU C 416 1.81 63.33 25.17
C GLU C 416 2.75 62.15 25.29
N SER C 417 2.87 61.58 26.50
CA SER C 417 3.73 60.41 26.67
C SER C 417 3.25 59.24 25.82
N ALA C 418 1.93 59.04 25.78
CA ALA C 418 1.38 57.97 24.93
C ALA C 418 1.72 58.22 23.47
N SER C 419 1.65 59.47 23.03
CA SER C 419 1.98 59.78 21.64
C SER C 419 3.43 59.44 21.33
N GLU C 420 4.35 59.79 22.22
CA GLU C 420 5.76 59.49 21.98
C GLU C 420 5.99 57.98 21.96
N PHE C 421 5.38 57.27 22.91
CA PHE C 421 5.51 55.81 22.95
C PHE C 421 5.00 55.19 21.65
N ASP C 422 3.84 55.65 21.18
CA ASP C 422 3.27 55.12 19.96
C ASP C 422 4.12 55.49 18.75
N ASP C 423 4.78 56.65 18.77
CA ASP C 423 5.68 56.99 17.68
C ASP C 423 6.84 56.01 17.59
N LEU C 424 7.43 55.67 18.73
CA LEU C 424 8.51 54.69 18.72
C LEU C 424 8.01 53.33 18.26
N LYS C 425 6.82 52.93 18.71
CA LYS C 425 6.25 51.67 18.28
C LYS C 425 6.00 51.68 16.77
N LYS C 426 5.55 52.80 16.23
CA LYS C 426 5.33 52.91 14.79
C LYS C 426 6.66 52.81 14.04
N ASP C 427 7.74 53.33 14.62
CA ASP C 427 9.05 53.15 14.01
C ASP C 427 9.41 51.67 13.94
N TRP C 428 9.18 50.94 15.02
CA TRP C 428 9.47 49.51 15.00
C TRP C 428 8.61 48.80 13.94
N GLN C 429 7.34 49.15 13.86
CA GLN C 429 6.46 48.52 12.88
C GLN C 429 6.87 48.85 11.45
N TYR C 430 7.34 50.07 11.22
CA TYR C 430 7.85 50.43 9.91
C TYR C 430 9.10 49.63 9.56
N VAL C 431 9.98 49.42 10.55
CA VAL C 431 11.15 48.57 10.30
C VAL C 431 10.69 47.18 9.89
N ALA C 432 9.70 46.64 10.59
CA ALA C 432 9.18 45.32 10.24
C ALA C 432 8.63 45.31 8.83
N MET C 433 7.87 46.34 8.45
CA MET C 433 7.30 46.39 7.12
C MET C 433 8.37 46.46 6.03
N VAL C 434 9.41 47.27 6.25
CA VAL C 434 10.47 47.40 5.26
C VAL C 434 11.24 46.10 5.13
N ALA C 435 11.59 45.48 6.26
CA ALA C 435 12.27 44.18 6.19
C ALA C 435 11.42 43.16 5.48
N ASP C 436 10.11 43.18 5.73
CA ASP C 436 9.21 42.23 5.08
C ASP C 436 9.18 42.45 3.57
N ARG C 437 9.16 43.70 3.13
CA ARG C 437 9.17 43.97 1.69
C ARG C 437 10.48 43.50 1.05
N LEU C 438 11.61 43.76 1.72
CA LEU C 438 12.88 43.27 1.21
C LEU C 438 12.85 41.76 1.09
N PHE C 439 12.33 41.07 2.10
CA PHE C 439 12.24 39.62 2.06
C PHE C 439 11.35 39.18 0.92
N LEU C 440 10.24 39.89 0.69
CA LEU C 440 9.36 39.53 -0.41
C LEU C 440 10.11 39.55 -1.74
N TYR C 441 10.84 40.65 -1.99
CA TYR C 441 11.56 40.75 -3.26
C TYR C 441 12.63 39.66 -3.36
N VAL C 442 13.41 39.48 -2.30
CA VAL C 442 14.50 38.52 -2.33
C VAL C 442 13.97 37.11 -2.56
N PHE C 443 12.92 36.74 -1.84
CA PHE C 443 12.39 35.39 -1.96
C PHE C 443 11.73 35.17 -3.32
N PHE C 444 11.05 36.18 -3.85
CA PHE C 444 10.51 36.04 -5.20
C PHE C 444 11.63 35.77 -6.20
N VAL C 445 12.71 36.54 -6.11
CA VAL C 445 13.82 36.35 -7.05
C VAL C 445 14.40 34.94 -6.89
N ILE C 446 14.68 34.54 -5.65
CA ILE C 446 15.32 33.24 -5.43
C ILE C 446 14.41 32.11 -5.91
N CYS C 447 13.14 32.17 -5.55
CA CYS C 447 12.21 31.11 -5.93
C CYS C 447 12.11 31.00 -7.44
N SER C 448 11.90 32.14 -8.12
CA SER C 448 11.76 32.09 -9.57
C SER C 448 13.03 31.57 -10.22
N ILE C 449 14.18 32.11 -9.84
CA ILE C 449 15.43 31.70 -10.47
C ILE C 449 15.70 30.22 -10.22
N GLY C 450 15.51 29.77 -8.99
CA GLY C 450 15.78 28.37 -8.69
C GLY C 450 14.86 27.42 -9.42
N THR C 451 13.56 27.71 -9.43
CA THR C 451 12.63 26.85 -10.14
C THR C 451 12.97 26.80 -11.62
N PHE C 452 13.21 27.97 -12.23
CA PHE C 452 13.52 28.00 -13.64
C PHE C 452 14.81 27.24 -13.94
N SER C 453 15.84 27.44 -13.11
CA SER C 453 17.10 26.76 -13.34
C SER C 453 16.95 25.25 -13.24
N ILE C 454 16.24 24.78 -12.20
CA ILE C 454 16.09 23.34 -12.02
C ILE C 454 15.35 22.73 -13.21
N PHE C 455 14.25 23.36 -13.62
CA PHE C 455 13.47 22.75 -14.69
C PHE C 455 14.13 22.93 -16.05
N LEU C 456 14.95 23.97 -16.23
CA LEU C 456 15.74 24.09 -17.45
C LEU C 456 16.79 23.00 -17.52
N ASP C 457 17.46 22.72 -16.40
CA ASP C 457 18.40 21.62 -16.36
C ASP C 457 17.71 20.29 -16.68
N ALA C 458 16.51 20.09 -16.13
CA ALA C 458 15.76 18.88 -16.43
C ALA C 458 15.42 18.80 -17.92
N SER C 459 15.00 19.91 -18.51
CA SER C 459 14.55 19.89 -19.90
C SER C 459 15.68 19.55 -20.87
N HIS C 460 16.93 19.83 -20.48
CA HIS C 460 18.08 19.56 -21.34
C HIS C 460 18.70 18.20 -21.00
N ASN C 461 17.87 17.16 -21.06
CA ASN C 461 18.30 15.80 -20.76
C ASN C 461 17.58 14.87 -21.75
N VAL C 462 18.25 14.56 -22.85
CA VAL C 462 17.68 13.73 -23.90
C VAL C 462 18.64 12.59 -24.21
N PRO C 463 18.16 11.43 -24.66
CA PRO C 463 19.06 10.34 -24.97
C PRO C 463 19.97 10.70 -26.13
N PRO C 464 21.17 10.15 -26.18
CA PRO C 464 22.06 10.48 -27.30
C PRO C 464 21.51 9.97 -28.62
N ASP C 465 21.85 10.66 -29.70
CA ASP C 465 21.46 10.21 -31.02
C ASP C 465 22.07 8.86 -31.34
N ASN C 466 23.34 8.66 -30.97
CA ASN C 466 24.00 7.38 -31.16
C ASN C 466 23.78 6.51 -29.93
N PRO C 467 23.16 5.34 -30.05
CA PRO C 467 22.94 4.49 -28.87
C PRO C 467 24.21 3.94 -28.28
N PHE C 468 25.36 4.08 -28.94
CA PHE C 468 26.62 3.51 -28.49
C PHE C 468 26.55 1.99 -28.38
N ALA C 469 25.74 1.37 -29.22
CA ALA C 469 25.57 -0.08 -29.20
C ALA C 469 24.76 -0.53 -30.38
N SER D 1 25.70 -35.36 -33.48
CA SER D 1 27.02 -36.04 -33.60
C SER D 1 26.86 -37.52 -33.32
N GLU D 2 27.20 -38.36 -34.30
CA GLU D 2 27.06 -39.80 -34.12
C GLU D 2 27.92 -40.30 -32.98
N HIS D 3 29.17 -39.86 -32.90
CA HIS D 3 30.06 -40.30 -31.84
C HIS D 3 29.52 -39.89 -30.48
N GLU D 4 29.07 -38.65 -30.35
CA GLU D 4 28.54 -38.21 -29.06
C GLU D 4 27.25 -38.93 -28.72
N THR D 5 26.41 -39.22 -29.72
CA THR D 5 25.19 -39.97 -29.46
C THR D 5 25.52 -41.36 -28.92
N ARG D 6 26.46 -42.05 -29.56
CA ARG D 6 26.85 -43.37 -29.08
C ARG D 6 27.44 -43.28 -27.67
N LEU D 7 28.26 -42.26 -27.43
CA LEU D 7 28.88 -42.10 -26.13
C LEU D 7 27.82 -41.89 -25.04
N VAL D 8 26.84 -41.02 -25.31
CA VAL D 8 25.83 -40.74 -24.30
C VAL D 8 24.95 -41.96 -24.08
N ALA D 9 24.66 -42.72 -25.14
CA ALA D 9 23.91 -43.96 -24.96
C ALA D 9 24.70 -44.95 -24.11
N ASN D 10 26.01 -45.04 -24.32
CA ASN D 10 26.80 -46.03 -23.61
C ASN D 10 27.00 -45.63 -22.15
N LEU D 11 27.14 -44.33 -21.88
CA LEU D 11 27.42 -43.88 -20.52
C LEU D 11 26.27 -44.20 -19.58
N LEU D 12 25.03 -43.96 -20.02
CA LEU D 12 23.87 -44.09 -19.17
C LEU D 12 23.11 -45.39 -19.37
N GLU D 13 23.69 -46.34 -20.11
CA GLU D 13 22.97 -47.58 -20.41
C GLU D 13 22.69 -48.38 -19.14
N ASN D 14 23.67 -48.46 -18.25
CA ASN D 14 23.55 -49.22 -17.00
C ASN D 14 24.03 -48.38 -15.84
N TYR D 15 23.58 -47.13 -15.81
CA TYR D 15 23.99 -46.15 -14.81
C TYR D 15 22.82 -45.88 -13.88
N ASN D 16 23.05 -46.02 -12.58
CA ASN D 16 22.02 -45.79 -11.57
C ASN D 16 22.34 -44.50 -10.84
N LYS D 17 21.45 -43.53 -10.91
CA LYS D 17 21.70 -42.20 -10.36
C LYS D 17 21.37 -42.11 -8.87
N VAL D 18 20.82 -43.18 -8.28
CA VAL D 18 20.55 -43.18 -6.84
C VAL D 18 21.78 -43.51 -6.02
N ILE D 19 22.85 -43.98 -6.66
CA ILE D 19 24.03 -44.47 -5.97
C ILE D 19 25.10 -43.39 -5.96
N ARG D 20 25.84 -43.31 -4.85
CA ARG D 20 26.92 -42.34 -4.76
C ARG D 20 28.01 -42.68 -5.78
N PRO D 21 28.66 -41.68 -6.34
CA PRO D 21 29.74 -41.94 -7.32
C PRO D 21 31.06 -42.25 -6.65
N VAL D 22 31.15 -43.43 -6.06
CA VAL D 22 32.37 -43.92 -5.44
C VAL D 22 32.63 -45.34 -5.92
N GLU D 23 33.89 -45.73 -5.91
CA GLU D 23 34.25 -47.10 -6.28
C GLU D 23 34.21 -48.05 -5.09
N HIS D 24 33.93 -47.54 -3.90
CA HIS D 24 33.75 -48.39 -2.72
C HIS D 24 32.92 -47.60 -1.72
N HIS D 25 31.97 -48.28 -1.07
CA HIS D 25 31.07 -47.57 -0.17
C HIS D 25 31.80 -46.93 1.00
N THR D 26 33.04 -47.37 1.26
CA THR D 26 33.82 -46.77 2.35
C THR D 26 34.27 -45.36 1.99
N HIS D 27 34.61 -45.12 0.73
CA HIS D 27 35.12 -43.81 0.33
C HIS D 27 34.02 -42.77 0.40
N PHE D 28 34.43 -41.50 0.33
CA PHE D 28 33.51 -40.38 0.31
C PHE D 28 33.68 -39.60 -0.97
N VAL D 29 32.61 -38.92 -1.37
CA VAL D 29 32.62 -38.07 -2.56
C VAL D 29 33.13 -36.71 -2.16
N ASP D 30 34.18 -36.24 -2.82
CA ASP D 30 34.75 -34.94 -2.55
C ASP D 30 34.15 -33.93 -3.53
N ILE D 31 33.39 -32.98 -3.01
CA ILE D 31 32.66 -32.02 -3.83
C ILE D 31 33.24 -30.64 -3.55
N THR D 32 33.74 -29.99 -4.58
CA THR D 32 34.26 -28.63 -4.47
C THR D 32 33.11 -27.67 -4.74
N VAL D 33 32.74 -26.88 -3.74
CA VAL D 33 31.58 -25.99 -3.81
C VAL D 33 32.09 -24.56 -3.88
N GLY D 34 31.62 -23.83 -4.89
CA GLY D 34 31.95 -22.43 -5.01
C GLY D 34 30.72 -21.59 -5.26
N LEU D 35 30.49 -20.61 -4.41
CA LEU D 35 29.33 -19.73 -4.52
C LEU D 35 29.74 -18.47 -5.28
N GLN D 36 29.04 -18.19 -6.37
CA GLN D 36 29.29 -17.01 -7.17
C GLN D 36 28.08 -16.08 -7.02
N LEU D 37 28.34 -14.85 -6.60
CA LEU D 37 27.28 -13.87 -6.39
C LEU D 37 27.14 -13.02 -7.64
N ILE D 38 25.95 -13.01 -8.23
CA ILE D 38 25.69 -12.27 -9.44
C ILE D 38 25.01 -10.94 -9.16
N GLN D 39 24.00 -10.94 -8.28
CA GLN D 39 23.25 -9.72 -8.01
C GLN D 39 22.66 -9.83 -6.62
N LEU D 40 22.58 -8.68 -5.95
CA LEU D 40 21.93 -8.56 -4.65
C LEU D 40 20.55 -7.96 -4.89
N ILE D 41 19.56 -8.84 -5.05
CA ILE D 41 18.25 -8.39 -5.52
C ILE D 41 17.62 -7.44 -4.52
N SER D 42 17.65 -7.79 -3.23
CA SER D 42 16.95 -6.99 -2.24
C SER D 42 17.46 -7.33 -0.85
N VAL D 43 17.15 -6.44 0.09
CA VAL D 43 17.38 -6.66 1.50
C VAL D 43 16.14 -6.16 2.25
N ASP D 44 15.25 -7.07 2.61
CA ASP D 44 13.98 -6.71 3.24
C ASP D 44 14.22 -6.55 4.73
N GLU D 45 14.47 -5.31 5.17
CA GLU D 45 14.78 -5.06 6.57
C GLU D 45 13.60 -5.38 7.46
N VAL D 46 12.38 -5.05 7.02
CA VAL D 46 11.20 -5.28 7.85
C VAL D 46 10.97 -6.77 8.06
N ASN D 47 11.06 -7.56 6.98
CA ASN D 47 10.88 -9.00 7.09
C ASN D 47 12.18 -9.74 7.36
N GLN D 48 13.32 -9.06 7.31
CA GLN D 48 14.62 -9.65 7.64
C GLN D 48 14.95 -10.80 6.70
N ILE D 49 14.84 -10.53 5.40
CA ILE D 49 15.14 -11.51 4.36
C ILE D 49 16.03 -10.84 3.33
N VAL D 50 17.06 -11.55 2.89
CA VAL D 50 17.97 -11.07 1.86
C VAL D 50 17.80 -11.96 0.64
N GLU D 51 17.50 -11.34 -0.49
CA GLU D 51 17.36 -12.05 -1.76
C GLU D 51 18.61 -11.82 -2.59
N THR D 52 19.25 -12.91 -3.01
CA THR D 52 20.46 -12.82 -3.80
C THR D 52 20.35 -13.74 -5.00
N ASN D 53 20.90 -13.29 -6.13
CA ASN D 53 20.98 -14.07 -7.36
C ASN D 53 22.37 -14.67 -7.43
N VAL D 54 22.46 -15.99 -7.32
CA VAL D 54 23.74 -16.67 -7.17
C VAL D 54 23.84 -17.82 -8.16
N ARG D 55 25.07 -18.25 -8.40
CA ARG D 55 25.38 -19.50 -9.07
C ARG D 55 26.12 -20.39 -8.09
N LEU D 56 25.69 -21.64 -7.99
CA LEU D 56 26.23 -22.58 -7.01
C LEU D 56 27.11 -23.58 -7.74
N ARG D 57 28.38 -23.24 -7.91
CA ARG D 57 29.30 -24.08 -8.65
C ARG D 57 29.71 -25.29 -7.82
N GLN D 58 29.52 -26.48 -8.37
CA GLN D 58 29.84 -27.72 -7.70
C GLN D 58 30.63 -28.61 -8.65
N GLN D 59 31.70 -29.22 -8.15
CA GLN D 59 32.54 -30.10 -8.95
C GLN D 59 32.86 -31.36 -8.16
N TRP D 60 32.82 -32.49 -8.84
CA TRP D 60 33.16 -33.77 -8.21
C TRP D 60 33.51 -34.75 -9.31
N ILE D 61 33.92 -35.95 -8.91
CA ILE D 61 34.36 -37.00 -9.83
C ILE D 61 33.31 -38.11 -9.81
N ASP D 62 33.00 -38.63 -11.00
CA ASP D 62 32.09 -39.76 -11.17
C ASP D 62 32.77 -40.77 -12.08
N VAL D 63 33.42 -41.76 -11.48
CA VAL D 63 34.19 -42.73 -12.25
C VAL D 63 33.32 -43.59 -13.15
N ARG D 64 32.02 -43.67 -12.90
CA ARG D 64 31.12 -44.39 -13.78
C ARG D 64 30.88 -43.68 -15.10
N LEU D 65 31.26 -42.41 -15.21
CA LEU D 65 30.99 -41.58 -16.38
C LEU D 65 32.27 -41.17 -17.06
N ARG D 66 33.23 -42.08 -17.17
CA ARG D 66 34.47 -41.84 -17.88
C ARG D 66 34.48 -42.61 -19.20
N TRP D 67 35.19 -42.07 -20.18
CA TRP D 67 35.29 -42.69 -21.48
C TRP D 67 36.66 -42.41 -22.08
N ASN D 68 37.03 -43.21 -23.06
CA ASN D 68 38.29 -43.03 -23.77
C ASN D 68 38.03 -42.24 -25.05
N PRO D 69 38.57 -41.03 -25.20
CA PRO D 69 38.24 -40.24 -26.39
C PRO D 69 38.54 -40.93 -27.70
N ALA D 70 39.63 -41.72 -27.76
CA ALA D 70 40.00 -42.36 -29.02
C ALA D 70 38.88 -43.23 -29.56
N ASP D 71 38.05 -43.80 -28.69
CA ASP D 71 36.95 -44.65 -29.13
C ASP D 71 35.73 -43.87 -29.56
N TYR D 72 35.73 -42.55 -29.39
CA TYR D 72 34.57 -41.72 -29.71
C TYR D 72 34.99 -40.51 -30.53
N GLY D 73 35.92 -40.70 -31.45
CA GLY D 73 36.30 -39.64 -32.35
C GLY D 73 37.00 -38.48 -31.69
N GLY D 74 37.53 -38.66 -30.49
CA GLY D 74 38.25 -37.59 -29.83
C GLY D 74 37.40 -36.63 -29.04
N ILE D 75 36.19 -37.01 -28.69
CA ILE D 75 35.36 -36.17 -27.83
C ILE D 75 35.94 -36.17 -26.42
N LYS D 76 36.15 -34.98 -25.86
CA LYS D 76 36.72 -34.84 -24.54
C LYS D 76 35.78 -34.24 -23.50
N LYS D 77 34.73 -33.55 -23.92
CA LYS D 77 33.74 -33.00 -23.01
C LYS D 77 32.37 -33.11 -23.64
N ILE D 78 31.37 -33.38 -22.82
CA ILE D 78 29.97 -33.41 -23.26
C ILE D 78 29.12 -32.71 -22.22
N ARG D 79 27.94 -32.30 -22.65
CA ARG D 79 26.94 -31.70 -21.76
C ARG D 79 25.82 -32.71 -21.54
N LEU D 80 25.57 -33.04 -20.28
CA LEU D 80 24.51 -33.95 -19.91
C LEU D 80 23.45 -33.21 -19.09
N PRO D 81 22.18 -33.57 -19.23
CA PRO D 81 21.18 -33.05 -18.29
C PRO D 81 21.55 -33.46 -16.87
N SER D 82 21.41 -32.52 -15.95
CA SER D 82 21.76 -32.81 -14.57
C SER D 82 20.83 -33.83 -13.95
N ASP D 83 19.62 -34.00 -14.49
CA ASP D 83 18.70 -35.00 -13.97
C ASP D 83 19.12 -36.42 -14.30
N ASP D 84 20.12 -36.61 -15.14
CA ASP D 84 20.53 -37.95 -15.55
C ASP D 84 21.53 -38.57 -14.60
N VAL D 85 22.34 -37.76 -13.92
CA VAL D 85 23.44 -38.26 -13.11
C VAL D 85 23.19 -37.92 -11.65
N TRP D 86 23.94 -38.59 -10.79
CA TRP D 86 23.86 -38.33 -9.35
C TRP D 86 24.27 -36.89 -9.06
N LEU D 87 23.45 -36.20 -8.26
CA LEU D 87 23.74 -34.85 -7.84
C LEU D 87 23.76 -34.77 -6.32
N PRO D 88 24.65 -33.98 -5.74
CA PRO D 88 24.62 -33.79 -4.29
C PRO D 88 23.39 -33.04 -3.85
N ASP D 89 22.90 -33.38 -2.65
CA ASP D 89 21.73 -32.73 -2.06
C ASP D 89 22.22 -31.58 -1.19
N LEU D 90 22.63 -30.51 -1.84
CA LEU D 90 23.17 -29.33 -1.18
C LEU D 90 22.03 -28.38 -0.86
N VAL D 91 21.83 -28.10 0.42
CA VAL D 91 20.65 -27.41 0.92
C VAL D 91 21.07 -26.13 1.63
N LEU D 92 20.27 -25.07 1.44
CA LEU D 92 20.49 -23.81 2.12
C LEU D 92 19.77 -23.86 3.47
N TYR D 93 20.55 -23.98 4.55
CA TYR D 93 19.95 -24.24 5.87
C TYR D 93 19.04 -23.10 6.30
N ASN D 94 19.48 -21.85 6.12
CA ASN D 94 18.76 -20.71 6.64
C ASN D 94 17.78 -20.12 5.64
N ASN D 95 17.24 -20.94 4.75
CA ASN D 95 16.22 -20.47 3.84
C ASN D 95 15.03 -19.93 4.62
N ALA D 96 14.45 -18.84 4.12
CA ALA D 96 13.33 -18.20 4.79
C ALA D 96 12.09 -18.07 3.92
N ASP D 97 12.24 -17.80 2.63
CA ASP D 97 11.09 -17.55 1.77
C ASP D 97 11.20 -18.24 0.41
N GLY D 98 12.24 -19.03 0.17
CA GLY D 98 12.43 -19.62 -1.14
C GLY D 98 12.52 -21.13 -1.10
N ASP D 99 13.40 -21.70 -1.91
CA ASP D 99 13.61 -23.13 -1.97
C ASP D 99 14.82 -23.52 -1.15
N PHE D 100 14.78 -24.72 -0.58
CA PHE D 100 15.91 -25.23 0.18
C PHE D 100 17.03 -25.72 -0.72
N ALA D 101 16.69 -26.34 -1.83
CA ALA D 101 17.66 -26.95 -2.73
C ALA D 101 17.64 -26.22 -4.07
N ILE D 102 18.42 -26.75 -5.01
CA ILE D 102 18.44 -26.22 -6.37
C ILE D 102 17.23 -26.76 -7.12
N VAL D 103 16.54 -25.87 -7.82
CA VAL D 103 15.36 -26.25 -8.58
C VAL D 103 15.56 -26.13 -10.09
N HIS D 104 16.58 -25.39 -10.54
CA HIS D 104 16.85 -25.22 -11.96
C HIS D 104 17.88 -26.25 -12.38
N MET D 105 17.40 -27.42 -12.82
CA MET D 105 18.27 -28.51 -13.25
C MET D 105 18.84 -28.16 -14.61
N THR D 106 19.88 -27.34 -14.59
CA THR D 106 20.59 -27.00 -15.82
C THR D 106 21.56 -28.13 -16.20
N LYS D 107 21.98 -28.11 -17.45
CA LYS D 107 22.94 -29.10 -17.92
C LYS D 107 24.28 -28.93 -17.23
N LEU D 108 24.99 -30.03 -17.08
CA LEU D 108 26.31 -30.04 -16.46
C LEU D 108 27.36 -30.48 -17.48
N LEU D 109 28.59 -30.08 -17.22
CA LEU D 109 29.72 -30.38 -18.08
C LEU D 109 30.47 -31.58 -17.53
N LEU D 110 30.74 -32.56 -18.39
CA LEU D 110 31.36 -33.81 -17.99
C LEU D 110 32.61 -34.04 -18.83
N ASP D 111 33.75 -34.18 -18.16
CA ASP D 111 34.99 -34.50 -18.84
C ASP D 111 35.11 -36.01 -19.06
N TYR D 112 36.07 -36.40 -19.89
CA TYR D 112 36.27 -37.82 -20.15
C TYR D 112 36.89 -38.54 -18.96
N THR D 113 37.49 -37.80 -18.03
CA THR D 113 38.03 -38.38 -16.81
C THR D 113 36.96 -38.58 -15.74
N GLY D 114 35.72 -38.23 -16.01
CA GLY D 114 34.67 -38.30 -15.02
C GLY D 114 34.46 -37.03 -14.22
N LYS D 115 35.31 -36.02 -14.40
CA LYS D 115 35.16 -34.78 -13.67
C LYS D 115 33.90 -34.07 -14.12
N ILE D 116 33.10 -33.63 -13.16
CA ILE D 116 31.81 -32.98 -13.42
C ILE D 116 31.87 -31.59 -12.86
N MET D 117 31.39 -30.62 -13.63
CA MET D 117 31.24 -29.24 -13.18
C MET D 117 29.80 -28.81 -13.43
N TRP D 118 29.10 -28.46 -12.37
CA TRP D 118 27.69 -28.11 -12.45
C TRP D 118 27.48 -26.78 -11.72
N THR D 119 26.94 -25.80 -12.44
CA THR D 119 26.77 -24.44 -11.91
C THR D 119 25.34 -23.98 -12.15
N PRO D 120 24.38 -24.53 -11.41
CA PRO D 120 22.99 -24.11 -11.56
C PRO D 120 22.77 -22.73 -10.96
N PRO D 121 21.77 -22.00 -11.41
CA PRO D 121 21.42 -20.74 -10.78
C PRO D 121 20.43 -20.93 -9.65
N ALA D 122 20.31 -19.90 -8.82
CA ALA D 122 19.37 -19.96 -7.70
C ALA D 122 19.12 -18.57 -7.18
N ILE D 123 17.89 -18.35 -6.70
CA ILE D 123 17.52 -17.17 -5.94
C ILE D 123 17.42 -17.60 -4.50
N PHE D 124 18.37 -17.15 -3.67
CA PHE D 124 18.40 -17.50 -2.26
C PHE D 124 17.70 -16.41 -1.47
N LYS D 125 16.61 -16.77 -0.78
CA LYS D 125 15.90 -15.86 0.12
C LYS D 125 16.20 -16.35 1.54
N SER D 126 17.33 -15.93 2.07
CA SER D 126 17.84 -16.43 3.32
C SER D 126 17.49 -15.47 4.46
N TYR D 127 17.39 -16.02 5.67
CA TYR D 127 17.11 -15.19 6.83
C TYR D 127 18.29 -14.30 7.14
N CYS D 128 18.01 -13.03 7.45
CA CYS D 128 19.03 -12.03 7.70
C CYS D 128 18.71 -11.32 9.00
N GLU D 129 19.53 -11.51 10.02
CA GLU D 129 19.36 -10.79 11.27
C GLU D 129 19.73 -9.33 11.04
N ILE D 130 18.72 -8.48 10.91
CA ILE D 130 18.93 -7.07 10.61
C ILE D 130 19.16 -6.32 11.92
N ILE D 131 20.30 -5.65 12.02
CA ILE D 131 20.66 -4.90 13.22
C ILE D 131 20.32 -3.45 12.94
N VAL D 132 19.10 -3.06 13.32
CA VAL D 132 18.67 -1.66 13.19
C VAL D 132 19.07 -0.97 14.49
N THR D 133 20.31 -0.53 14.53
CA THR D 133 20.81 0.30 15.61
C THR D 133 21.57 1.52 15.13
N HIS D 134 22.10 1.51 13.91
CA HIS D 134 22.72 2.67 13.29
C HIS D 134 22.01 3.06 12.00
N PHE D 135 20.79 2.56 11.81
CA PHE D 135 20.05 2.89 10.61
C PHE D 135 19.90 4.41 10.50
N PRO D 136 20.07 4.99 9.30
CA PRO D 136 20.36 4.38 8.00
C PRO D 136 21.85 4.27 7.67
N PHE D 137 22.71 4.36 8.69
CA PHE D 137 24.15 4.23 8.51
C PHE D 137 24.66 2.87 8.96
N ASP D 138 23.80 1.86 8.90
CA ASP D 138 24.12 0.55 9.43
C ASP D 138 24.85 -0.30 8.39
N GLN D 139 25.55 -1.32 8.88
CA GLN D 139 26.12 -2.35 8.04
C GLN D 139 25.54 -3.69 8.51
N GLN D 140 25.25 -4.56 7.55
CA GLN D 140 24.59 -5.83 7.83
C GLN D 140 25.56 -6.97 7.55
N ASN D 141 25.49 -8.00 8.38
CA ASN D 141 26.28 -9.22 8.21
C ASN D 141 25.30 -10.39 8.29
N CYS D 142 24.77 -10.80 7.16
CA CYS D 142 23.94 -12.00 7.11
C CYS D 142 24.38 -12.90 5.96
N THR D 143 24.16 -14.18 6.17
CA THR D 143 24.95 -15.25 5.58
C THR D 143 24.08 -16.17 4.75
N MET D 144 24.71 -17.23 4.25
CA MET D 144 24.03 -18.30 3.54
C MET D 144 24.72 -19.60 3.93
N LYS D 145 24.05 -20.39 4.77
CA LYS D 145 24.62 -21.62 5.29
C LYS D 145 24.24 -22.76 4.34
N LEU D 146 25.22 -23.27 3.61
CA LEU D 146 25.02 -24.36 2.66
C LEU D 146 25.65 -25.63 3.21
N GLY D 147 24.95 -26.74 3.03
CA GLY D 147 25.48 -28.01 3.50
C GLY D 147 24.77 -29.21 2.92
N ILE D 148 25.48 -30.32 2.81
CA ILE D 148 24.86 -31.56 2.36
C ILE D 148 23.88 -32.03 3.42
N TRP D 149 22.66 -32.36 2.98
CA TRP D 149 21.60 -32.62 3.95
C TRP D 149 21.70 -34.02 4.54
N THR D 150 21.63 -35.05 3.71
CA THR D 150 21.41 -36.41 4.18
C THR D 150 22.69 -37.24 4.27
N TYR D 151 23.84 -36.69 3.94
CA TYR D 151 25.10 -37.41 3.97
C TYR D 151 26.05 -36.75 4.96
N ASP D 152 26.69 -37.56 5.79
CA ASP D 152 27.64 -37.05 6.76
C ASP D 152 29.00 -36.86 6.08
N GLY D 153 29.98 -36.40 6.86
CA GLY D 153 31.29 -36.11 6.30
C GLY D 153 32.02 -37.33 5.76
N THR D 154 31.69 -38.51 6.24
CA THR D 154 32.35 -39.73 5.79
C THR D 154 31.74 -40.32 4.53
N LYS D 155 30.62 -39.78 4.06
CA LYS D 155 30.00 -40.22 2.82
C LYS D 155 30.14 -39.20 1.71
N VAL D 156 29.82 -37.94 1.98
CA VAL D 156 29.95 -36.86 0.99
C VAL D 156 30.57 -35.67 1.70
N SER D 157 31.68 -35.18 1.16
CA SER D 157 32.43 -34.08 1.75
C SER D 157 32.43 -32.89 0.81
N ILE D 158 32.25 -31.69 1.37
CA ILE D 158 32.22 -30.46 0.59
C ILE D 158 33.35 -29.57 1.05
N SER D 159 34.05 -28.97 0.09
CA SER D 159 35.15 -28.06 0.37
C SER D 159 35.00 -26.80 -0.48
N PRO D 160 35.22 -25.62 0.09
CA PRO D 160 35.07 -24.40 -0.69
C PRO D 160 36.12 -24.28 -1.80
N GLU D 161 35.72 -23.65 -2.89
CA GLU D 161 36.67 -23.36 -3.96
C GLU D 161 37.75 -22.40 -3.50
N SER D 162 37.34 -21.34 -2.79
CA SER D 162 38.26 -20.32 -2.33
C SER D 162 37.73 -19.76 -1.01
N ASP D 163 38.61 -19.07 -0.30
CA ASP D 163 38.25 -18.53 1.00
C ASP D 163 37.13 -17.49 0.90
N ARG D 164 36.89 -16.95 -0.29
CA ARG D 164 35.85 -15.96 -0.49
C ARG D 164 34.93 -16.39 -1.63
N PRO D 165 33.66 -15.98 -1.59
CA PRO D 165 32.79 -16.19 -2.75
C PRO D 165 33.26 -15.36 -3.94
N ASP D 166 32.91 -15.83 -5.13
CA ASP D 166 33.29 -15.16 -6.35
C ASP D 166 32.34 -14.00 -6.64
N LEU D 167 32.87 -12.78 -6.68
CA LEU D 167 32.10 -11.60 -7.04
C LEU D 167 32.69 -10.94 -8.30
N SER D 168 33.31 -11.75 -9.16
CA SER D 168 33.92 -11.20 -10.37
C SER D 168 32.88 -10.55 -11.27
N THR D 169 31.72 -11.20 -11.42
CA THR D 169 30.63 -10.67 -12.24
C THR D 169 29.55 -10.02 -11.40
N PHE D 170 29.86 -9.63 -10.17
CA PHE D 170 28.86 -9.05 -9.29
C PHE D 170 28.35 -7.74 -9.88
N MET D 171 27.03 -7.53 -9.78
CA MET D 171 26.38 -6.34 -10.29
C MET D 171 26.21 -5.36 -9.14
N GLU D 172 26.76 -4.16 -9.30
CA GLU D 172 26.71 -3.17 -8.24
C GLU D 172 25.27 -2.90 -7.82
N SER D 173 25.06 -2.78 -6.50
CA SER D 173 23.71 -2.72 -5.98
C SER D 173 23.10 -1.33 -6.15
N GLY D 174 23.82 -0.30 -5.71
CA GLY D 174 23.28 1.04 -5.66
C GLY D 174 22.61 1.39 -4.34
N GLU D 175 22.39 0.40 -3.49
CA GLU D 175 21.94 0.62 -2.12
C GLU D 175 22.89 0.08 -1.08
N TRP D 176 23.80 -0.82 -1.44
CA TRP D 176 24.70 -1.45 -0.50
C TRP D 176 26.08 -1.52 -1.13
N VAL D 177 27.09 -1.59 -0.26
CA VAL D 177 28.48 -1.72 -0.68
C VAL D 177 29.05 -2.99 -0.03
N MET D 178 29.69 -3.83 -0.83
CA MET D 178 30.30 -5.05 -0.33
C MET D 178 31.61 -4.68 0.35
N LYS D 179 31.67 -4.82 1.67
CA LYS D 179 32.91 -4.55 2.40
C LYS D 179 33.80 -5.78 2.44
N ASP D 180 33.30 -6.88 2.98
CA ASP D 180 34.07 -8.11 3.07
C ASP D 180 33.13 -9.29 2.87
N TYR D 181 33.72 -10.42 2.48
CA TYR D 181 32.95 -11.64 2.29
C TYR D 181 33.89 -12.83 2.41
N ARG D 182 33.50 -13.83 3.19
CA ARG D 182 34.30 -15.03 3.40
C ARG D 182 33.40 -16.25 3.34
N GLY D 183 34.03 -17.39 3.14
CA GLY D 183 33.33 -18.66 3.23
C GLY D 183 34.07 -19.61 4.15
N TRP D 184 33.44 -19.98 5.26
CA TRP D 184 34.07 -20.81 6.29
C TRP D 184 33.42 -22.19 6.30
N LYS D 185 34.23 -23.16 6.41
CA LYS D 185 33.77 -24.53 6.46
C LYS D 185 33.66 -24.97 7.91
N HIS D 186 32.60 -25.70 8.23
CA HIS D 186 32.31 -26.12 9.59
C HIS D 186 32.02 -27.61 9.63
N TRP D 187 32.40 -28.23 10.74
CA TRP D 187 32.04 -29.60 11.07
C TRP D 187 31.08 -29.54 12.24
N VAL D 188 29.80 -29.79 11.98
CA VAL D 188 28.73 -29.60 12.96
C VAL D 188 28.21 -30.96 13.40
N TYR D 189 27.99 -31.10 14.69
CA TYR D 189 27.43 -32.32 15.27
C TYR D 189 26.02 -32.00 15.74
N TYR D 190 25.02 -32.58 15.12
CA TYR D 190 23.63 -32.33 15.44
C TYR D 190 23.08 -33.40 16.36
N THR D 191 22.12 -33.01 17.20
CA THR D 191 21.51 -33.95 18.14
C THR D 191 20.74 -35.06 17.45
N CYS D 192 20.33 -34.87 16.20
CA CYS D 192 19.77 -35.96 15.43
C CYS D 192 20.76 -37.10 15.29
N CYS D 193 22.00 -36.75 14.96
CA CYS D 193 22.94 -37.68 14.34
C CYS D 193 24.30 -37.46 14.98
N PRO D 194 24.45 -37.83 16.25
CA PRO D 194 25.59 -37.35 17.04
C PRO D 194 26.89 -38.13 16.83
N ASP D 195 26.89 -39.18 16.00
CA ASP D 195 28.08 -39.99 15.80
C ASP D 195 28.94 -39.52 14.65
N THR D 196 28.37 -38.85 13.66
CA THR D 196 29.13 -38.40 12.49
C THR D 196 28.93 -36.91 12.28
N PRO D 197 29.97 -36.21 11.85
CA PRO D 197 29.82 -34.77 11.60
C PRO D 197 29.18 -34.52 10.26
N TYR D 198 28.42 -33.43 10.20
CA TYR D 198 27.84 -32.95 8.96
C TYR D 198 28.61 -31.70 8.52
N LEU D 199 29.02 -31.68 7.26
CA LEU D 199 29.85 -30.60 6.75
C LEU D 199 28.97 -29.44 6.30
N ASP D 200 29.55 -28.27 6.39
CA ASP D 200 28.80 -27.05 6.15
C ASP D 200 29.74 -25.96 5.67
N ILE D 201 29.24 -25.12 4.77
CA ILE D 201 29.98 -23.95 4.29
C ILE D 201 29.08 -22.75 4.46
N THR D 202 29.49 -21.80 5.30
CA THR D 202 28.71 -20.60 5.57
C THR D 202 29.40 -19.43 4.90
N TYR D 203 28.78 -18.91 3.84
CA TYR D 203 29.24 -17.69 3.20
C TYR D 203 28.54 -16.51 3.85
N HIS D 204 29.31 -15.47 4.17
CA HIS D 204 28.75 -14.27 4.76
C HIS D 204 29.26 -13.05 4.03
N PHE D 205 28.43 -12.03 3.93
CA PHE D 205 28.73 -10.79 3.23
C PHE D 205 28.49 -9.63 4.16
N ILE D 206 29.45 -8.73 4.25
CA ILE D 206 29.30 -7.51 5.04
C ILE D 206 28.82 -6.41 4.10
N MET D 207 27.60 -5.92 4.34
CA MET D 207 26.98 -4.92 3.51
C MET D 207 26.97 -3.60 4.24
N GLN D 208 27.47 -2.55 3.60
CA GLN D 208 27.41 -1.20 4.13
C GLN D 208 26.37 -0.43 3.35
N ARG D 209 25.32 0.03 4.03
CA ARG D 209 24.26 0.76 3.37
C ARG D 209 24.75 2.13 2.93
N ILE D 210 24.36 2.52 1.72
CA ILE D 210 24.62 3.86 1.23
C ILE D 210 23.48 4.75 1.72
N PRO D 211 23.74 5.72 2.59
CA PRO D 211 22.65 6.40 3.30
C PRO D 211 22.07 7.64 2.63
N LEU D 212 22.47 7.97 1.40
CA LEU D 212 22.04 9.23 0.81
C LEU D 212 20.53 9.27 0.66
N TYR D 213 19.93 8.19 0.16
CA TYR D 213 18.50 8.18 -0.08
C TYR D 213 17.73 8.44 1.22
N PHE D 214 18.03 7.65 2.26
CA PHE D 214 17.31 7.80 3.51
C PHE D 214 17.61 9.14 4.16
N VAL D 215 18.88 9.57 4.12
CA VAL D 215 19.21 10.90 4.63
C VAL D 215 18.27 11.93 4.02
N VAL D 216 18.30 12.05 2.69
CA VAL D 216 17.54 13.10 2.02
C VAL D 216 16.06 12.96 2.31
N ASN D 217 15.53 11.74 2.23
CA ASN D 217 14.08 11.57 2.25
C ASN D 217 13.48 11.52 3.66
N VAL D 218 14.30 11.36 4.70
CA VAL D 218 13.76 11.23 6.05
C VAL D 218 14.45 12.21 7.00
N ILE D 219 15.78 12.16 7.04
CA ILE D 219 16.48 12.85 8.11
C ILE D 219 16.41 14.36 7.93
N ILE D 220 16.64 14.84 6.70
CA ILE D 220 16.67 16.28 6.47
C ILE D 220 15.34 16.94 6.86
N PRO D 221 14.18 16.43 6.45
CA PRO D 221 12.93 17.03 6.95
C PRO D 221 12.80 17.01 8.46
N CYS D 222 13.19 15.91 9.10
CA CYS D 222 13.11 15.83 10.55
C CYS D 222 14.03 16.86 11.19
N LEU D 223 15.24 17.01 10.67
CA LEU D 223 16.15 18.02 11.20
C LEU D 223 15.58 19.41 10.99
N LEU D 224 14.95 19.65 9.85
CA LEU D 224 14.36 20.95 9.56
C LEU D 224 13.28 21.29 10.58
N PHE D 225 12.37 20.36 10.82
CA PHE D 225 11.31 20.61 11.79
C PHE D 225 11.88 20.74 13.21
N SER D 226 12.88 19.93 13.56
CA SER D 226 13.48 20.05 14.88
C SER D 226 14.11 21.43 15.06
N PHE D 227 14.76 21.96 14.03
CA PHE D 227 15.32 23.29 14.12
C PHE D 227 14.22 24.34 14.25
N LEU D 228 13.13 24.18 13.51
CA LEU D 228 12.02 25.11 13.65
C LEU D 228 11.38 25.04 15.02
N THR D 229 11.59 23.93 15.76
CA THR D 229 11.01 23.80 17.08
C THR D 229 11.39 24.97 17.98
N GLY D 230 12.68 25.26 18.07
CA GLY D 230 13.14 26.30 18.96
C GLY D 230 12.89 27.71 18.48
N LEU D 231 12.35 27.85 17.27
CA LEU D 231 12.02 29.15 16.73
C LEU D 231 10.80 29.76 17.39
N VAL D 232 9.97 28.95 18.05
CA VAL D 232 8.75 29.47 18.66
C VAL D 232 9.05 30.44 19.78
N PHE D 233 10.26 30.41 20.34
CA PHE D 233 10.61 31.33 21.41
C PHE D 233 10.93 32.72 20.90
N TYR D 234 11.29 32.86 19.64
CA TYR D 234 11.44 34.18 19.06
C TYR D 234 10.12 34.79 18.62
N LEU D 235 9.07 34.00 18.55
CA LEU D 235 7.78 34.51 18.13
C LEU D 235 7.11 35.23 19.28
N PRO D 236 6.76 36.51 19.13
CA PRO D 236 6.16 37.24 20.27
C PRO D 236 4.79 36.69 20.62
N THR D 237 4.43 36.86 21.90
CA THR D 237 3.15 36.34 22.38
C THR D 237 1.98 37.14 21.82
N ASP D 238 2.17 38.43 21.57
CA ASP D 238 1.10 39.23 20.98
C ASP D 238 0.73 38.76 19.58
N SER D 239 1.59 37.98 18.94
CA SER D 239 1.27 37.46 17.62
C SER D 239 0.07 36.51 17.66
N GLY D 240 -0.08 35.77 18.76
CA GLY D 240 -1.14 34.78 18.83
C GLY D 240 -0.95 33.66 17.84
N GLU D 241 0.29 33.19 17.66
CA GLU D 241 0.57 32.15 16.69
C GLU D 241 1.60 31.14 17.20
N LYS D 242 2.03 31.23 18.46
CA LYS D 242 3.05 30.31 18.95
C LYS D 242 2.55 28.87 18.94
N MET D 243 1.31 28.66 19.39
CA MET D 243 0.75 27.32 19.36
C MET D 243 0.72 26.78 17.95
N THR D 244 0.37 27.61 16.97
CA THR D 244 0.35 27.16 15.59
C THR D 244 1.68 26.54 15.21
N LEU D 245 2.78 27.27 15.42
CA LEU D 245 4.09 26.79 15.02
C LEU D 245 4.46 25.52 15.76
N SER D 246 4.37 25.55 17.10
CA SER D 246 4.81 24.39 17.88
C SER D 246 4.00 23.15 17.51
N ILE D 247 2.69 23.30 17.40
CA ILE D 247 1.82 22.17 17.14
C ILE D 247 2.03 21.63 15.74
N SER D 248 2.27 22.51 14.77
CA SER D 248 2.56 22.03 13.42
C SER D 248 3.85 21.22 13.41
N VAL D 249 4.86 21.68 14.13
CA VAL D 249 6.09 20.90 14.23
C VAL D 249 5.82 19.54 14.85
N LEU D 250 4.99 19.51 15.89
CA LEU D 250 4.68 18.24 16.55
C LEU D 250 3.95 17.28 15.61
N LEU D 251 2.98 17.79 14.85
CA LEU D 251 2.27 16.94 13.90
C LEU D 251 3.19 16.42 12.81
N SER D 252 4.06 17.28 12.30
CA SER D 252 5.03 16.82 11.32
C SER D 252 5.89 15.70 11.88
N LEU D 253 6.33 15.86 13.13
CA LEU D 253 7.16 14.81 13.72
C LEU D 253 6.38 13.53 13.94
N THR D 254 5.10 13.59 14.28
CA THR D 254 4.36 12.34 14.46
C THR D 254 4.18 11.63 13.11
N VAL D 255 3.96 12.40 12.04
CA VAL D 255 3.89 11.77 10.71
C VAL D 255 5.22 11.11 10.38
N PHE D 256 6.33 11.79 10.66
CA PHE D 256 7.62 11.19 10.36
C PHE D 256 7.89 9.98 11.25
N LEU D 257 7.35 9.97 12.47
CA LEU D 257 7.44 8.78 13.30
C LEU D 257 6.71 7.61 12.66
N LEU D 258 5.53 7.87 12.11
CA LEU D 258 4.82 6.85 11.35
C LEU D 258 5.72 6.28 10.25
N VAL D 259 6.39 7.17 9.51
CA VAL D 259 7.27 6.73 8.44
C VAL D 259 8.39 5.86 8.99
N ILE D 260 9.03 6.30 10.08
CA ILE D 260 10.14 5.55 10.66
C ILE D 260 9.69 4.16 11.08
N VAL D 261 8.57 4.09 11.80
CA VAL D 261 8.14 2.78 12.31
C VAL D 261 7.79 1.85 11.17
N GLU D 262 7.23 2.37 10.08
CA GLU D 262 7.01 1.48 8.95
C GLU D 262 8.28 1.23 8.14
N LEU D 263 9.40 1.88 8.48
CA LEU D 263 10.64 1.63 7.76
C LEU D 263 11.42 0.44 8.30
N ILE D 264 11.38 0.18 9.60
CA ILE D 264 12.33 -0.75 10.23
C ILE D 264 11.61 -1.95 10.85
N PRO D 265 12.31 -3.06 11.08
CA PRO D 265 11.67 -4.22 11.73
C PRO D 265 11.36 -3.95 13.19
N SER D 266 10.36 -4.68 13.69
CA SER D 266 9.84 -4.50 15.03
C SER D 266 10.65 -5.23 16.09
N THR D 267 11.86 -5.68 15.76
CA THR D 267 12.67 -6.39 16.74
C THR D 267 13.06 -5.46 17.89
N SER D 268 13.05 -6.01 19.10
CA SER D 268 13.37 -5.26 20.31
C SER D 268 14.74 -5.63 20.87
N SER D 269 15.52 -6.41 20.14
CA SER D 269 16.83 -6.81 20.66
C SER D 269 17.75 -5.61 20.80
N ALA D 270 17.70 -4.68 19.85
CA ALA D 270 18.46 -3.44 19.93
C ALA D 270 17.55 -2.27 19.59
N VAL D 271 17.70 -1.19 20.34
CA VAL D 271 16.85 0.00 20.16
C VAL D 271 17.38 0.80 18.97
N PRO D 272 16.59 1.02 17.92
CA PRO D 272 17.10 1.79 16.78
C PRO D 272 17.43 3.22 17.20
N LEU D 273 18.66 3.64 16.90
CA LEU D 273 19.05 5.00 17.27
C LEU D 273 18.17 6.03 16.58
N ILE D 274 17.67 5.73 15.39
CA ILE D 274 16.74 6.65 14.74
C ILE D 274 15.46 6.79 15.55
N GLY D 275 14.93 5.67 16.04
CA GLY D 275 13.74 5.73 16.87
C GLY D 275 13.97 6.44 18.18
N LYS D 276 15.11 6.18 18.82
CA LYS D 276 15.43 6.87 20.07
C LYS D 276 15.57 8.37 19.84
N TYR D 277 16.23 8.76 18.75
CA TYR D 277 16.40 10.18 18.46
C TYR D 277 15.06 10.82 18.13
N MET D 278 14.17 10.10 17.45
CA MET D 278 12.85 10.65 17.18
C MET D 278 12.06 10.83 18.47
N LEU D 279 12.16 9.87 19.39
CA LEU D 279 11.51 10.05 20.69
C LEU D 279 12.09 11.24 21.44
N PHE D 280 13.41 11.41 21.38
CA PHE D 280 14.02 12.54 22.06
C PHE D 280 13.58 13.86 21.44
N THR D 281 13.45 13.91 20.12
CA THR D 281 12.95 15.13 19.48
C THR D 281 11.50 15.38 19.83
N MET D 282 10.70 14.33 19.99
CA MET D 282 9.33 14.53 20.43
C MET D 282 9.28 15.05 21.86
N ILE D 283 10.14 14.53 22.75
CA ILE D 283 10.23 15.09 24.09
C ILE D 283 10.67 16.54 24.03
N PHE D 284 11.58 16.85 23.11
CA PHE D 284 12.03 18.22 22.92
C PHE D 284 10.89 19.14 22.53
N VAL D 285 10.08 18.72 21.56
CA VAL D 285 8.96 19.54 21.11
C VAL D 285 7.90 19.65 22.21
N ILE D 286 7.68 18.57 22.96
CA ILE D 286 6.71 18.62 24.06
C ILE D 286 7.16 19.58 25.13
N SER D 287 8.45 19.56 25.48
CA SER D 287 8.97 20.51 26.44
C SER D 287 8.85 21.94 25.93
N SER D 288 9.11 22.13 24.63
CA SER D 288 8.92 23.44 24.05
C SER D 288 7.47 23.91 24.19
N ILE D 289 6.52 23.02 23.91
CA ILE D 289 5.11 23.38 24.03
C ILE D 289 4.76 23.72 25.46
N ILE D 290 5.23 22.92 26.42
CA ILE D 290 4.91 23.16 27.82
C ILE D 290 5.47 24.51 28.26
N ILE D 291 6.73 24.77 27.94
CA ILE D 291 7.37 25.98 28.44
C ILE D 291 6.83 27.20 27.72
N THR D 292 6.44 27.07 26.45
CA THR D 292 5.84 28.22 25.78
C THR D 292 4.42 28.46 26.26
N VAL D 293 3.71 27.42 26.70
CA VAL D 293 2.43 27.63 27.37
C VAL D 293 2.65 28.39 28.67
N VAL D 294 3.70 28.04 29.40
CA VAL D 294 4.03 28.77 30.62
C VAL D 294 4.33 30.23 30.30
N VAL D 295 5.07 30.47 29.23
CA VAL D 295 5.39 31.84 28.84
C VAL D 295 4.13 32.60 28.47
N ILE D 296 3.23 31.97 27.70
CA ILE D 296 1.99 32.63 27.31
C ILE D 296 1.17 32.97 28.55
N ASN D 297 1.12 32.05 29.51
CA ASN D 297 0.41 32.33 30.75
C ASN D 297 1.04 33.52 31.48
N THR D 298 2.37 33.56 31.53
CA THR D 298 3.05 34.67 32.21
C THR D 298 2.76 36.00 31.53
N HIS D 299 2.79 36.01 30.19
CA HIS D 299 2.59 37.25 29.45
C HIS D 299 1.23 37.86 29.74
N HIS D 300 0.20 37.01 29.84
CA HIS D 300 -1.18 37.45 30.03
C HIS D 300 -1.57 37.54 31.49
N ARG D 301 -0.63 37.38 32.41
CA ARG D 301 -0.95 37.43 33.82
C ARG D 301 -1.60 38.77 34.16
N SER D 302 -2.75 38.70 34.84
CA SER D 302 -3.49 39.90 35.17
C SER D 302 -2.85 40.59 36.37
N PRO D 303 -2.41 41.84 36.25
CA PRO D 303 -1.80 42.51 37.41
C PRO D 303 -2.76 42.69 38.56
N SER D 304 -4.06 42.72 38.31
CA SER D 304 -5.02 42.92 39.39
C SER D 304 -4.95 41.81 40.42
N THR D 305 -4.91 40.55 39.96
CA THR D 305 -4.95 39.41 40.86
C THR D 305 -3.57 38.83 41.16
N HIS D 306 -2.62 38.98 40.26
CA HIS D 306 -1.25 38.52 40.47
C HIS D 306 -0.36 39.72 40.72
N THR D 307 0.53 39.60 41.71
CA THR D 307 1.55 40.60 41.98
C THR D 307 2.91 39.94 41.82
N MET D 308 3.81 40.61 41.11
CA MET D 308 5.08 39.99 40.77
C MET D 308 5.88 39.70 42.04
N PRO D 309 6.32 38.46 42.25
CA PRO D 309 7.18 38.19 43.40
C PRO D 309 8.49 38.94 43.29
N GLN D 310 9.06 39.29 44.44
CA GLN D 310 10.30 40.05 44.46
C GLN D 310 11.43 39.28 43.78
N TRP D 311 11.52 37.98 44.05
CA TRP D 311 12.59 37.18 43.44
C TRP D 311 12.44 37.15 41.92
N VAL D 312 11.21 37.00 41.43
CA VAL D 312 10.99 37.01 39.99
C VAL D 312 11.46 38.33 39.40
N ARG D 313 11.05 39.44 40.01
CA ARG D 313 11.45 40.75 39.50
C ARG D 313 12.96 40.87 39.47
N LYS D 314 13.62 40.57 40.59
CA LYS D 314 15.07 40.69 40.64
C LYS D 314 15.71 39.85 39.55
N ILE D 315 15.37 38.56 39.48
CA ILE D 315 16.07 37.66 38.57
C ILE D 315 15.85 38.09 37.12
N PHE D 316 14.61 38.38 36.75
CA PHE D 316 14.26 38.55 35.34
C PHE D 316 14.21 40.00 34.89
N ILE D 317 14.53 40.96 35.75
CA ILE D 317 14.60 42.35 35.34
C ILE D 317 15.87 43.05 35.76
N ASP D 318 16.65 42.52 36.72
CA ASP D 318 17.81 43.22 37.23
C ASP D 318 19.13 42.52 36.97
N THR D 319 19.12 41.22 36.74
CA THR D 319 20.37 40.47 36.57
C THR D 319 20.50 39.79 35.22
N ILE D 320 19.44 39.16 34.72
CA ILE D 320 19.55 38.39 33.48
C ILE D 320 19.63 39.33 32.27
N PRO D 321 18.85 40.41 32.22
CA PRO D 321 18.96 41.31 31.06
C PRO D 321 20.37 41.85 30.86
N ASN D 322 21.12 42.07 31.94
CA ASN D 322 22.48 42.58 31.81
C ASN D 322 23.46 41.52 31.31
N VAL D 323 23.07 40.24 31.32
CA VAL D 323 23.96 39.19 30.85
C VAL D 323 23.87 38.98 29.34
N MET D 324 22.78 39.39 28.71
CA MET D 324 22.59 39.17 27.28
C MET D 324 23.16 40.37 26.52
N PHE D 325 24.39 40.20 26.03
CA PHE D 325 25.06 41.28 25.31
C PHE D 325 24.62 41.37 23.86
N PHE D 326 24.29 40.23 23.24
CA PHE D 326 23.92 40.19 21.84
C PHE D 326 22.44 40.48 21.60
N SER D 327 21.67 40.71 22.65
CA SER D 327 20.25 41.04 22.53
C SER D 327 20.05 42.54 22.70
N THR D 328 18.99 43.05 22.07
CA THR D 328 18.70 44.48 22.06
C THR D 328 17.57 44.83 23.01
N MET D 329 17.49 44.17 24.17
CA MET D 329 16.42 44.45 25.11
C MET D 329 16.57 45.86 25.66
N LYS D 330 15.68 46.22 26.58
CA LYS D 330 15.73 47.46 27.31
C LYS D 330 16.16 47.16 28.75
N ARG D 331 17.18 47.87 29.21
CA ARG D 331 17.72 47.63 30.55
C ARG D 331 17.99 48.94 31.27
N PRO D 370 -23.39 74.50 42.53
CA PRO D 370 -23.99 74.30 41.20
C PRO D 370 -23.45 73.05 40.50
N ASP D 371 -23.80 72.88 39.22
CA ASP D 371 -23.32 71.74 38.46
C ASP D 371 -21.85 71.85 38.08
N VAL D 372 -21.25 73.02 38.23
CA VAL D 372 -19.81 73.16 37.96
C VAL D 372 -19.02 72.23 38.86
N LYS D 373 -19.47 72.08 40.11
CA LYS D 373 -18.85 71.10 40.99
C LYS D 373 -18.83 69.74 40.33
N SER D 374 -19.99 69.28 39.84
CA SER D 374 -20.07 67.98 39.20
C SER D 374 -19.01 67.84 38.10
N ALA D 375 -18.81 68.90 37.32
CA ALA D 375 -17.77 68.86 36.30
C ALA D 375 -16.38 68.71 36.91
N ILE D 376 -16.14 69.40 38.03
CA ILE D 376 -14.83 69.31 38.67
C ILE D 376 -14.58 67.89 39.16
N GLU D 377 -15.57 67.29 39.82
CA GLU D 377 -15.40 65.90 40.24
C GLU D 377 -15.35 64.94 39.05
N GLY D 378 -15.97 65.30 37.92
CA GLY D 378 -15.82 64.48 36.73
C GLY D 378 -14.39 64.45 36.23
N VAL D 379 -13.75 65.62 36.19
CA VAL D 379 -12.34 65.66 35.81
C VAL D 379 -11.49 64.93 36.84
N LYS D 380 -11.81 65.10 38.13
CA LYS D 380 -11.17 64.32 39.17
C LYS D 380 -11.22 62.83 38.85
N TYR D 381 -12.42 62.33 38.54
CA TYR D 381 -12.60 60.90 38.30
C TYR D 381 -11.83 60.46 37.07
N ILE D 382 -11.83 61.27 36.02
CA ILE D 382 -11.05 60.92 34.82
C ILE D 382 -9.58 60.77 35.18
N ALA D 383 -9.05 61.74 35.92
CA ALA D 383 -7.64 61.69 36.28
C ALA D 383 -7.32 60.47 37.14
N GLU D 384 -8.17 60.19 38.13
CA GLU D 384 -7.93 59.05 39.00
C GLU D 384 -7.98 57.74 38.24
N HIS D 385 -8.96 57.60 37.34
CA HIS D 385 -9.03 56.38 36.55
C HIS D 385 -7.82 56.23 35.66
N MET D 386 -7.34 57.33 35.07
CA MET D 386 -6.15 57.23 34.24
C MET D 386 -4.94 56.83 35.09
N LYS D 387 -4.83 57.35 36.31
CA LYS D 387 -3.73 56.93 37.19
C LYS D 387 -3.80 55.44 37.48
N SER D 388 -4.99 54.95 37.84
CA SER D 388 -5.11 53.52 38.13
C SER D 388 -4.81 52.68 36.90
N ASP D 389 -5.28 53.13 35.73
CA ASP D 389 -5.02 52.41 34.49
C ASP D 389 -3.53 52.39 34.19
N GLU D 390 -2.84 53.50 34.42
CA GLU D 390 -1.39 53.51 34.21
C GLU D 390 -0.69 52.54 35.14
N GLU D 391 -1.11 52.49 36.40
CA GLU D 391 -0.51 51.54 37.34
C GLU D 391 -0.70 50.10 36.85
N SER D 392 -1.93 49.76 36.48
CA SER D 392 -2.21 48.40 36.02
C SER D 392 -1.43 48.08 34.75
N SER D 393 -1.37 49.03 33.81
CA SER D 393 -0.67 48.79 32.57
C SER D 393 0.82 48.62 32.80
N ASN D 394 1.39 49.39 33.73
CA ASN D 394 2.81 49.23 34.04
C ASN D 394 3.07 47.85 34.64
N ALA D 395 2.19 47.38 35.52
CA ALA D 395 2.37 46.03 36.06
C ALA D 395 2.27 44.98 34.97
N ALA D 396 1.29 45.10 34.08
CA ALA D 396 1.16 44.16 32.98
C ALA D 396 2.37 44.20 32.07
N GLU D 397 2.92 45.40 31.84
CA GLU D 397 4.09 45.52 30.99
C GLU D 397 5.30 44.87 31.65
N GLU D 398 5.41 44.96 32.98
CA GLU D 398 6.46 44.24 33.67
C GLU D 398 6.32 42.73 33.47
N TRP D 399 5.08 42.22 33.56
CA TRP D 399 4.87 40.80 33.31
C TRP D 399 5.29 40.43 31.89
N LYS D 400 4.93 41.26 30.92
CA LYS D 400 5.30 40.98 29.53
C LYS D 400 6.81 41.01 29.35
N TYR D 401 7.49 41.94 30.03
CA TYR D 401 8.94 41.98 29.98
C TYR D 401 9.53 40.69 30.52
N VAL D 402 8.99 40.19 31.63
CA VAL D 402 9.47 38.93 32.18
C VAL D 402 9.28 37.80 31.18
N ALA D 403 8.11 37.77 30.52
CA ALA D 403 7.87 36.74 29.52
C ALA D 403 8.88 36.83 28.38
N MET D 404 9.18 38.04 27.94
CA MET D 404 10.15 38.23 26.87
C MET D 404 11.53 37.72 27.29
N VAL D 405 11.94 38.02 28.52
CA VAL D 405 13.24 37.56 29.00
C VAL D 405 13.27 36.04 29.04
N ILE D 406 12.19 35.42 29.51
CA ILE D 406 12.12 33.97 29.54
C ILE D 406 12.26 33.40 28.14
N ASP D 407 11.58 34.00 27.17
CA ASP D 407 11.69 33.54 25.79
C ASP D 407 13.11 33.65 25.29
N HIS D 408 13.80 34.74 25.60
CA HIS D 408 15.18 34.87 25.13
C HIS D 408 16.07 33.80 25.75
N ILE D 409 15.92 33.56 27.05
CA ILE D 409 16.69 32.49 27.70
C ILE D 409 16.44 31.17 26.99
N LEU D 410 15.17 30.83 26.78
CA LEU D 410 14.83 29.55 26.21
C LEU D 410 15.30 29.44 24.77
N LEU D 411 15.26 30.54 24.02
CA LEU D 411 15.75 30.51 22.65
C LEU D 411 17.23 30.19 22.62
N CYS D 412 18.01 30.87 23.47
CA CYS D 412 19.43 30.56 23.52
C CYS D 412 19.65 29.09 23.89
N VAL D 413 18.97 28.62 24.92
CA VAL D 413 19.17 27.25 25.40
C VAL D 413 18.78 26.25 24.32
N PHE D 414 17.66 26.48 23.64
CA PHE D 414 17.17 25.52 22.67
C PHE D 414 18.02 25.50 21.40
N MET D 415 18.52 26.66 20.97
CA MET D 415 19.47 26.65 19.85
C MET D 415 20.74 25.89 20.21
N LEU D 416 21.26 26.12 21.42
CA LEU D 416 22.46 25.39 21.83
C LEU D 416 22.20 23.88 21.86
N ILE D 417 21.07 23.48 22.44
CA ILE D 417 20.73 22.06 22.53
C ILE D 417 20.55 21.47 21.14
N CYS D 418 19.89 22.19 20.24
CA CYS D 418 19.65 21.67 18.90
C CYS D 418 20.96 21.48 18.13
N ILE D 419 21.88 22.45 18.23
CA ILE D 419 23.14 22.28 17.50
C ILE D 419 23.97 21.16 18.11
N ILE D 420 23.99 21.06 19.44
CA ILE D 420 24.73 19.99 20.09
C ILE D 420 24.17 18.63 19.68
N GLY D 421 22.84 18.52 19.65
CA GLY D 421 22.23 17.27 19.23
C GLY D 421 22.52 16.91 17.79
N THR D 422 22.29 17.86 16.88
CA THR D 422 22.51 17.57 15.46
C THR D 422 23.97 17.31 15.14
N VAL D 423 24.90 17.79 15.96
CA VAL D 423 26.31 17.46 15.74
C VAL D 423 26.57 16.00 16.12
N SER D 424 25.95 15.51 17.19
CA SER D 424 26.36 14.26 17.81
C SER D 424 25.44 13.08 17.53
N VAL D 425 24.45 13.20 16.64
CA VAL D 425 23.63 12.05 16.32
C VAL D 425 24.38 11.10 15.40
N PHE D 426 24.14 9.81 15.57
CA PHE D 426 24.78 8.75 14.79
C PHE D 426 26.30 8.88 14.85
N ALA D 427 26.81 9.25 16.03
CA ALA D 427 28.24 9.46 16.25
C ALA D 427 28.81 10.49 15.27
N GLY D 428 28.00 11.46 14.90
CA GLY D 428 28.43 12.52 14.00
C GLY D 428 28.42 12.16 12.53
N ARG D 429 28.04 10.94 12.17
CA ARG D 429 28.08 10.51 10.78
C ARG D 429 27.12 11.33 9.92
N LEU D 430 26.06 11.85 10.52
CA LEU D 430 25.13 12.69 9.77
C LEU D 430 25.79 13.98 9.31
N ILE D 431 26.45 14.69 10.24
CA ILE D 431 27.07 15.95 9.87
C ILE D 431 28.33 15.73 9.05
N GLU D 432 28.99 14.57 9.24
CA GLU D 432 30.13 14.24 8.39
C GLU D 432 29.70 14.02 6.94
N LEU D 433 28.49 13.51 6.74
CA LEU D 433 27.99 13.25 5.40
C LEU D 433 27.58 14.53 4.69
N GLU E 1 34.10 -51.71 -5.96
CA GLU E 1 32.76 -51.41 -6.51
C GLU E 1 31.81 -51.01 -5.38
N ASN E 2 30.88 -50.12 -5.69
CA ASN E 2 29.88 -49.67 -4.72
C ASN E 2 28.82 -50.75 -4.59
N GLU E 3 28.86 -51.53 -3.50
CA GLU E 3 27.86 -52.54 -3.27
C GLU E 3 26.49 -51.94 -2.99
N GLU E 4 26.44 -50.67 -2.57
CA GLU E 4 25.15 -50.02 -2.40
C GLU E 4 24.34 -50.08 -3.67
N GLY E 5 25.01 -50.08 -4.83
CA GLY E 5 24.27 -50.15 -6.08
C GLY E 5 23.44 -51.40 -6.20
N ARG E 6 24.08 -52.56 -6.02
CA ARG E 6 23.34 -53.81 -6.15
C ARG E 6 22.38 -54.01 -4.99
N LEU E 7 22.75 -53.54 -3.80
CA LEU E 7 21.83 -53.64 -2.67
C LEU E 7 20.54 -52.86 -2.94
N ILE E 8 20.67 -51.63 -3.44
CA ILE E 8 19.48 -50.82 -3.69
C ILE E 8 18.70 -51.37 -4.88
N GLU E 9 19.40 -51.89 -5.89
CA GLU E 9 18.69 -52.52 -6.99
C GLU E 9 17.86 -53.70 -6.51
N LYS E 10 18.42 -54.48 -5.58
CA LYS E 10 17.66 -55.59 -5.00
C LYS E 10 16.47 -55.08 -4.20
N LEU E 11 16.69 -54.07 -3.35
CA LEU E 11 15.63 -53.62 -2.46
C LEU E 11 14.48 -53.00 -3.23
N LEU E 12 14.77 -52.05 -4.11
CA LEU E 12 13.71 -51.35 -4.82
C LEU E 12 13.16 -52.16 -5.98
N GLY E 13 13.86 -53.20 -6.41
CA GLY E 13 13.29 -54.11 -7.39
C GLY E 13 12.14 -54.88 -6.79
N ASP E 14 11.01 -54.92 -7.50
CA ASP E 14 9.81 -55.58 -7.00
C ASP E 14 9.34 -54.94 -5.70
N TYR E 15 9.24 -53.62 -5.71
CA TYR E 15 8.83 -52.83 -4.55
C TYR E 15 7.79 -51.83 -5.03
N ASP E 16 6.61 -51.85 -4.41
CA ASP E 16 5.53 -50.96 -4.76
C ASP E 16 5.39 -49.90 -3.69
N LYS E 17 5.64 -48.64 -4.05
CA LYS E 17 5.61 -47.55 -3.10
C LYS E 17 4.18 -47.09 -2.78
N ARG E 18 3.17 -47.64 -3.46
CA ARG E 18 1.80 -47.31 -3.17
C ARG E 18 1.21 -48.11 -2.03
N ILE E 19 1.91 -49.16 -1.57
CA ILE E 19 1.37 -50.11 -0.62
C ILE E 19 1.92 -49.80 0.76
N ILE E 20 1.02 -49.63 1.73
CA ILE E 20 1.47 -49.41 3.11
C ILE E 20 2.18 -50.67 3.59
N PRO E 21 3.37 -50.58 4.19
CA PRO E 21 4.14 -51.79 4.51
C PRO E 21 3.65 -52.50 5.77
N ALA E 22 2.47 -53.11 5.67
CA ALA E 22 1.90 -53.88 6.76
C ALA E 22 2.21 -55.35 6.54
N LYS E 23 2.89 -55.97 7.51
CA LYS E 23 3.27 -57.37 7.36
C LYS E 23 2.04 -58.26 7.25
N THR E 24 1.03 -58.00 8.07
CA THR E 24 -0.20 -58.77 8.07
C THR E 24 -1.39 -57.82 7.97
N LEU E 25 -2.59 -58.39 8.01
CA LEU E 25 -3.79 -57.58 7.81
C LEU E 25 -3.97 -56.57 8.94
N ASP E 26 -3.69 -56.96 10.17
CA ASP E 26 -3.97 -56.14 11.34
C ASP E 26 -2.78 -55.29 11.79
N HIS E 27 -1.66 -55.34 11.06
CA HIS E 27 -0.48 -54.62 11.50
C HIS E 27 -0.66 -53.12 11.31
N ILE E 28 -0.39 -52.36 12.35
CA ILE E 28 -0.52 -50.90 12.33
C ILE E 28 0.87 -50.31 12.36
N ILE E 29 1.21 -49.51 11.35
CA ILE E 29 2.52 -48.89 11.27
C ILE E 29 2.61 -47.78 12.30
N ASP E 30 3.66 -47.82 13.11
CA ASP E 30 3.91 -46.77 14.10
C ASP E 30 4.78 -45.70 13.46
N VAL E 31 4.25 -44.50 13.33
CA VAL E 31 4.97 -43.38 12.75
C VAL E 31 5.30 -42.41 13.86
N THR E 32 6.58 -42.10 14.01
CA THR E 32 7.09 -41.29 15.11
C THR E 32 7.47 -39.91 14.60
N LEU E 33 6.95 -38.87 15.26
CA LEU E 33 7.19 -37.50 14.86
C LEU E 33 8.06 -36.78 15.88
N LYS E 34 8.86 -35.84 15.39
CA LYS E 34 9.67 -34.97 16.22
C LYS E 34 9.96 -33.71 15.43
N LEU E 35 9.62 -32.57 16.01
CA LEU E 35 9.79 -31.28 15.36
C LEU E 35 11.01 -30.58 15.96
N THR E 36 11.92 -30.16 15.10
CA THR E 36 13.08 -29.38 15.49
C THR E 36 12.92 -27.99 14.92
N LEU E 37 12.75 -27.00 15.79
CA LEU E 37 12.60 -25.62 15.38
C LEU E 37 13.97 -24.98 15.24
N THR E 38 14.26 -24.43 14.06
CA THR E 38 15.50 -23.74 13.82
C THR E 38 15.35 -22.24 13.73
N ASN E 39 14.16 -21.75 13.42
CA ASN E 39 13.93 -20.32 13.33
C ASN E 39 12.45 -20.00 13.31
N LEU E 40 12.01 -19.12 14.19
CA LEU E 40 10.64 -18.61 14.16
C LEU E 40 10.67 -17.38 13.26
N ILE E 41 10.40 -17.59 11.98
CA ILE E 41 10.65 -16.55 10.99
C ILE E 41 9.80 -15.31 11.28
N SER E 42 8.51 -15.51 11.52
CA SER E 42 7.64 -14.37 11.75
C SER E 42 6.26 -14.85 12.16
N LEU E 43 5.51 -13.94 12.78
CA LEU E 43 4.09 -14.11 13.08
C LEU E 43 3.37 -12.95 12.41
N ASN E 44 2.93 -13.16 11.17
CA ASN E 44 2.26 -12.10 10.42
C ASN E 44 0.93 -11.80 11.07
N GLU E 45 0.84 -10.65 11.74
CA GLU E 45 -0.40 -10.30 12.44
C GLU E 45 -1.55 -10.13 11.46
N LYS E 46 -1.30 -9.49 10.32
CA LYS E 46 -2.39 -9.15 9.42
C LYS E 46 -3.10 -10.40 8.92
N GLU E 47 -2.35 -11.41 8.47
CA GLU E 47 -2.94 -12.63 7.98
C GLU E 47 -2.97 -13.74 9.03
N GLU E 48 -2.54 -13.47 10.25
CA GLU E 48 -2.59 -14.43 11.35
C GLU E 48 -1.92 -15.75 10.95
N ALA E 49 -0.67 -15.64 10.53
CA ALA E 49 0.11 -16.80 10.09
C ALA E 49 1.45 -16.80 10.80
N LEU E 50 1.81 -17.95 11.35
CA LEU E 50 3.13 -18.17 11.94
C LEU E 50 3.99 -18.92 10.95
N THR E 51 5.13 -18.34 10.59
CA THR E 51 6.07 -18.95 9.66
C THR E 51 7.27 -19.48 10.44
N THR E 52 7.59 -20.74 10.23
CA THR E 52 8.65 -21.39 10.98
C THR E 52 9.55 -22.18 10.04
N ASN E 53 10.83 -22.25 10.38
CA ASN E 53 11.82 -23.05 9.67
C ASN E 53 12.15 -24.25 10.56
N VAL E 54 11.64 -25.42 10.19
CA VAL E 54 11.71 -26.60 11.05
C VAL E 54 12.30 -27.76 10.28
N TRP E 55 12.86 -28.70 11.01
CA TRP E 55 13.19 -30.03 10.50
C TRP E 55 12.26 -31.02 11.18
N ILE E 56 11.37 -31.63 10.41
CA ILE E 56 10.43 -32.59 10.94
C ILE E 56 11.04 -33.99 10.79
N GLU E 57 11.16 -34.70 11.89
CA GLU E 57 11.75 -36.03 11.90
C GLU E 57 10.65 -37.07 11.93
N ILE E 58 10.60 -37.90 10.90
CA ILE E 58 9.58 -38.93 10.76
C ILE E 58 10.29 -40.28 10.72
N GLN E 59 9.82 -41.21 11.53
CA GLN E 59 10.41 -42.54 11.61
C GLN E 59 9.33 -43.60 11.56
N TRP E 60 9.55 -44.63 10.76
CA TRP E 60 8.67 -45.78 10.71
C TRP E 60 9.50 -46.98 10.32
N ASN E 61 8.85 -48.13 10.20
CA ASN E 61 9.52 -49.37 9.86
C ASN E 61 8.88 -49.95 8.61
N ASP E 62 9.70 -50.17 7.59
CA ASP E 62 9.26 -50.77 6.33
C ASP E 62 9.98 -52.11 6.21
N TYR E 63 9.28 -53.20 6.52
CA TYR E 63 9.92 -54.50 6.54
C TYR E 63 10.44 -54.92 5.18
N ARG E 64 9.91 -54.33 4.10
CA ARG E 64 10.37 -54.70 2.77
C ARG E 64 11.82 -54.29 2.53
N LEU E 65 12.24 -53.16 3.11
CA LEU E 65 13.59 -52.65 2.93
C LEU E 65 14.48 -53.06 4.10
N SER E 66 14.67 -54.37 4.24
CA SER E 66 15.56 -54.94 5.22
C SER E 66 16.45 -55.96 4.54
N TRP E 67 17.71 -56.02 4.95
CA TRP E 67 18.66 -56.91 4.33
C TRP E 67 19.64 -57.44 5.36
N ASN E 68 20.45 -58.39 4.94
CA ASN E 68 21.48 -59.02 5.77
C ASN E 68 22.80 -58.33 5.47
N THR E 69 23.33 -57.61 6.46
CA THR E 69 24.52 -56.81 6.22
C THR E 69 25.70 -57.68 5.79
N SER E 70 25.75 -58.93 6.24
CA SER E 70 26.85 -59.81 5.88
C SER E 70 26.89 -60.09 4.38
N GLU E 71 25.76 -60.01 3.69
CA GLU E 71 25.72 -60.27 2.26
C GLU E 71 26.11 -59.06 1.43
N TYR E 72 26.39 -57.91 2.06
CA TYR E 72 26.68 -56.69 1.34
C TYR E 72 27.85 -55.96 1.97
N GLU E 73 28.85 -56.72 2.43
CA GLU E 73 30.09 -56.15 2.95
C GLU E 73 29.83 -55.17 4.09
N GLY E 74 28.88 -55.51 4.95
CA GLY E 74 28.67 -54.72 6.16
C GLY E 74 27.95 -53.40 5.96
N ILE E 75 27.27 -53.21 4.85
CA ILE E 75 26.47 -52.00 4.65
C ILE E 75 25.23 -52.11 5.53
N ASP E 76 25.06 -51.16 6.44
CA ASP E 76 23.91 -51.17 7.35
C ASP E 76 23.14 -49.86 7.31
N LEU E 77 23.36 -49.01 6.32
CA LEU E 77 22.60 -47.77 6.19
C LEU E 77 22.80 -47.25 4.78
N VAL E 78 21.71 -47.06 4.05
CA VAL E 78 21.74 -46.51 2.71
C VAL E 78 20.77 -45.34 2.66
N ARG E 79 21.00 -44.45 1.71
CA ARG E 79 20.14 -43.29 1.47
C ARG E 79 19.39 -43.51 0.17
N ILE E 80 18.06 -43.53 0.25
CA ILE E 80 17.20 -43.71 -0.90
C ILE E 80 16.33 -42.48 -1.03
N PRO E 81 16.18 -41.90 -2.22
CA PRO E 81 15.33 -40.72 -2.35
C PRO E 81 13.91 -41.03 -1.91
N SER E 82 13.29 -40.06 -1.22
CA SER E 82 11.97 -40.28 -0.66
C SER E 82 10.91 -40.47 -1.73
N GLU E 83 11.15 -40.02 -2.96
CA GLU E 83 10.17 -40.20 -4.01
C GLU E 83 9.99 -41.67 -4.37
N LEU E 84 10.98 -42.51 -4.07
CA LEU E 84 10.93 -43.92 -4.46
C LEU E 84 10.30 -44.82 -3.41
N LEU E 85 9.99 -44.29 -2.23
CA LEU E 85 9.58 -45.11 -1.10
C LEU E 85 8.15 -44.78 -0.70
N TRP E 86 7.53 -45.72 0.01
CA TRP E 86 6.29 -45.42 0.69
C TRP E 86 6.56 -44.50 1.86
N LEU E 87 5.77 -43.44 1.97
CA LEU E 87 5.90 -42.50 3.07
C LEU E 87 4.55 -42.33 3.75
N PRO E 88 4.53 -42.11 5.06
CA PRO E 88 3.28 -41.71 5.71
C PRO E 88 2.99 -40.26 5.36
N ASP E 89 1.81 -40.01 4.80
CA ASP E 89 1.50 -38.68 4.32
C ASP E 89 1.24 -37.75 5.49
N VAL E 90 2.28 -37.49 6.29
CA VAL E 90 2.16 -36.61 7.44
C VAL E 90 2.22 -35.17 6.93
N VAL E 91 1.18 -34.39 7.23
CA VAL E 91 1.03 -33.06 6.69
C VAL E 91 0.64 -32.10 7.82
N LEU E 92 0.89 -30.82 7.58
CA LEU E 92 0.46 -29.76 8.49
C LEU E 92 -0.94 -29.33 8.09
N GLU E 93 -1.93 -29.68 8.91
CA GLU E 93 -3.31 -29.46 8.52
C GLU E 93 -3.72 -28.00 8.65
N ASN E 94 -3.25 -27.30 9.68
CA ASN E 94 -3.66 -25.92 9.92
C ASN E 94 -2.71 -24.95 9.20
N ASN E 95 -2.60 -25.13 7.89
CA ASN E 95 -1.75 -24.29 7.07
C ASN E 95 -2.58 -23.19 6.43
N VAL E 96 -2.03 -21.98 6.40
CA VAL E 96 -2.75 -20.85 5.82
C VAL E 96 -2.83 -21.00 4.30
N ASP E 97 -1.74 -21.42 3.68
CA ASP E 97 -1.70 -21.64 2.24
C ASP E 97 -2.08 -23.10 1.96
N GLY E 98 -1.88 -23.54 0.74
CA GLY E 98 -2.15 -24.91 0.37
C GLY E 98 -1.00 -25.86 0.57
N GLN E 99 0.07 -25.43 1.26
CA GLN E 99 1.27 -26.25 1.42
C GLN E 99 1.05 -27.21 2.59
N PHE E 100 0.62 -28.43 2.28
CA PHE E 100 0.44 -29.48 3.27
C PHE E 100 1.73 -30.24 3.55
N GLU E 101 2.49 -30.53 2.51
CA GLU E 101 3.64 -31.43 2.62
C GLU E 101 4.92 -30.62 2.81
N VAL E 102 6.04 -31.33 2.93
CA VAL E 102 7.32 -30.66 3.19
C VAL E 102 7.78 -29.93 1.94
N ALA E 103 8.71 -29.00 2.14
CA ALA E 103 9.22 -28.20 1.02
C ALA E 103 10.21 -28.99 0.18
N TYR E 104 11.26 -29.51 0.81
CA TYR E 104 12.30 -30.26 0.12
C TYR E 104 12.20 -31.73 0.47
N TYR E 105 12.11 -32.58 -0.54
CA TYR E 105 11.97 -34.02 -0.35
C TYR E 105 13.37 -34.63 -0.26
N ALA E 106 13.89 -34.67 0.96
CA ALA E 106 15.22 -35.21 1.20
C ALA E 106 15.21 -36.72 1.03
N ASN E 107 16.40 -37.31 1.12
CA ASN E 107 16.52 -38.76 1.10
C ASN E 107 16.04 -39.35 2.42
N VAL E 108 15.78 -40.64 2.39
CA VAL E 108 15.38 -41.39 3.58
C VAL E 108 16.55 -42.27 3.99
N LEU E 109 16.91 -42.22 5.27
CA LEU E 109 17.96 -43.09 5.79
C LEU E 109 17.34 -44.44 6.12
N VAL E 110 17.75 -45.47 5.39
CA VAL E 110 17.19 -46.81 5.52
C VAL E 110 18.23 -47.70 6.17
N TYR E 111 17.91 -48.27 7.32
CA TYR E 111 18.82 -49.13 8.05
C TYR E 111 18.51 -50.59 7.73
N ASN E 112 19.49 -51.45 8.01
CA ASN E 112 19.42 -52.84 7.55
C ASN E 112 18.22 -53.58 8.13
N ASP E 113 17.66 -53.12 9.24
CA ASP E 113 16.53 -53.79 9.86
C ASP E 113 15.19 -53.23 9.39
N GLY E 114 15.20 -52.30 8.44
CA GLY E 114 13.99 -51.73 7.90
C GLY E 114 13.60 -50.39 8.50
N SER E 115 14.32 -49.92 9.52
CA SER E 115 14.00 -48.63 10.10
C SER E 115 14.22 -47.53 9.07
N MET E 116 13.23 -46.67 8.91
CA MET E 116 13.30 -45.57 7.96
C MET E 116 13.33 -44.26 8.73
N TYR E 117 14.30 -43.41 8.41
CA TYR E 117 14.53 -42.17 9.12
C TYR E 117 14.51 -41.04 8.12
N TRP E 118 13.48 -40.21 8.17
CA TRP E 118 13.29 -39.09 7.24
C TRP E 118 13.29 -37.79 8.01
N LEU E 119 14.16 -36.87 7.61
CA LEU E 119 14.32 -35.58 8.28
C LEU E 119 14.40 -34.46 7.24
N PRO E 120 13.30 -34.18 6.56
CA PRO E 120 13.30 -33.10 5.57
C PRO E 120 13.16 -31.76 6.24
N PRO E 121 13.66 -30.69 5.62
CA PRO E 121 13.36 -29.35 6.12
C PRO E 121 12.02 -28.87 5.60
N ALA E 122 11.52 -27.81 6.22
CA ALA E 122 10.22 -27.28 5.83
C ALA E 122 10.09 -25.84 6.28
N ILE E 123 9.46 -25.03 5.45
CA ILE E 123 8.98 -23.70 5.84
C ILE E 123 7.47 -23.82 5.97
N TYR E 124 6.99 -23.85 7.21
CA TYR E 124 5.58 -24.06 7.48
C TYR E 124 4.92 -22.75 7.85
N ARG E 125 3.81 -22.45 7.19
CA ARG E 125 2.98 -21.29 7.50
C ARG E 125 1.65 -21.82 8.03
N SER E 126 1.43 -21.68 9.33
CA SER E 126 0.28 -22.26 10.00
C SER E 126 -0.60 -21.17 10.58
N THR E 127 -1.89 -21.44 10.66
CA THR E 127 -2.83 -20.46 11.19
C THR E 127 -2.60 -20.29 12.68
N CYS E 128 -2.45 -19.04 13.11
CA CYS E 128 -2.39 -18.70 14.53
C CYS E 128 -3.45 -17.64 14.81
N PRO E 129 -4.61 -18.04 15.35
CA PRO E 129 -5.59 -17.02 15.76
C PRO E 129 -5.01 -16.14 16.84
N ILE E 130 -4.86 -14.85 16.52
CA ILE E 130 -4.11 -13.92 17.34
C ILE E 130 -5.06 -13.21 18.29
N ALA E 131 -4.73 -13.23 19.58
CA ALA E 131 -5.49 -12.50 20.59
C ALA E 131 -4.86 -11.13 20.79
N VAL E 132 -5.61 -10.08 20.49
CA VAL E 132 -5.08 -8.71 20.52
C VAL E 132 -5.39 -8.00 21.83
N THR E 133 -5.99 -8.70 22.80
CA THR E 133 -6.52 -8.03 23.98
C THR E 133 -5.47 -7.17 24.67
N TYR E 134 -4.21 -7.61 24.65
CA TYR E 134 -3.15 -6.94 25.40
C TYR E 134 -2.02 -6.46 24.50
N PHE E 135 -2.32 -6.18 23.23
CA PHE E 135 -1.31 -5.62 22.35
C PHE E 135 -0.77 -4.32 22.93
N PRO E 136 0.55 -4.10 22.93
CA PRO E 136 1.66 -4.95 22.49
C PRO E 136 2.28 -5.77 23.60
N PHE E 137 1.58 -5.91 24.74
CA PHE E 137 2.05 -6.69 25.86
C PHE E 137 1.50 -8.11 25.84
N ASP E 138 1.23 -8.63 24.65
CA ASP E 138 0.50 -9.88 24.48
C ASP E 138 1.45 -11.05 24.29
N TRP E 139 0.98 -12.23 24.66
CA TRP E 139 1.62 -13.49 24.33
C TRP E 139 0.64 -14.30 23.50
N GLN E 140 1.15 -14.92 22.45
CA GLN E 140 0.32 -15.71 21.55
C GLN E 140 0.56 -17.19 21.77
N ASN E 141 -0.46 -17.98 21.47
CA ASN E 141 -0.45 -19.42 21.66
C ASN E 141 -0.66 -20.06 20.29
N CYS E 142 0.43 -20.22 19.55
CA CYS E 142 0.37 -20.74 18.20
C CYS E 142 0.58 -22.25 18.21
N SER E 143 -0.04 -22.92 17.25
CA SER E 143 -0.04 -24.38 17.21
C SER E 143 0.31 -24.87 15.81
N LEU E 144 0.95 -26.03 15.76
CA LEU E 144 1.25 -26.73 14.52
C LEU E 144 0.62 -28.12 14.62
N VAL E 145 -0.40 -28.38 13.81
CA VAL E 145 -1.16 -29.62 13.89
C VAL E 145 -0.68 -30.54 12.76
N PHE E 146 -0.16 -31.70 13.13
CA PHE E 146 0.32 -32.68 12.18
C PHE E 146 -0.53 -33.94 12.26
N ARG E 147 -0.92 -34.45 11.10
CA ARG E 147 -1.67 -35.70 11.05
C ARG E 147 -1.50 -36.30 9.67
N SER E 148 -1.77 -37.58 9.57
CA SER E 148 -1.67 -38.28 8.29
C SER E 148 -2.82 -37.87 7.40
N GLN E 149 -2.51 -37.49 6.16
CA GLN E 149 -3.54 -37.08 5.22
C GLN E 149 -4.27 -38.25 4.60
N THR E 150 -3.69 -39.45 4.65
CA THR E 150 -4.20 -40.60 3.93
C THR E 150 -4.71 -41.69 4.84
N TYR E 151 -3.94 -42.09 5.83
CA TYR E 151 -4.19 -43.29 6.60
C TYR E 151 -4.83 -42.94 7.95
N ASN E 152 -5.78 -43.77 8.36
CA ASN E 152 -6.50 -43.56 9.60
C ASN E 152 -5.85 -44.36 10.74
N ALA E 153 -6.44 -44.27 11.93
CA ALA E 153 -5.85 -44.89 13.11
C ALA E 153 -5.84 -46.41 13.04
N HIS E 154 -6.54 -47.01 12.09
CA HIS E 154 -6.48 -48.45 11.90
C HIS E 154 -5.28 -48.87 11.07
N GLU E 155 -4.59 -47.93 10.45
CA GLU E 155 -3.46 -48.21 9.57
C GLU E 155 -2.15 -47.63 10.09
N VAL E 156 -2.15 -46.38 10.52
CA VAL E 156 -0.94 -45.69 10.96
C VAL E 156 -1.17 -45.15 12.35
N ASN E 157 -0.20 -45.38 13.24
CA ASN E 157 -0.28 -44.94 14.63
C ASN E 157 0.74 -43.83 14.84
N LEU E 158 0.28 -42.58 14.79
CA LEU E 158 1.15 -41.45 15.04
C LEU E 158 1.56 -41.42 16.51
N GLN E 159 2.83 -41.10 16.75
CA GLN E 159 3.35 -41.07 18.11
C GLN E 159 4.47 -40.04 18.18
N LEU E 160 4.78 -39.61 19.39
CA LEU E 160 5.90 -38.71 19.61
C LEU E 160 7.17 -39.50 19.81
N SER E 161 8.29 -38.93 19.38
CA SER E 161 9.56 -39.63 19.45
C SER E 161 10.00 -39.80 20.89
N ALA E 162 10.66 -40.92 21.17
CA ALA E 162 11.18 -41.22 22.49
C ALA E 162 12.64 -41.62 22.37
N GLU E 163 13.49 -41.00 23.17
CA GLU E 163 14.89 -41.37 23.31
C GLU E 163 15.16 -41.75 24.75
N GLU E 164 15.90 -42.84 24.93
CA GLU E 164 16.20 -43.36 26.26
C GLU E 164 14.93 -43.71 27.02
N GLY E 165 13.88 -44.07 26.30
CA GLY E 165 12.61 -44.44 26.88
C GLY E 165 11.68 -43.28 27.15
N GLU E 166 12.23 -42.09 27.38
CA GLU E 166 11.40 -40.92 27.68
C GLU E 166 10.92 -40.28 26.39
N ALA E 167 9.61 -40.09 26.29
CA ALA E 167 9.03 -39.46 25.11
C ALA E 167 9.43 -37.98 25.05
N VAL E 168 9.67 -37.49 23.85
CA VAL E 168 10.00 -36.08 23.63
C VAL E 168 8.68 -35.35 23.38
N GLU E 169 8.18 -34.72 24.43
CA GLU E 169 6.90 -34.00 24.39
C GLU E 169 7.08 -32.50 24.24
N TRP E 170 8.09 -32.08 23.48
CA TRP E 170 8.32 -30.67 23.27
C TRP E 170 8.97 -30.47 21.90
N ILE E 171 8.86 -29.26 21.38
CA ILE E 171 9.57 -28.89 20.17
C ILE E 171 11.06 -28.90 20.47
N HIS E 172 11.80 -29.79 19.84
CA HIS E 172 13.24 -29.83 20.04
C HIS E 172 13.89 -28.58 19.49
N ILE E 173 14.99 -28.18 20.11
CA ILE E 173 15.73 -27.00 19.70
C ILE E 173 17.22 -27.36 19.72
N ASP E 174 17.80 -27.51 18.55
CA ASP E 174 19.22 -27.82 18.44
C ASP E 174 20.05 -26.57 18.67
N PRO E 175 20.93 -26.53 19.67
CA PRO E 175 21.76 -25.33 19.85
C PRO E 175 22.65 -25.04 18.67
N GLU E 176 23.04 -26.06 17.91
CA GLU E 176 23.92 -25.85 16.75
C GLU E 176 23.23 -25.09 15.64
N ASP E 177 21.90 -25.08 15.60
CA ASP E 177 21.17 -24.35 14.57
C ASP E 177 19.88 -23.82 15.20
N PHE E 178 19.93 -22.57 15.64
CA PHE E 178 18.76 -21.89 16.17
C PHE E 178 19.06 -20.41 16.29
N THR E 179 18.10 -19.58 15.94
CA THR E 179 18.26 -18.14 15.97
C THR E 179 17.08 -17.50 16.68
N GLU E 180 17.36 -16.65 17.66
CA GLU E 180 16.32 -15.96 18.39
C GLU E 180 15.58 -14.99 17.47
N ASN E 181 14.26 -14.92 17.64
CA ASN E 181 13.45 -14.08 16.75
C ASN E 181 13.81 -12.61 16.90
N GLY E 182 14.01 -12.14 18.13
CA GLY E 182 14.25 -10.75 18.38
C GLY E 182 13.01 -9.94 18.69
N GLU E 183 11.84 -10.46 18.34
CA GLU E 183 10.56 -9.88 18.74
C GLU E 183 9.72 -10.83 19.57
N TRP E 184 9.93 -12.13 19.46
CA TRP E 184 9.18 -13.14 20.19
C TRP E 184 10.13 -14.02 20.98
N THR E 185 9.79 -14.27 22.24
CA THR E 185 10.52 -15.19 23.09
C THR E 185 9.68 -16.45 23.28
N ILE E 186 10.26 -17.61 23.01
CA ILE E 186 9.55 -18.87 23.14
C ILE E 186 9.56 -19.26 24.62
N ARG E 187 8.39 -19.20 25.26
CA ARG E 187 8.29 -19.51 26.68
C ARG E 187 8.03 -20.99 26.92
N HIS E 188 7.00 -21.54 26.29
CA HIS E 188 6.69 -22.95 26.39
C HIS E 188 6.61 -23.53 24.98
N ARG E 189 6.90 -24.81 24.87
CA ARG E 189 6.88 -25.48 23.57
C ARG E 189 6.51 -26.94 23.75
N PRO E 190 5.35 -27.25 24.31
CA PRO E 190 4.97 -28.65 24.49
C PRO E 190 4.44 -29.27 23.21
N ALA E 191 4.41 -30.60 23.22
CA ALA E 191 3.83 -31.37 22.14
C ALA E 191 3.03 -32.51 22.75
N LYS E 192 1.87 -32.79 22.16
CA LYS E 192 1.01 -33.85 22.67
C LYS E 192 0.24 -34.46 21.52
N LYS E 193 -0.13 -35.72 21.70
CA LYS E 193 -1.00 -36.41 20.76
C LYS E 193 -2.45 -36.12 21.16
N ASN E 194 -3.24 -35.65 20.21
CA ASN E 194 -4.62 -35.25 20.44
C ASN E 194 -5.55 -36.20 19.72
N TYR E 195 -6.82 -36.18 20.14
CA TYR E 195 -7.86 -36.98 19.51
C TYR E 195 -9.09 -36.13 19.26
N ASN E 196 -9.76 -36.39 18.15
CA ASN E 196 -11.07 -35.80 17.85
C ASN E 196 -12.11 -36.85 18.19
N TRP E 197 -12.66 -36.76 19.40
CA TRP E 197 -13.57 -37.80 19.88
C TRP E 197 -14.91 -37.78 19.17
N GLN E 198 -15.23 -36.70 18.45
CA GLN E 198 -16.44 -36.68 17.64
C GLN E 198 -16.33 -37.64 16.47
N LEU E 199 -15.11 -38.06 16.12
CA LEU E 199 -14.87 -39.02 15.05
C LEU E 199 -14.54 -40.38 15.64
N THR E 200 -14.39 -41.35 14.76
CA THR E 200 -13.99 -42.71 15.11
C THR E 200 -12.59 -42.96 14.56
N LYS E 201 -12.07 -44.16 14.83
CA LYS E 201 -10.71 -44.47 14.42
C LYS E 201 -10.54 -44.43 12.91
N ASP E 202 -11.62 -44.24 12.15
CA ASP E 202 -11.54 -43.96 10.72
C ASP E 202 -11.51 -42.44 10.52
N ASP E 203 -11.72 -42.01 9.27
CA ASP E 203 -11.88 -40.63 8.86
C ASP E 203 -10.55 -39.88 8.81
N THR E 204 -9.44 -40.49 9.24
CA THR E 204 -8.10 -39.94 9.02
C THR E 204 -7.84 -38.69 9.85
N ASP E 205 -8.85 -38.16 10.53
CA ASP E 205 -8.70 -36.99 11.38
C ASP E 205 -8.81 -37.34 12.85
N PHE E 206 -8.92 -38.63 13.17
CA PHE E 206 -9.10 -39.05 14.56
C PHE E 206 -7.91 -38.64 15.41
N GLN E 207 -6.70 -38.88 14.91
CA GLN E 207 -5.48 -38.64 15.67
C GLN E 207 -4.66 -37.55 15.03
N GLU E 208 -3.93 -36.80 15.86
CA GLU E 208 -3.02 -35.79 15.36
C GLU E 208 -1.97 -35.53 16.42
N ILE E 209 -0.87 -34.93 15.97
CA ILE E 209 0.21 -34.50 16.86
C ILE E 209 0.27 -32.99 16.77
N ILE E 210 0.15 -32.32 17.93
CA ILE E 210 0.12 -30.87 17.99
C ILE E 210 1.38 -30.41 18.71
N PHE E 211 2.14 -29.54 18.05
CA PHE E 211 3.29 -28.88 18.65
C PHE E 211 2.90 -27.44 18.92
N PHE E 212 2.99 -27.03 20.19
CA PHE E 212 2.55 -25.71 20.60
C PHE E 212 3.73 -24.77 20.73
N LEU E 213 3.47 -23.49 20.55
CA LEU E 213 4.49 -22.45 20.69
C LEU E 213 3.84 -21.27 21.39
N ILE E 214 3.99 -21.20 22.71
CA ILE E 214 3.54 -20.06 23.48
C ILE E 214 4.67 -19.04 23.48
N ILE E 215 4.49 -17.98 22.68
CA ILE E 215 5.53 -16.99 22.43
C ILE E 215 5.08 -15.67 23.03
N GLN E 216 6.01 -14.96 23.65
CA GLN E 216 5.75 -13.66 24.26
C GLN E 216 6.42 -12.58 23.44
N ARG E 217 5.67 -11.54 23.11
CA ARG E 217 6.21 -10.41 22.37
C ARG E 217 7.10 -9.54 23.23
N LYS E 218 8.22 -9.12 22.68
CA LYS E 218 9.06 -8.13 23.32
C LYS E 218 8.50 -6.74 22.99
N PRO E 219 8.04 -5.97 23.98
CA PRO E 219 7.33 -4.72 23.68
C PRO E 219 8.18 -3.45 23.68
N LEU E 220 9.50 -3.54 23.90
CA LEU E 220 10.29 -2.33 24.01
C LEU E 220 10.21 -1.49 22.74
N PHE E 221 10.31 -2.13 21.57
CA PHE E 221 10.17 -1.40 20.32
C PHE E 221 8.82 -0.70 20.26
N TYR E 222 7.75 -1.45 20.54
CA TYR E 222 6.42 -0.87 20.47
C TYR E 222 6.26 0.25 21.49
N ILE E 223 6.74 0.04 22.72
CA ILE E 223 6.67 1.10 23.72
C ILE E 223 7.32 2.36 23.17
N ILE E 224 8.62 2.29 22.90
CA ILE E 224 9.40 3.47 22.54
C ILE E 224 8.80 4.15 21.31
N ASN E 225 8.38 3.38 20.32
CA ASN E 225 8.03 3.97 19.04
C ASN E 225 6.57 4.36 18.91
N ILE E 226 5.69 3.84 19.76
CA ILE E 226 4.26 4.10 19.60
C ILE E 226 3.66 4.61 20.89
N ILE E 227 3.88 3.90 21.99
CA ILE E 227 3.12 4.17 23.20
C ILE E 227 3.62 5.43 23.88
N ALA E 228 4.93 5.56 24.03
CA ALA E 228 5.47 6.77 24.66
C ALA E 228 5.14 8.02 23.87
N PRO E 229 5.35 8.08 22.55
CA PRO E 229 4.88 9.26 21.80
C PRO E 229 3.40 9.50 21.93
N CYS E 230 2.59 8.44 21.92
CA CYS E 230 1.14 8.62 22.02
C CYS E 230 0.76 9.23 23.36
N VAL E 231 1.33 8.71 24.45
CA VAL E 231 1.04 9.25 25.77
C VAL E 231 1.52 10.68 25.90
N LEU E 232 2.74 10.95 25.40
CA LEU E 232 3.28 12.30 25.51
C LEU E 232 2.41 13.29 24.77
N ILE E 233 1.97 12.94 23.55
CA ILE E 233 1.14 13.86 22.79
C ILE E 233 -0.23 14.01 23.42
N SER E 234 -0.80 12.91 23.93
CA SER E 234 -2.11 12.99 24.54
C SER E 234 -2.08 13.83 25.81
N SER E 235 -0.96 13.86 26.52
CA SER E 235 -0.88 14.67 27.73
C SER E 235 -0.91 16.16 27.46
N LEU E 236 -0.75 16.57 26.20
CA LEU E 236 -0.76 18.00 25.87
C LEU E 236 -2.13 18.64 26.05
N VAL E 237 -3.19 17.85 26.13
CA VAL E 237 -4.52 18.43 26.23
C VAL E 237 -4.66 19.26 27.49
N VAL E 238 -4.10 18.76 28.61
CA VAL E 238 -4.25 19.45 29.87
C VAL E 238 -3.61 20.84 29.88
N LEU E 239 -2.77 21.14 28.89
CA LEU E 239 -2.16 22.46 28.82
C LEU E 239 -3.13 23.54 28.40
N VAL E 240 -4.23 23.17 27.73
CA VAL E 240 -5.16 24.17 27.22
C VAL E 240 -5.84 24.95 28.33
N TYR E 241 -5.70 24.51 29.58
CA TYR E 241 -6.32 25.21 30.69
C TYR E 241 -5.49 26.37 31.20
N PHE E 242 -4.27 26.55 30.72
CA PHE E 242 -3.42 27.67 31.10
C PHE E 242 -3.30 28.72 30.01
N LEU E 243 -3.89 28.49 28.85
CA LEU E 243 -3.90 29.49 27.81
C LEU E 243 -5.01 30.51 28.08
N PRO E 244 -4.82 31.76 27.68
CA PRO E 244 -5.86 32.77 27.92
C PRO E 244 -7.12 32.47 27.13
N ALA E 245 -8.26 32.84 27.73
CA ALA E 245 -9.56 32.58 27.13
C ALA E 245 -10.01 33.81 26.34
N GLN E 246 -9.31 34.07 25.24
CA GLN E 246 -9.60 35.21 24.40
C GLN E 246 -9.03 34.93 23.00
N ALA E 247 -9.24 35.87 22.09
CA ALA E 247 -8.69 35.74 20.75
C ALA E 247 -7.17 35.76 20.82
N GLY E 248 -6.55 34.79 20.15
CA GLY E 248 -5.11 34.63 20.20
C GLY E 248 -4.62 33.72 21.30
N GLY E 249 -5.50 33.26 22.19
CA GLY E 249 -5.09 32.29 23.19
C GLY E 249 -4.85 30.91 22.60
N GLN E 250 -5.69 30.52 21.64
CA GLN E 250 -5.52 29.28 20.89
C GLN E 250 -5.72 28.04 21.77
N LYS E 251 -6.78 28.07 22.58
CA LYS E 251 -7.19 26.85 23.27
C LYS E 251 -7.70 25.81 22.29
N CYS E 252 -8.63 26.21 21.42
CA CYS E 252 -9.24 25.27 20.50
C CYS E 252 -8.23 24.73 19.51
N THR E 253 -7.31 25.58 19.05
CA THR E 253 -6.25 25.09 18.15
C THR E 253 -5.51 23.92 18.79
N LEU E 254 -5.04 24.11 20.02
CA LEU E 254 -4.25 23.07 20.68
C LEU E 254 -5.08 21.82 20.89
N SER E 255 -6.32 21.98 21.35
CA SER E 255 -7.16 20.81 21.64
C SER E 255 -7.43 20.02 20.37
N ILE E 256 -7.87 20.70 19.32
CA ILE E 256 -8.22 20.02 18.08
C ILE E 256 -6.98 19.36 17.48
N SER E 257 -5.83 20.02 17.60
CA SER E 257 -4.61 19.44 17.04
C SER E 257 -4.20 18.18 17.79
N VAL E 258 -4.36 18.17 19.12
CA VAL E 258 -4.07 16.95 19.86
C VAL E 258 -5.02 15.84 19.45
N LEU E 259 -6.29 16.18 19.23
CA LEU E 259 -7.24 15.18 18.75
C LEU E 259 -6.82 14.62 17.40
N LEU E 260 -6.36 15.48 16.49
CA LEU E 260 -5.91 15.02 15.19
C LEU E 260 -4.68 14.13 15.31
N ALA E 261 -3.75 14.49 16.20
CA ALA E 261 -2.58 13.64 16.40
C ALA E 261 -2.98 12.27 16.92
N GLN E 262 -3.95 12.21 17.84
CA GLN E 262 -4.43 10.92 18.31
C GLN E 262 -5.07 10.13 17.18
N THR E 263 -5.78 10.81 16.27
CA THR E 263 -6.34 10.11 15.11
C THR E 263 -5.23 9.52 14.25
N ILE E 264 -4.17 10.29 14.00
CA ILE E 264 -3.03 9.78 13.25
C ILE E 264 -2.48 8.55 13.93
N PHE E 265 -2.40 8.57 15.26
CA PHE E 265 -1.88 7.41 15.98
C PHE E 265 -2.81 6.21 15.85
N LEU E 266 -4.11 6.45 15.81
CA LEU E 266 -5.05 5.35 15.57
C LEU E 266 -4.79 4.71 14.22
N PHE E 267 -4.58 5.54 13.20
CA PHE E 267 -4.21 5.00 11.88
C PHE E 267 -2.91 4.22 11.96
N LEU E 268 -1.95 4.73 12.72
CA LEU E 268 -0.67 4.03 12.89
C LEU E 268 -0.89 2.65 13.49
N ILE E 269 -1.71 2.56 14.54
CA ILE E 269 -1.99 1.27 15.17
C ILE E 269 -2.67 0.34 14.19
N ALA E 270 -3.54 0.88 13.34
CA ALA E 270 -4.25 0.03 12.39
C ALA E 270 -3.29 -0.73 11.48
N GLN E 271 -2.07 -0.26 11.32
CA GLN E 271 -1.07 -0.95 10.50
C GLN E 271 -0.30 -2.03 11.24
N LYS E 272 -0.55 -2.20 12.55
CA LYS E 272 0.22 -3.12 13.36
C LYS E 272 -0.56 -4.28 13.93
N VAL E 273 -1.89 -4.23 13.93
CA VAL E 273 -2.72 -5.24 14.59
C VAL E 273 -3.56 -5.91 13.53
N PRO E 274 -4.02 -7.13 13.78
CA PRO E 274 -4.93 -7.79 12.84
C PRO E 274 -6.27 -7.10 12.79
N GLU E 275 -6.98 -7.33 11.68
CA GLU E 275 -8.28 -6.72 11.45
C GLU E 275 -9.43 -7.59 11.96
N THR E 276 -9.18 -8.42 12.96
CA THR E 276 -10.25 -9.20 13.57
C THR E 276 -11.07 -8.32 14.51
N SER E 277 -12.26 -8.81 14.84
CA SER E 277 -13.23 -8.04 15.59
C SER E 277 -13.62 -8.71 16.91
N LEU E 278 -12.83 -9.67 17.38
CA LEU E 278 -13.16 -10.34 18.64
C LEU E 278 -12.86 -9.48 19.84
N ASN E 279 -11.82 -8.64 19.78
CA ASN E 279 -11.44 -7.79 20.90
C ASN E 279 -10.79 -6.54 20.35
N VAL E 280 -10.77 -5.50 21.19
CA VAL E 280 -10.09 -4.25 20.88
C VAL E 280 -8.70 -4.31 21.50
N PRO E 281 -7.64 -4.02 20.75
CA PRO E 281 -6.30 -4.05 21.35
C PRO E 281 -6.18 -3.03 22.48
N LEU E 282 -5.35 -3.36 23.47
CA LEU E 282 -5.18 -2.50 24.63
C LEU E 282 -4.75 -1.10 24.21
N ILE E 283 -3.79 -1.00 23.30
CA ILE E 283 -3.37 0.30 22.81
C ILE E 283 -4.52 0.99 22.09
N GLY E 284 -5.35 0.22 21.38
CA GLY E 284 -6.52 0.80 20.76
C GLY E 284 -7.53 1.31 21.77
N LYS E 285 -7.71 0.58 22.87
CA LYS E 285 -8.57 1.06 23.94
C LYS E 285 -8.04 2.37 24.52
N TYR E 286 -6.73 2.44 24.73
CA TYR E 286 -6.15 3.68 25.24
C TYR E 286 -6.36 4.83 24.26
N LEU E 287 -6.18 4.57 22.97
CA LEU E 287 -6.37 5.63 21.98
C LEU E 287 -7.81 6.12 21.95
N ILE E 288 -8.77 5.20 22.01
CA ILE E 288 -10.17 5.62 22.06
C ILE E 288 -10.42 6.45 23.31
N PHE E 289 -9.88 6.01 24.44
CA PHE E 289 -10.09 6.74 25.68
C PHE E 289 -9.53 8.15 25.60
N VAL E 290 -8.31 8.30 25.09
CA VAL E 290 -7.69 9.62 25.06
C VAL E 290 -8.40 10.51 24.03
N MET E 291 -8.85 9.94 22.91
CA MET E 291 -9.61 10.75 21.96
C MET E 291 -10.90 11.25 22.58
N PHE E 292 -11.58 10.40 23.35
CA PHE E 292 -12.79 10.85 24.02
C PHE E 292 -12.49 11.94 25.04
N VAL E 293 -11.41 11.78 25.80
CA VAL E 293 -11.03 12.79 26.78
C VAL E 293 -10.69 14.10 26.09
N SER E 294 -10.02 14.04 24.95
CA SER E 294 -9.69 15.25 24.23
C SER E 294 -10.93 15.91 23.64
N MET E 295 -11.93 15.12 23.22
CA MET E 295 -13.20 15.70 22.83
C MET E 295 -13.85 16.43 24.01
N LEU E 296 -13.83 15.82 25.19
CA LEU E 296 -14.38 16.47 26.36
C LEU E 296 -13.64 17.77 26.65
N ILE E 297 -12.32 17.76 26.51
CA ILE E 297 -11.54 18.96 26.75
C ILE E 297 -11.81 20.03 25.69
N VAL E 298 -12.06 19.63 24.45
CA VAL E 298 -12.47 20.61 23.44
C VAL E 298 -13.78 21.25 23.82
N MET E 299 -14.73 20.44 24.28
CA MET E 299 -16.00 20.99 24.75
C MET E 299 -15.78 21.96 25.90
N ASN E 300 -14.91 21.61 26.84
CA ASN E 300 -14.68 22.47 27.98
C ASN E 300 -13.97 23.75 27.57
N CYS E 301 -13.07 23.68 26.60
CA CYS E 301 -12.45 24.90 26.07
C CYS E 301 -13.50 25.80 25.44
N VAL E 302 -14.41 25.21 24.67
CA VAL E 302 -15.47 26.01 24.05
C VAL E 302 -16.33 26.67 25.13
N ILE E 303 -16.68 25.91 26.17
CA ILE E 303 -17.53 26.45 27.23
C ILE E 303 -16.81 27.56 27.99
N VAL E 304 -15.52 27.38 28.29
CA VAL E 304 -14.79 28.40 29.02
C VAL E 304 -14.61 29.64 28.16
N LEU E 305 -14.36 29.47 26.87
CA LEU E 305 -14.30 30.63 25.98
C LEU E 305 -15.63 31.37 25.97
N ASN E 306 -16.74 30.63 25.88
CA ASN E 306 -18.04 31.27 25.87
C ASN E 306 -18.29 32.03 27.16
N VAL E 307 -17.94 31.44 28.29
CA VAL E 307 -18.16 32.11 29.58
C VAL E 307 -17.28 33.35 29.69
N SER E 308 -16.01 33.25 29.31
CA SER E 308 -15.08 34.36 29.52
C SER E 308 -15.42 35.54 28.61
N LEU E 309 -15.81 35.27 27.37
CA LEU E 309 -16.04 36.31 26.38
C LEU E 309 -17.47 36.84 26.41
N ARG E 310 -18.16 36.71 27.55
CA ARG E 310 -19.50 37.27 27.71
C ARG E 310 -19.41 38.75 28.04
N THR E 311 -20.45 39.48 27.66
CA THR E 311 -20.53 40.91 27.86
C THR E 311 -21.89 41.28 28.44
N PRO E 312 -22.02 42.44 29.06
CA PRO E 312 -23.34 42.86 29.54
C PRO E 312 -24.36 42.97 28.43
N ASN E 313 -23.92 43.24 27.20
CA ASN E 313 -24.85 43.38 26.09
C ASN E 313 -25.63 42.10 25.85
N THR E 314 -24.95 40.96 25.87
CA THR E 314 -25.55 39.68 25.50
C THR E 314 -26.01 38.86 26.69
N HIS E 315 -25.19 38.79 27.75
CA HIS E 315 -25.48 37.94 28.89
C HIS E 315 -25.47 38.77 30.17
N SER E 316 -26.28 38.35 31.12
CA SER E 316 -26.38 39.00 32.42
C SER E 316 -25.69 38.13 33.46
N LEU E 317 -24.82 38.74 34.26
CA LEU E 317 -24.10 38.03 35.32
C LEU E 317 -25.01 37.96 36.54
N SER E 318 -25.60 36.80 36.77
CA SER E 318 -26.47 36.62 37.92
C SER E 318 -25.69 36.74 39.21
N GLU E 319 -26.33 37.30 40.23
CA GLU E 319 -25.68 37.41 41.53
C GLU E 319 -25.39 36.04 42.12
N LYS E 320 -26.30 35.08 41.90
CA LYS E 320 -26.07 33.73 42.40
C LYS E 320 -24.84 33.10 41.74
N ILE E 321 -24.69 33.27 40.43
CA ILE E 321 -23.54 32.71 39.73
C ILE E 321 -22.26 33.36 40.24
N LYS E 322 -22.27 34.68 40.41
CA LYS E 322 -21.10 35.38 40.90
C LYS E 322 -20.72 34.88 42.30
N HIS E 323 -21.72 34.75 43.17
CA HIS E 323 -21.45 34.24 44.53
C HIS E 323 -20.85 32.85 44.47
N LEU E 324 -21.46 31.96 43.68
CA LEU E 324 -20.98 30.58 43.63
C LEU E 324 -19.56 30.50 43.10
N PHE E 325 -19.23 31.27 42.07
CA PHE E 325 -17.94 31.15 41.42
C PHE E 325 -16.88 32.07 41.99
N LEU E 326 -17.22 32.95 42.94
CA LEU E 326 -16.22 33.83 43.55
C LEU E 326 -16.24 33.79 45.07
N GLY E 327 -17.01 32.88 45.67
CA GLY E 327 -17.04 32.77 47.11
C GLY E 327 -16.70 31.38 47.63
N PHE E 328 -16.94 30.34 46.83
CA PHE E 328 -16.73 28.97 47.26
C PHE E 328 -15.60 28.28 46.50
N LEU E 329 -15.68 28.22 45.17
CA LEU E 329 -14.64 27.52 44.41
C LEU E 329 -13.27 28.15 44.58
N PRO E 330 -13.11 29.48 44.43
CA PRO E 330 -11.80 30.08 44.67
C PRO E 330 -11.54 30.38 46.15
N PRO E 411 -23.57 81.64 29.36
CA PRO E 411 -23.96 81.15 28.04
C PRO E 411 -23.04 80.03 27.56
N GLU E 412 -21.76 80.34 27.38
CA GLU E 412 -20.79 79.31 27.01
C GLU E 412 -20.40 78.46 28.21
N ILE E 413 -20.44 79.04 29.41
CA ILE E 413 -20.03 78.31 30.60
C ILE E 413 -20.95 77.12 30.84
N LYS E 414 -22.25 77.32 30.67
CA LYS E 414 -23.19 76.22 30.87
C LYS E 414 -22.94 75.10 29.85
N SER E 415 -22.69 75.46 28.59
CA SER E 415 -22.42 74.44 27.58
C SER E 415 -21.15 73.67 27.92
N CYS E 416 -20.10 74.37 28.36
CA CYS E 416 -18.87 73.69 28.74
C CYS E 416 -19.10 72.75 29.93
N VAL E 417 -19.88 73.22 30.92
CA VAL E 417 -20.16 72.37 32.07
C VAL E 417 -20.92 71.13 31.66
N GLU E 418 -21.91 71.29 30.78
CA GLU E 418 -22.66 70.13 30.31
C GLU E 418 -21.76 69.16 29.55
N ALA E 419 -20.86 69.68 28.72
CA ALA E 419 -19.95 68.82 28.00
C ALA E 419 -19.06 68.03 28.95
N CYS E 420 -18.52 68.70 29.97
CA CYS E 420 -17.69 68.00 30.94
C CYS E 420 -18.48 66.94 31.69
N ASN E 421 -19.72 67.27 32.06
CA ASN E 421 -20.56 66.32 32.79
C ASN E 421 -20.80 65.07 31.94
N PHE E 422 -21.14 65.26 30.67
CA PHE E 422 -21.40 64.12 29.81
C PHE E 422 -20.13 63.30 29.60
N ILE E 423 -18.99 63.95 29.44
CA ILE E 423 -17.73 63.24 29.25
C ILE E 423 -17.46 62.35 30.46
N ALA E 424 -17.60 62.91 31.66
CA ALA E 424 -17.38 62.13 32.86
C ALA E 424 -18.35 60.96 32.94
N LYS E 425 -19.62 61.20 32.64
CA LYS E 425 -20.61 60.15 32.72
C LYS E 425 -20.27 59.01 31.77
N SER E 426 -19.94 59.33 30.52
CA SER E 426 -19.63 58.29 29.54
C SER E 426 -18.40 57.49 29.96
N THR E 427 -17.37 58.18 30.46
CA THR E 427 -16.19 57.45 30.93
C THR E 427 -16.57 56.48 32.04
N LYS E 428 -17.40 56.93 32.99
CA LYS E 428 -17.79 56.05 34.08
C LYS E 428 -18.55 54.83 33.58
N GLU E 429 -19.47 55.03 32.63
CA GLU E 429 -20.23 53.89 32.09
C GLU E 429 -19.30 52.89 31.40
N GLN E 430 -18.37 53.38 30.58
CA GLN E 430 -17.45 52.48 29.91
C GLN E 430 -16.63 51.70 30.92
N ASN E 431 -16.16 52.36 31.98
CA ASN E 431 -15.39 51.68 33.00
C ASN E 431 -16.20 50.60 33.70
N ASP E 432 -17.47 50.89 33.97
CA ASP E 432 -18.32 49.89 34.61
C ASP E 432 -18.50 48.65 33.72
N SER E 433 -18.73 48.89 32.43
CA SER E 433 -18.85 47.75 31.51
C SER E 433 -17.55 46.94 31.50
N GLY E 434 -16.41 47.61 31.48
CA GLY E 434 -15.14 46.90 31.56
C GLY E 434 -15.04 46.05 32.81
N SER E 435 -15.50 46.58 33.95
CA SER E 435 -15.45 45.83 35.19
C SER E 435 -16.29 44.57 35.10
N GLU E 436 -17.48 44.67 34.52
CA GLU E 436 -18.30 43.46 34.36
C GLU E 436 -17.61 42.43 33.48
N ASN E 437 -16.98 42.89 32.39
CA ASN E 437 -16.22 41.96 31.56
C ASN E 437 -15.13 41.28 32.36
N GLU E 438 -14.44 42.04 33.22
CA GLU E 438 -13.39 41.45 34.05
C GLU E 438 -13.95 40.37 34.96
N ASN E 439 -15.11 40.62 35.54
CA ASN E 439 -15.73 39.60 36.40
C ASN E 439 -16.01 38.33 35.61
N TRP E 440 -16.52 38.47 34.39
CA TRP E 440 -16.77 37.28 33.58
C TRP E 440 -15.47 36.53 33.30
N VAL E 441 -14.39 37.27 33.01
CA VAL E 441 -13.10 36.63 32.75
C VAL E 441 -12.65 35.85 33.97
N LEU E 442 -12.83 36.43 35.16
CA LEU E 442 -12.45 35.74 36.38
C LEU E 442 -13.22 34.44 36.57
N ILE E 443 -14.54 34.49 36.31
CA ILE E 443 -15.34 33.27 36.43
C ILE E 443 -14.81 32.21 35.47
N GLY E 444 -14.51 32.62 34.24
CA GLY E 444 -13.93 31.68 33.29
C GLY E 444 -12.64 31.06 33.81
N LYS E 445 -11.78 31.88 34.41
CA LYS E 445 -10.51 31.36 34.92
C LYS E 445 -10.73 30.34 36.02
N VAL E 446 -11.66 30.60 36.93
CA VAL E 446 -11.92 29.66 38.02
C VAL E 446 -12.41 28.32 37.47
N ILE E 447 -13.39 28.38 36.55
CA ILE E 447 -13.85 27.15 35.91
C ILE E 447 -12.69 26.44 35.24
N ASP E 448 -11.81 27.21 34.61
CA ASP E 448 -10.69 26.64 33.88
C ASP E 448 -9.77 25.86 34.81
N LYS E 449 -9.47 26.42 35.97
CA LYS E 449 -8.59 25.73 36.93
C LYS E 449 -9.22 24.45 37.44
N ALA E 450 -10.49 24.52 37.84
CA ALA E 450 -11.14 23.32 38.36
C ALA E 450 -11.16 22.22 37.31
N CYS E 451 -11.54 22.56 36.08
CA CYS E 451 -11.60 21.55 35.04
C CYS E 451 -10.21 21.04 34.68
N PHE E 452 -9.17 21.87 34.84
CA PHE E 452 -7.81 21.36 34.65
C PHE E 452 -7.53 20.24 35.63
N TRP E 453 -7.86 20.46 36.90
CA TRP E 453 -7.56 19.42 37.88
C TRP E 453 -8.32 18.15 37.56
N ILE E 454 -9.61 18.28 37.19
CA ILE E 454 -10.40 17.10 36.84
C ILE E 454 -9.78 16.37 35.66
N ALA E 455 -9.42 17.11 34.61
CA ALA E 455 -8.89 16.49 33.39
C ALA E 455 -7.56 15.81 33.66
N LEU E 456 -6.68 16.45 34.44
CA LEU E 456 -5.39 15.82 34.73
C LEU E 456 -5.59 14.52 35.50
N LEU E 457 -6.46 14.54 36.52
CA LEU E 457 -6.73 13.32 37.26
C LEU E 457 -7.24 12.23 36.32
N LEU E 458 -8.21 12.57 35.47
CA LEU E 458 -8.80 11.57 34.58
C LEU E 458 -7.75 10.99 33.65
N PHE E 459 -6.96 11.84 33.01
CA PHE E 459 -5.98 11.37 32.04
C PHE E 459 -4.91 10.51 32.71
N SER E 460 -4.40 10.95 33.85
CA SER E 460 -3.36 10.19 34.55
C SER E 460 -3.88 8.83 34.98
N ILE E 461 -5.08 8.80 35.57
CA ILE E 461 -5.63 7.53 36.02
C ILE E 461 -5.85 6.60 34.85
N GLY E 462 -6.41 7.10 33.76
CA GLY E 462 -6.66 6.25 32.60
C GLY E 462 -5.37 5.67 32.04
N THR E 463 -4.36 6.51 31.83
CA THR E 463 -3.10 6.02 31.29
C THR E 463 -2.50 4.98 32.23
N LEU E 464 -2.40 5.30 33.52
CA LEU E 464 -1.79 4.39 34.46
C LEU E 464 -2.52 3.06 34.49
N ALA E 465 -3.86 3.10 34.56
CA ALA E 465 -4.63 1.87 34.67
C ALA E 465 -4.44 1.01 33.43
N ILE E 466 -4.58 1.61 32.24
CA ILE E 466 -4.53 0.81 31.02
C ILE E 466 -3.16 0.17 30.86
N PHE E 467 -2.09 0.94 31.06
CA PHE E 467 -0.77 0.37 30.84
C PHE E 467 -0.29 -0.48 32.01
N LEU E 468 -0.90 -0.34 33.18
CA LEU E 468 -0.60 -1.27 34.27
C LEU E 468 -1.26 -2.61 34.02
N THR E 469 -2.51 -2.62 33.57
CA THR E 469 -3.13 -3.90 33.20
C THR E 469 -2.42 -4.52 32.01
N GLY E 470 -1.84 -3.70 31.13
CA GLY E 470 -0.98 -4.24 30.09
C GLY E 470 0.28 -4.86 30.65
N HIS E 471 0.89 -4.20 31.64
CA HIS E 471 2.15 -4.69 32.20
C HIS E 471 1.96 -5.93 33.08
N PHE E 472 0.73 -6.27 33.45
CA PHE E 472 0.45 -7.39 34.33
C PHE E 472 -0.14 -8.57 33.59
N ASN E 473 0.21 -8.73 32.32
CA ASN E 473 -0.25 -9.86 31.51
C ASN E 473 0.91 -10.85 31.41
N GLN E 474 1.02 -11.71 32.40
CA GLN E 474 2.08 -12.70 32.43
C GLN E 474 1.73 -13.91 31.56
N VAL E 475 2.76 -14.55 31.03
CA VAL E 475 2.56 -15.84 30.35
C VAL E 475 2.27 -16.90 31.41
N PRO E 476 1.30 -17.79 31.21
CA PRO E 476 0.98 -18.76 32.26
C PRO E 476 2.19 -19.63 32.61
N GLU E 477 2.27 -19.99 33.89
CA GLU E 477 3.41 -20.75 34.37
C GLU E 477 3.52 -22.11 33.69
N PHE E 478 2.39 -22.78 33.49
CA PHE E 478 2.39 -24.11 32.91
C PHE E 478 1.88 -24.08 31.48
N PRO E 479 2.41 -24.91 30.58
CA PRO E 479 1.92 -24.90 29.20
C PRO E 479 0.43 -25.22 29.10
N PHE E 480 -0.05 -26.17 29.89
CA PHE E 480 -1.47 -26.48 30.00
C PHE E 480 -1.88 -26.27 31.45
N PRO E 481 -2.85 -25.39 31.75
CA PRO E 481 -3.15 -25.10 33.16
C PRO E 481 -3.52 -26.34 33.96
N GLY E 482 -4.25 -27.28 33.38
CA GLY E 482 -4.63 -28.47 34.12
C GLY E 482 -3.42 -29.29 34.56
N ASP E 483 -2.49 -29.53 33.63
CA ASP E 483 -1.36 -30.40 33.92
C ASP E 483 -0.42 -29.75 34.94
N PRO E 484 0.27 -30.56 35.74
CA PRO E 484 1.38 -30.04 36.55
C PRO E 484 2.76 -30.19 35.93
N ARG E 485 2.86 -30.74 34.72
CA ARG E 485 4.15 -31.01 34.09
C ARG E 485 4.64 -29.78 33.34
N LYS E 486 5.96 -29.69 33.21
CA LYS E 486 6.59 -28.52 32.60
C LYS E 486 6.89 -28.69 31.12
N TYR E 487 6.96 -29.92 30.63
CA TYR E 487 7.17 -30.18 29.20
C TYR E 487 8.46 -29.53 28.69
N VAL E 488 9.54 -29.72 29.42
CA VAL E 488 10.84 -29.18 29.03
C VAL E 488 11.89 -30.28 29.18
N PRO E 489 12.95 -30.27 28.36
CA PRO E 489 13.99 -31.29 28.46
C PRO E 489 14.91 -31.07 29.65
#